data_7RPS
# 
_entry.id   7RPS 
# 
_audit_conform.dict_name       mmcif_pdbx.dic 
_audit_conform.dict_version    5.380 
_audit_conform.dict_location   http://mmcif.pdb.org/dictionaries/ascii/mmcif_pdbx.dic 
# 
loop_
_database_2.database_id 
_database_2.database_code 
_database_2.pdbx_database_accession 
_database_2.pdbx_DOI 
PDB   7RPS         pdb_00007rps 10.2210/pdb7rps/pdb 
WWPDB D_1000258765 ?            ?                   
# 
_pdbx_database_status.status_code                     REL 
_pdbx_database_status.status_code_sf                  REL 
_pdbx_database_status.status_code_mr                  ? 
_pdbx_database_status.entry_id                        7RPS 
_pdbx_database_status.recvd_initial_deposition_date   2021-08-04 
_pdbx_database_status.SG_entry                        N 
_pdbx_database_status.deposit_site                    RCSB 
_pdbx_database_status.process_site                    RCSB 
_pdbx_database_status.status_code_cs                  ? 
_pdbx_database_status.status_code_nmr_data            ? 
_pdbx_database_status.methods_development_category    ? 
_pdbx_database_status.pdb_format_compatible           Y 
# 
loop_
_audit_author.name 
_audit_author.pdbx_ordinal 
_audit_author.identifier_ORCID 
'Booth, C.E.'  1 0000-0001-8737-4627 
'Garcia, B.L.' 2 0000-0002-6724-8700 
# 
_citation.abstract                  ? 
_citation.abstract_id_CAS           ? 
_citation.book_id_ISBN              ? 
_citation.book_publisher            ? 
_citation.book_publisher_city       ? 
_citation.book_title                ? 
_citation.coordinate_linkage        ? 
_citation.country                   CH 
_citation.database_id_Medline       ? 
_citation.details                   ? 
_citation.id                        primary 
_citation.journal_abbrev            'Front Immunol' 
_citation.journal_id_ASTM           ? 
_citation.journal_id_CSD            ? 
_citation.journal_id_ISSN           1664-3224 
_citation.journal_full              ? 
_citation.journal_issue             ? 
_citation.journal_volume            13 
_citation.language                  ? 
_citation.page_first                886733 
_citation.page_last                 886733 
_citation.title                     
'Borrelia miyamotoi FbpA and FbpB Are Immunomodulatory Outer Surface Lipoproteins With Distinct Structures and Functions.' 
_citation.year                      2022 
_citation.database_id_CSD           ? 
_citation.pdbx_database_id_DOI      10.3389/fimmu.2022.886733 
_citation.pdbx_database_id_PubMed   35693799 
_citation.pdbx_database_id_patent   ? 
_citation.unpublished_flag          ? 
# 
loop_
_citation_author.citation_id 
_citation_author.name 
_citation_author.ordinal 
_citation_author.identifier_ORCID 
primary 'Booth Jr., C.E.'     1 ? 
primary 'Powell-Pierce, A.D.' 2 ? 
primary 'Skare, J.T.'         3 ? 
primary 'Garcia, B.L.'        4 ? 
# 
_cell.angle_alpha                  90.000 
_cell.angle_alpha_esd              ? 
_cell.angle_beta                   102.943 
_cell.angle_beta_esd               ? 
_cell.angle_gamma                  90.000 
_cell.angle_gamma_esd              ? 
_cell.entry_id                     7RPS 
_cell.details                      ? 
_cell.formula_units_Z              ? 
_cell.length_a                     62.724 
_cell.length_a_esd                 ? 
_cell.length_b                     46.210 
_cell.length_b_esd                 ? 
_cell.length_c                     59.562 
_cell.length_c_esd                 ? 
_cell.volume                       168252.854 
_cell.volume_esd                   ? 
_cell.Z_PDB                        4 
_cell.reciprocal_angle_alpha       ? 
_cell.reciprocal_angle_beta        ? 
_cell.reciprocal_angle_gamma       ? 
_cell.reciprocal_angle_alpha_esd   ? 
_cell.reciprocal_angle_beta_esd    ? 
_cell.reciprocal_angle_gamma_esd   ? 
_cell.reciprocal_length_a          ? 
_cell.reciprocal_length_b          ? 
_cell.reciprocal_length_c          ? 
_cell.reciprocal_length_a_esd      ? 
_cell.reciprocal_length_b_esd      ? 
_cell.reciprocal_length_c_esd      ? 
_cell.pdbx_unique_axis             ? 
# 
_symmetry.entry_id                         7RPS 
_symmetry.cell_setting                     ? 
_symmetry.Int_Tables_number                5 
_symmetry.space_group_name_Hall            'C 2y' 
_symmetry.space_group_name_H-M             'C 1 2 1' 
_symmetry.pdbx_full_space_group_name_H-M   ? 
# 
loop_
_entity.id 
_entity.type 
_entity.src_method 
_entity.pdbx_description 
_entity.formula_weight 
_entity.pdbx_number_of_molecules 
_entity.pdbx_ec 
_entity.pdbx_mutation 
_entity.pdbx_fragment 
_entity.details 
1 polymer man 'Fibronectin-binding lipoprotein FbpB' 19427.795 1  ? ? 'FbpB complement inhibitory domain' ? 
2 water   nat water                                  18.015    36 ? ? ?                                   ? 
# 
_entity_poly.entity_id                      1 
_entity_poly.type                           'polypeptide(L)' 
_entity_poly.nstd_linkage                   no 
_entity_poly.nstd_monomer                   no 
_entity_poly.pdbx_seq_one_letter_code       
;GSTGSDNQYKFKLKNITDSVEQALKIAKQIKDDLDIIEFHRIKLSNHYGIRAEEHEKQTAREELSKFSKDKLEADLKKLL
SEIEKSLNAATILITYNDYGGNLQSDLSAKTTLEALKTEVSSLITKIQDFNNKDHQAYPTSYYNDYQTYQALRNPYSKLT
LVKDLLTRT
;
_entity_poly.pdbx_seq_one_letter_code_can   
;GSTGSDNQYKFKLKNITDSVEQALKIAKQIKDDLDIIEFHRIKLSNHYGIRAEEHEKQTAREELSKFSKDKLEADLKKLL
SEIEKSLNAATILITYNDYGGNLQSDLSAKTTLEALKTEVSSLITKIQDFNNKDHQAYPTSYYNDYQTYQALRNPYSKLT
LVKDLLTRT
;
_entity_poly.pdbx_strand_id                 A 
_entity_poly.pdbx_target_identifier         ? 
# 
loop_
_entity_poly_seq.entity_id 
_entity_poly_seq.num 
_entity_poly_seq.mon_id 
_entity_poly_seq.hetero 
1 1   GLY n 
1 2   SER n 
1 3   THR n 
1 4   GLY n 
1 5   SER n 
1 6   ASP n 
1 7   ASN n 
1 8   GLN n 
1 9   TYR n 
1 10  LYS n 
1 11  PHE n 
1 12  LYS n 
1 13  LEU n 
1 14  LYS n 
1 15  ASN n 
1 16  ILE n 
1 17  THR n 
1 18  ASP n 
1 19  SER n 
1 20  VAL n 
1 21  GLU n 
1 22  GLN n 
1 23  ALA n 
1 24  LEU n 
1 25  LYS n 
1 26  ILE n 
1 27  ALA n 
1 28  LYS n 
1 29  GLN n 
1 30  ILE n 
1 31  LYS n 
1 32  ASP n 
1 33  ASP n 
1 34  LEU n 
1 35  ASP n 
1 36  ILE n 
1 37  ILE n 
1 38  GLU n 
1 39  PHE n 
1 40  HIS n 
1 41  ARG n 
1 42  ILE n 
1 43  LYS n 
1 44  LEU n 
1 45  SER n 
1 46  ASN n 
1 47  HIS n 
1 48  TYR n 
1 49  GLY n 
1 50  ILE n 
1 51  ARG n 
1 52  ALA n 
1 53  GLU n 
1 54  GLU n 
1 55  HIS n 
1 56  GLU n 
1 57  LYS n 
1 58  GLN n 
1 59  THR n 
1 60  ALA n 
1 61  ARG n 
1 62  GLU n 
1 63  GLU n 
1 64  LEU n 
1 65  SER n 
1 66  LYS n 
1 67  PHE n 
1 68  SER n 
1 69  LYS n 
1 70  ASP n 
1 71  LYS n 
1 72  LEU n 
1 73  GLU n 
1 74  ALA n 
1 75  ASP n 
1 76  LEU n 
1 77  LYS n 
1 78  LYS n 
1 79  LEU n 
1 80  LEU n 
1 81  SER n 
1 82  GLU n 
1 83  ILE n 
1 84  GLU n 
1 85  LYS n 
1 86  SER n 
1 87  LEU n 
1 88  ASN n 
1 89  ALA n 
1 90  ALA n 
1 91  THR n 
1 92  ILE n 
1 93  LEU n 
1 94  ILE n 
1 95  THR n 
1 96  TYR n 
1 97  ASN n 
1 98  ASP n 
1 99  TYR n 
1 100 GLY n 
1 101 GLY n 
1 102 ASN n 
1 103 LEU n 
1 104 GLN n 
1 105 SER n 
1 106 ASP n 
1 107 LEU n 
1 108 SER n 
1 109 ALA n 
1 110 LYS n 
1 111 THR n 
1 112 THR n 
1 113 LEU n 
1 114 GLU n 
1 115 ALA n 
1 116 LEU n 
1 117 LYS n 
1 118 THR n 
1 119 GLU n 
1 120 VAL n 
1 121 SER n 
1 122 SER n 
1 123 LEU n 
1 124 ILE n 
1 125 THR n 
1 126 LYS n 
1 127 ILE n 
1 128 GLN n 
1 129 ASP n 
1 130 PHE n 
1 131 ASN n 
1 132 ASN n 
1 133 LYS n 
1 134 ASP n 
1 135 HIS n 
1 136 GLN n 
1 137 ALA n 
1 138 TYR n 
1 139 PRO n 
1 140 THR n 
1 141 SER n 
1 142 TYR n 
1 143 TYR n 
1 144 ASN n 
1 145 ASP n 
1 146 TYR n 
1 147 GLN n 
1 148 THR n 
1 149 TYR n 
1 150 GLN n 
1 151 ALA n 
1 152 LEU n 
1 153 ARG n 
1 154 ASN n 
1 155 PRO n 
1 156 TYR n 
1 157 SER n 
1 158 LYS n 
1 159 LEU n 
1 160 THR n 
1 161 LEU n 
1 162 VAL n 
1 163 LYS n 
1 164 ASP n 
1 165 LEU n 
1 166 LEU n 
1 167 THR n 
1 168 ARG n 
1 169 THR n 
# 
_entity_src_gen.entity_id                          1 
_entity_src_gen.pdbx_src_id                        1 
_entity_src_gen.pdbx_alt_source_flag               sample 
_entity_src_gen.pdbx_seq_type                      'Biological sequence' 
_entity_src_gen.pdbx_beg_seq_num                   1 
_entity_src_gen.pdbx_end_seq_num                   169 
_entity_src_gen.gene_src_common_name               ? 
_entity_src_gen.gene_src_genus                     ? 
_entity_src_gen.pdbx_gene_src_gene                 'BOM_1092, FbpB' 
_entity_src_gen.gene_src_species                   ? 
_entity_src_gen.gene_src_strain                    ? 
_entity_src_gen.gene_src_tissue                    ? 
_entity_src_gen.gene_src_tissue_fraction           ? 
_entity_src_gen.gene_src_details                   ? 
_entity_src_gen.pdbx_gene_src_fragment             ? 
_entity_src_gen.pdbx_gene_src_scientific_name      'Borrelia miyamotoi FR64b' 
_entity_src_gen.pdbx_gene_src_ncbi_taxonomy_id     1292392 
_entity_src_gen.pdbx_gene_src_variant              ? 
_entity_src_gen.pdbx_gene_src_cell_line            ? 
_entity_src_gen.pdbx_gene_src_atcc                 ? 
_entity_src_gen.pdbx_gene_src_organ                ? 
_entity_src_gen.pdbx_gene_src_organelle            ? 
_entity_src_gen.pdbx_gene_src_cell                 ? 
_entity_src_gen.pdbx_gene_src_cellular_location    ? 
_entity_src_gen.host_org_common_name               ? 
_entity_src_gen.pdbx_host_org_scientific_name      'Escherichia coli BL21(DE3)' 
_entity_src_gen.pdbx_host_org_ncbi_taxonomy_id     469008 
_entity_src_gen.host_org_genus                     ? 
_entity_src_gen.pdbx_host_org_gene                 ? 
_entity_src_gen.pdbx_host_org_organ                ? 
_entity_src_gen.host_org_species                   ? 
_entity_src_gen.pdbx_host_org_tissue               ? 
_entity_src_gen.pdbx_host_org_tissue_fraction      ? 
_entity_src_gen.pdbx_host_org_strain               ? 
_entity_src_gen.pdbx_host_org_variant              ? 
_entity_src_gen.pdbx_host_org_cell_line            ? 
_entity_src_gen.pdbx_host_org_atcc                 ? 
_entity_src_gen.pdbx_host_org_culture_collection   ? 
_entity_src_gen.pdbx_host_org_cell                 ? 
_entity_src_gen.pdbx_host_org_organelle            ? 
_entity_src_gen.pdbx_host_org_cellular_location    ? 
_entity_src_gen.pdbx_host_org_vector_type          ? 
_entity_src_gen.pdbx_host_org_vector               ? 
_entity_src_gen.host_org_details                   ? 
_entity_src_gen.expression_system_id               ? 
_entity_src_gen.plasmid_name                       ? 
_entity_src_gen.plasmid_details                    ? 
_entity_src_gen.pdbx_description                   ? 
# 
_struct_ref.id                         1 
_struct_ref.db_name                    UNP 
_struct_ref.db_code                    W5SFE3_9SPIR 
_struct_ref.pdbx_db_accession          W5SFE3 
_struct_ref.pdbx_db_isoform            ? 
_struct_ref.entity_id                  1 
_struct_ref.pdbx_seq_one_letter_code   
;DNQYKFKLKNITDSVEQALKIAKQIKDDLDIIEFHRIKLSNHYGIRAEEHEKQTAREELSKFSKDKLEADLKKLLSEIEK
SLNAATILITYNDYGGNLQSDLSAKTTLEALKTEVSSLITKIQDFNNKDHQAYPTSYYNDYQTYQALRNPYSKLTLVKDL
LTRT
;
_struct_ref.pdbx_align_begin           264 
# 
_struct_ref_seq.align_id                      1 
_struct_ref_seq.ref_id                        1 
_struct_ref_seq.pdbx_PDB_id_code              7RPS 
_struct_ref_seq.pdbx_strand_id                A 
_struct_ref_seq.seq_align_beg                 6 
_struct_ref_seq.pdbx_seq_align_beg_ins_code   ? 
_struct_ref_seq.seq_align_end                 169 
_struct_ref_seq.pdbx_seq_align_end_ins_code   ? 
_struct_ref_seq.pdbx_db_accession             W5SFE3 
_struct_ref_seq.db_align_beg                  264 
_struct_ref_seq.pdbx_db_align_beg_ins_code    ? 
_struct_ref_seq.db_align_end                  427 
_struct_ref_seq.pdbx_db_align_end_ins_code    ? 
_struct_ref_seq.pdbx_auth_seq_align_beg       264 
_struct_ref_seq.pdbx_auth_seq_align_end       427 
# 
loop_
_struct_ref_seq_dif.align_id 
_struct_ref_seq_dif.pdbx_pdb_id_code 
_struct_ref_seq_dif.mon_id 
_struct_ref_seq_dif.pdbx_pdb_strand_id 
_struct_ref_seq_dif.seq_num 
_struct_ref_seq_dif.pdbx_pdb_ins_code 
_struct_ref_seq_dif.pdbx_seq_db_name 
_struct_ref_seq_dif.pdbx_seq_db_accession_code 
_struct_ref_seq_dif.db_mon_id 
_struct_ref_seq_dif.pdbx_seq_db_seq_num 
_struct_ref_seq_dif.details 
_struct_ref_seq_dif.pdbx_auth_seq_num 
_struct_ref_seq_dif.pdbx_ordinal 
1 7RPS GLY A 1 ? UNP W5SFE3 ? ? 'expression tag' 259 1 
1 7RPS SER A 2 ? UNP W5SFE3 ? ? 'expression tag' 260 2 
1 7RPS THR A 3 ? UNP W5SFE3 ? ? 'expression tag' 261 3 
1 7RPS GLY A 4 ? UNP W5SFE3 ? ? 'expression tag' 262 4 
1 7RPS SER A 5 ? UNP W5SFE3 ? ? 'expression tag' 263 5 
# 
loop_
_chem_comp.id 
_chem_comp.type 
_chem_comp.mon_nstd_flag 
_chem_comp.name 
_chem_comp.pdbx_synonyms 
_chem_comp.formula 
_chem_comp.formula_weight 
ALA 'L-peptide linking' y ALANINE         ? 'C3 H7 N O2'     89.093  
ARG 'L-peptide linking' y ARGININE        ? 'C6 H15 N4 O2 1' 175.209 
ASN 'L-peptide linking' y ASPARAGINE      ? 'C4 H8 N2 O3'    132.118 
ASP 'L-peptide linking' y 'ASPARTIC ACID' ? 'C4 H7 N O4'     133.103 
GLN 'L-peptide linking' y GLUTAMINE       ? 'C5 H10 N2 O3'   146.144 
GLU 'L-peptide linking' y 'GLUTAMIC ACID' ? 'C5 H9 N O4'     147.129 
GLY 'peptide linking'   y GLYCINE         ? 'C2 H5 N O2'     75.067  
HIS 'L-peptide linking' y HISTIDINE       ? 'C6 H10 N3 O2 1' 156.162 
HOH non-polymer         . WATER           ? 'H2 O'           18.015  
ILE 'L-peptide linking' y ISOLEUCINE      ? 'C6 H13 N O2'    131.173 
LEU 'L-peptide linking' y LEUCINE         ? 'C6 H13 N O2'    131.173 
LYS 'L-peptide linking' y LYSINE          ? 'C6 H15 N2 O2 1' 147.195 
PHE 'L-peptide linking' y PHENYLALANINE   ? 'C9 H11 N O2'    165.189 
PRO 'L-peptide linking' y PROLINE         ? 'C5 H9 N O2'     115.130 
SER 'L-peptide linking' y SERINE          ? 'C3 H7 N O3'     105.093 
THR 'L-peptide linking' y THREONINE       ? 'C4 H9 N O3'     119.119 
TYR 'L-peptide linking' y TYROSINE        ? 'C9 H11 N O3'    181.189 
VAL 'L-peptide linking' y VALINE          ? 'C5 H11 N O2'    117.146 
# 
_exptl.absorpt_coefficient_mu     ? 
_exptl.absorpt_correction_T_max   ? 
_exptl.absorpt_correction_T_min   ? 
_exptl.absorpt_correction_type    ? 
_exptl.absorpt_process_details    ? 
_exptl.entry_id                   7RPS 
_exptl.crystals_number            1 
_exptl.details                    ? 
_exptl.method                     'X-RAY DIFFRACTION' 
_exptl.method_details             ? 
# 
_exptl_crystal.colour                      ? 
_exptl_crystal.density_diffrn              ? 
_exptl_crystal.density_Matthews            2.17 
_exptl_crystal.density_method              ? 
_exptl_crystal.density_percent_sol         43.19 
_exptl_crystal.description                 ? 
_exptl_crystal.F_000                       ? 
_exptl_crystal.id                          1 
_exptl_crystal.preparation                 ? 
_exptl_crystal.size_max                    ? 
_exptl_crystal.size_mid                    ? 
_exptl_crystal.size_min                    ? 
_exptl_crystal.size_rad                    ? 
_exptl_crystal.colour_lustre               ? 
_exptl_crystal.colour_modifier             ? 
_exptl_crystal.colour_primary              ? 
_exptl_crystal.density_meas                ? 
_exptl_crystal.density_meas_esd            ? 
_exptl_crystal.density_meas_gt             ? 
_exptl_crystal.density_meas_lt             ? 
_exptl_crystal.density_meas_temp           ? 
_exptl_crystal.density_meas_temp_esd       ? 
_exptl_crystal.density_meas_temp_gt        ? 
_exptl_crystal.density_meas_temp_lt        ? 
_exptl_crystal.pdbx_crystal_image_url      ? 
_exptl_crystal.pdbx_crystal_image_format   ? 
_exptl_crystal.pdbx_mosaicity              ? 
_exptl_crystal.pdbx_mosaicity_esd          ? 
# 
_exptl_crystal_grow.apparatus       ? 
_exptl_crystal_grow.atmosphere      ? 
_exptl_crystal_grow.crystal_id      1 
_exptl_crystal_grow.details         ? 
_exptl_crystal_grow.method          'VAPOR DIFFUSION' 
_exptl_crystal_grow.method_ref      ? 
_exptl_crystal_grow.pH              ? 
_exptl_crystal_grow.pressure        ? 
_exptl_crystal_grow.pressure_esd    ? 
_exptl_crystal_grow.seeding         ? 
_exptl_crystal_grow.seeding_ref     ? 
_exptl_crystal_grow.temp            277.15 
_exptl_crystal_grow.temp_details    ? 
_exptl_crystal_grow.temp_esd        ? 
_exptl_crystal_grow.time            ? 
_exptl_crystal_grow.pdbx_details    '4 mg/mL, 0.2M magnesium chloride, 0.1 tris (8.5), PEG 4000, 0.035 M spermidine' 
_exptl_crystal_grow.pdbx_pH_range   ? 
# 
_diffrn.ambient_environment              ? 
_diffrn.ambient_temp                     93 
_diffrn.ambient_temp_details             ? 
_diffrn.ambient_temp_esd                 ? 
_diffrn.crystal_id                       1 
_diffrn.crystal_support                  ? 
_diffrn.crystal_treatment                ? 
_diffrn.details                          ? 
_diffrn.id                               1 
_diffrn.ambient_pressure                 ? 
_diffrn.ambient_pressure_esd             ? 
_diffrn.ambient_pressure_gt              ? 
_diffrn.ambient_pressure_lt              ? 
_diffrn.ambient_temp_gt                  ? 
_diffrn.ambient_temp_lt                  ? 
_diffrn.pdbx_serial_crystal_experiment   N 
# 
_diffrn_detector.details                      ? 
_diffrn_detector.detector                     PIXEL 
_diffrn_detector.diffrn_id                    1 
_diffrn_detector.type                         'DECTRIS EIGER X 16M' 
_diffrn_detector.area_resol_mean              ? 
_diffrn_detector.dtime                        ? 
_diffrn_detector.pdbx_frames_total            ? 
_diffrn_detector.pdbx_collection_time_total   ? 
_diffrn_detector.pdbx_collection_date         2020-07-10 
_diffrn_detector.pdbx_frequency               ? 
# 
_diffrn_radiation.collimation                      ? 
_diffrn_radiation.diffrn_id                        1 
_diffrn_radiation.filter_edge                      ? 
_diffrn_radiation.inhomogeneity                    ? 
_diffrn_radiation.monochromator                    ? 
_diffrn_radiation.polarisn_norm                    ? 
_diffrn_radiation.polarisn_ratio                   ? 
_diffrn_radiation.probe                            ? 
_diffrn_radiation.type                             ? 
_diffrn_radiation.xray_symbol                      ? 
_diffrn_radiation.wavelength_id                    1 
_diffrn_radiation.pdbx_monochromatic_or_laue_m_l   M 
_diffrn_radiation.pdbx_wavelength_list             ? 
_diffrn_radiation.pdbx_wavelength                  ? 
_diffrn_radiation.pdbx_diffrn_protocol             'SINGLE WAVELENGTH' 
_diffrn_radiation.pdbx_analyzer                    ? 
_diffrn_radiation.pdbx_scattering_type             x-ray 
# 
_diffrn_radiation_wavelength.id           1 
_diffrn_radiation_wavelength.wavelength   0.975 
_diffrn_radiation_wavelength.wt           1.0 
# 
_diffrn_source.current                     ? 
_diffrn_source.details                     ? 
_diffrn_source.diffrn_id                   1 
_diffrn_source.power                       ? 
_diffrn_source.size                        ? 
_diffrn_source.source                      SYNCHROTRON 
_diffrn_source.target                      ? 
_diffrn_source.type                        'APS BEAMLINE 22-ID' 
_diffrn_source.voltage                     ? 
_diffrn_source.take-off_angle              ? 
_diffrn_source.pdbx_wavelength_list        0.975 
_diffrn_source.pdbx_wavelength             ? 
_diffrn_source.pdbx_synchrotron_beamline   22-ID 
_diffrn_source.pdbx_synchrotron_site       APS 
# 
_reflns.B_iso_Wilson_estimate                          36.18 
_reflns.entry_id                                       7RPS 
_reflns.data_reduction_details                         ? 
_reflns.data_reduction_method                          ? 
_reflns.d_resolution_high                              2.09 
_reflns.d_resolution_low                               50 
_reflns.details                                        ? 
_reflns.limit_h_max                                    ? 
_reflns.limit_h_min                                    ? 
_reflns.limit_k_max                                    ? 
_reflns.limit_k_min                                    ? 
_reflns.limit_l_max                                    ? 
_reflns.limit_l_min                                    ? 
_reflns.number_all                                     ? 
_reflns.number_obs                                     9525 
_reflns.observed_criterion                             ? 
_reflns.observed_criterion_F_max                       ? 
_reflns.observed_criterion_F_min                       ? 
_reflns.observed_criterion_I_max                       ? 
_reflns.observed_criterion_I_min                       ? 
_reflns.observed_criterion_sigma_F                     ? 
_reflns.observed_criterion_sigma_I                     ? 
_reflns.percent_possible_obs                           96.5 
_reflns.R_free_details                                 ? 
_reflns.Rmerge_F_all                                   ? 
_reflns.Rmerge_F_obs                                   ? 
_reflns.Friedel_coverage                               ? 
_reflns.number_gt                                      ? 
_reflns.threshold_expression                           ? 
_reflns.pdbx_redundancy                                4.4 
_reflns.pdbx_Rmerge_I_obs                              ? 
_reflns.pdbx_Rmerge_I_all                              ? 
_reflns.pdbx_Rsym_value                                ? 
_reflns.pdbx_netI_over_av_sigmaI                       ? 
_reflns.pdbx_netI_over_sigmaI                          20.2 
_reflns.pdbx_res_netI_over_av_sigmaI_2                 ? 
_reflns.pdbx_res_netI_over_sigmaI_2                    ? 
_reflns.pdbx_chi_squared                               ? 
_reflns.pdbx_scaling_rejects                           ? 
_reflns.pdbx_d_res_high_opt                            ? 
_reflns.pdbx_d_res_low_opt                             ? 
_reflns.pdbx_d_res_opt_method                          ? 
_reflns.phase_calculation_details                      ? 
_reflns.pdbx_Rrim_I_all                                0.115 
_reflns.pdbx_Rpim_I_all                                0.054 
_reflns.pdbx_d_opt                                     ? 
_reflns.pdbx_number_measured_all                       ? 
_reflns.pdbx_diffrn_id                                 1 
_reflns.pdbx_ordinal                                   1 
_reflns.pdbx_CC_half                                   0.995 
_reflns.pdbx_CC_star                                   ? 
_reflns.pdbx_R_split                                   ? 
_reflns.pdbx_aniso_diffraction_limit_axis_1_ortho[1]   ? 
_reflns.pdbx_aniso_diffraction_limit_axis_1_ortho[2]   ? 
_reflns.pdbx_aniso_diffraction_limit_axis_1_ortho[3]   ? 
_reflns.pdbx_aniso_diffraction_limit_axis_2_ortho[1]   ? 
_reflns.pdbx_aniso_diffraction_limit_axis_2_ortho[2]   ? 
_reflns.pdbx_aniso_diffraction_limit_axis_2_ortho[3]   ? 
_reflns.pdbx_aniso_diffraction_limit_axis_3_ortho[1]   ? 
_reflns.pdbx_aniso_diffraction_limit_axis_3_ortho[2]   ? 
_reflns.pdbx_aniso_diffraction_limit_axis_3_ortho[3]   ? 
_reflns.pdbx_aniso_diffraction_limit_1                 ? 
_reflns.pdbx_aniso_diffraction_limit_2                 ? 
_reflns.pdbx_aniso_diffraction_limit_3                 ? 
_reflns.pdbx_aniso_B_tensor_eigenvector_1_ortho[1]     ? 
_reflns.pdbx_aniso_B_tensor_eigenvector_1_ortho[2]     ? 
_reflns.pdbx_aniso_B_tensor_eigenvector_1_ortho[3]     ? 
_reflns.pdbx_aniso_B_tensor_eigenvector_2_ortho[1]     ? 
_reflns.pdbx_aniso_B_tensor_eigenvector_2_ortho[2]     ? 
_reflns.pdbx_aniso_B_tensor_eigenvector_2_ortho[3]     ? 
_reflns.pdbx_aniso_B_tensor_eigenvector_3_ortho[1]     ? 
_reflns.pdbx_aniso_B_tensor_eigenvector_3_ortho[2]     ? 
_reflns.pdbx_aniso_B_tensor_eigenvector_3_ortho[3]     ? 
_reflns.pdbx_aniso_B_tensor_eigenvalue_1               ? 
_reflns.pdbx_aniso_B_tensor_eigenvalue_2               ? 
_reflns.pdbx_aniso_B_tensor_eigenvalue_3               ? 
_reflns.pdbx_orthogonalization_convention              ? 
_reflns.pdbx_percent_possible_ellipsoidal              ? 
_reflns.pdbx_percent_possible_spherical                ? 
_reflns.pdbx_percent_possible_ellipsoidal_anomalous    ? 
_reflns.pdbx_percent_possible_spherical_anomalous      ? 
_reflns.pdbx_redundancy_anomalous                      ? 
_reflns.pdbx_CC_half_anomalous                         ? 
_reflns.pdbx_absDiff_over_sigma_anomalous              ? 
_reflns.pdbx_percent_possible_anomalous                ? 
_reflns.pdbx_observed_signal_threshold                 ? 
_reflns.pdbx_signal_type                               ? 
_reflns.pdbx_signal_details                            ? 
_reflns.pdbx_signal_software_id                        ? 
# 
_reflns_shell.d_res_high                                    2.09 
_reflns_shell.d_res_low                                     2.18 
_reflns_shell.meanI_over_sigI_all                           ? 
_reflns_shell.meanI_over_sigI_obs                           2.42 
_reflns_shell.number_measured_all                           ? 
_reflns_shell.number_measured_obs                           ? 
_reflns_shell.number_possible                               ? 
_reflns_shell.number_unique_all                             ? 
_reflns_shell.number_unique_obs                             918 
_reflns_shell.percent_possible_all                          93.5 
_reflns_shell.percent_possible_obs                          ? 
_reflns_shell.Rmerge_F_all                                  ? 
_reflns_shell.Rmerge_F_obs                                  ? 
_reflns_shell.Rmerge_I_all                                  ? 
_reflns_shell.Rmerge_I_obs                                  ? 
_reflns_shell.meanI_over_sigI_gt                            ? 
_reflns_shell.meanI_over_uI_all                             ? 
_reflns_shell.meanI_over_uI_gt                              ? 
_reflns_shell.number_measured_gt                            ? 
_reflns_shell.number_unique_gt                              ? 
_reflns_shell.percent_possible_gt                           ? 
_reflns_shell.Rmerge_F_gt                                   ? 
_reflns_shell.Rmerge_I_gt                                   ? 
_reflns_shell.pdbx_redundancy                               ? 
_reflns_shell.pdbx_Rsym_value                               ? 
_reflns_shell.pdbx_chi_squared                              ? 
_reflns_shell.pdbx_netI_over_sigmaI_all                     ? 
_reflns_shell.pdbx_netI_over_sigmaI_obs                     ? 
_reflns_shell.pdbx_Rrim_I_all                               0.424 
_reflns_shell.pdbx_Rpim_I_all                               0.209 
_reflns_shell.pdbx_rejects                                  ? 
_reflns_shell.pdbx_ordinal                                  1 
_reflns_shell.pdbx_diffrn_id                                1 
_reflns_shell.pdbx_CC_half                                  0.910 
_reflns_shell.pdbx_CC_star                                  ? 
_reflns_shell.pdbx_R_split                                  ? 
_reflns_shell.pdbx_percent_possible_ellipsoidal             ? 
_reflns_shell.pdbx_percent_possible_spherical               ? 
_reflns_shell.pdbx_percent_possible_ellipsoidal_anomalous   ? 
_reflns_shell.pdbx_percent_possible_spherical_anomalous     ? 
_reflns_shell.pdbx_redundancy_anomalous                     ? 
_reflns_shell.pdbx_CC_half_anomalous                        ? 
_reflns_shell.pdbx_absDiff_over_sigma_anomalous             ? 
_reflns_shell.pdbx_percent_possible_anomalous               ? 
# 
_refine.aniso_B[1][1]                            ? 
_refine.aniso_B[1][2]                            ? 
_refine.aniso_B[1][3]                            ? 
_refine.aniso_B[2][2]                            ? 
_refine.aniso_B[2][3]                            ? 
_refine.aniso_B[3][3]                            ? 
_refine.B_iso_max                                ? 
_refine.B_iso_mean                               44.20 
_refine.B_iso_min                                ? 
_refine.correlation_coeff_Fo_to_Fc               ? 
_refine.correlation_coeff_Fo_to_Fc_free          ? 
_refine.details                                  ? 
_refine.diff_density_max                         ? 
_refine.diff_density_max_esd                     ? 
_refine.diff_density_min                         ? 
_refine.diff_density_min_esd                     ? 
_refine.diff_density_rms                         ? 
_refine.diff_density_rms_esd                     ? 
_refine.entry_id                                 7RPS 
_refine.pdbx_refine_id                           'X-RAY DIFFRACTION' 
_refine.ls_abs_structure_details                 ? 
_refine.ls_abs_structure_Flack                   ? 
_refine.ls_abs_structure_Flack_esd               ? 
_refine.ls_abs_structure_Rogers                  ? 
_refine.ls_abs_structure_Rogers_esd              ? 
_refine.ls_d_res_high                            2.09 
_refine.ls_d_res_low                             36.86 
_refine.ls_extinction_coef                       ? 
_refine.ls_extinction_coef_esd                   ? 
_refine.ls_extinction_expression                 ? 
_refine.ls_extinction_method                     ? 
_refine.ls_goodness_of_fit_all                   ? 
_refine.ls_goodness_of_fit_all_esd               ? 
_refine.ls_goodness_of_fit_obs                   ? 
_refine.ls_goodness_of_fit_obs_esd               ? 
_refine.ls_hydrogen_treatment                    ? 
_refine.ls_matrix_type                           ? 
_refine.ls_number_constraints                    ? 
_refine.ls_number_parameters                     ? 
_refine.ls_number_reflns_all                     ? 
_refine.ls_number_reflns_obs                     9514 
_refine.ls_number_reflns_R_free                  952 
_refine.ls_number_reflns_R_work                  8562 
_refine.ls_number_restraints                     ? 
_refine.ls_percent_reflns_obs                    95.61 
_refine.ls_percent_reflns_R_free                 10.01 
_refine.ls_R_factor_all                          ? 
_refine.ls_R_factor_obs                          0.2256 
_refine.ls_R_factor_R_free                       0.2563 
_refine.ls_R_factor_R_free_error                 ? 
_refine.ls_R_factor_R_free_error_details         ? 
_refine.ls_R_factor_R_work                       0.2223 
_refine.ls_R_Fsqd_factor_obs                     ? 
_refine.ls_R_I_factor_obs                        ? 
_refine.ls_redundancy_reflns_all                 ? 
_refine.ls_redundancy_reflns_obs                 ? 
_refine.ls_restrained_S_all                      ? 
_refine.ls_restrained_S_obs                      ? 
_refine.ls_shift_over_esd_max                    ? 
_refine.ls_shift_over_esd_mean                   ? 
_refine.ls_structure_factor_coef                 ? 
_refine.ls_weighting_details                     ? 
_refine.ls_weighting_scheme                      ? 
_refine.ls_wR_factor_all                         ? 
_refine.ls_wR_factor_obs                         ? 
_refine.ls_wR_factor_R_free                      ? 
_refine.ls_wR_factor_R_work                      ? 
_refine.occupancy_max                            ? 
_refine.occupancy_min                            ? 
_refine.solvent_model_details                    'FLAT BULK SOLVENT MODEL' 
_refine.solvent_model_param_bsol                 ? 
_refine.solvent_model_param_ksol                 ? 
_refine.pdbx_R_complete                          ? 
_refine.ls_R_factor_gt                           ? 
_refine.ls_goodness_of_fit_gt                    ? 
_refine.ls_goodness_of_fit_ref                   ? 
_refine.ls_shift_over_su_max                     ? 
_refine.ls_shift_over_su_max_lt                  ? 
_refine.ls_shift_over_su_mean                    ? 
_refine.ls_shift_over_su_mean_lt                 ? 
_refine.pdbx_ls_sigma_I                          ? 
_refine.pdbx_ls_sigma_F                          1.38 
_refine.pdbx_ls_sigma_Fsqd                       ? 
_refine.pdbx_data_cutoff_high_absF               ? 
_refine.pdbx_data_cutoff_high_rms_absF           ? 
_refine.pdbx_data_cutoff_low_absF                ? 
_refine.pdbx_isotropic_thermal_model             ? 
_refine.pdbx_ls_cross_valid_method               'FREE R-VALUE' 
_refine.pdbx_method_to_determine_struct          'MOLECULAR REPLACEMENT' 
_refine.pdbx_starting_model                      7RPR 
_refine.pdbx_stereochemistry_target_values       'GeoStd + Monomer Library + CDL v1.2' 
_refine.pdbx_R_Free_selection_details            ? 
_refine.pdbx_stereochem_target_val_spec_case     ? 
_refine.pdbx_overall_ESU_R                       ? 
_refine.pdbx_overall_ESU_R_Free                  ? 
_refine.pdbx_solvent_vdw_probe_radii             1.1100 
_refine.pdbx_solvent_ion_probe_radii             ? 
_refine.pdbx_solvent_shrinkage_radii             0.9000 
_refine.pdbx_real_space_R                        ? 
_refine.pdbx_density_correlation                 ? 
_refine.pdbx_pd_number_of_powder_patterns        ? 
_refine.pdbx_pd_number_of_points                 ? 
_refine.pdbx_pd_meas_number_of_points            ? 
_refine.pdbx_pd_proc_ls_prof_R_factor            ? 
_refine.pdbx_pd_proc_ls_prof_wR_factor           ? 
_refine.pdbx_pd_Marquardt_correlation_coeff      ? 
_refine.pdbx_pd_Fsqrd_R_factor                   ? 
_refine.pdbx_pd_ls_matrix_band_width             ? 
_refine.pdbx_overall_phase_error                 27.9166 
_refine.pdbx_overall_SU_R_free_Cruickshank_DPI   ? 
_refine.pdbx_overall_SU_R_free_Blow_DPI          ? 
_refine.pdbx_overall_SU_R_Blow_DPI               ? 
_refine.pdbx_TLS_residual_ADP_flag               ? 
_refine.pdbx_diffrn_id                           1 
_refine.overall_SU_B                             ? 
_refine.overall_SU_ML                            0.2011 
_refine.overall_SU_R_Cruickshank_DPI             ? 
_refine.overall_SU_R_free                        ? 
_refine.overall_FOM_free_R_set                   ? 
_refine.overall_FOM_work_R_set                   ? 
_refine.pdbx_average_fsc_overall                 ? 
_refine.pdbx_average_fsc_work                    ? 
_refine.pdbx_average_fsc_free                    ? 
# 
_refine_hist.pdbx_refine_id                   'X-RAY DIFFRACTION' 
_refine_hist.cycle_id                         LAST 
_refine_hist.details                          ? 
_refine_hist.d_res_high                       2.09 
_refine_hist.d_res_low                        36.86 
_refine_hist.number_atoms_solvent             36 
_refine_hist.number_atoms_total               1288 
_refine_hist.number_reflns_all                ? 
_refine_hist.number_reflns_obs                ? 
_refine_hist.number_reflns_R_free             ? 
_refine_hist.number_reflns_R_work             ? 
_refine_hist.R_factor_all                     ? 
_refine_hist.R_factor_obs                     ? 
_refine_hist.R_factor_R_free                  ? 
_refine_hist.R_factor_R_work                  ? 
_refine_hist.pdbx_number_residues_total       ? 
_refine_hist.pdbx_B_iso_mean_ligand           ? 
_refine_hist.pdbx_B_iso_mean_solvent          ? 
_refine_hist.pdbx_number_atoms_protein        1252 
_refine_hist.pdbx_number_atoms_nucleic_acid   0 
_refine_hist.pdbx_number_atoms_ligand         0 
_refine_hist.pdbx_number_atoms_lipid          ? 
_refine_hist.pdbx_number_atoms_carb           ? 
_refine_hist.pdbx_pseudo_atom_details         ? 
# 
loop_
_refine_ls_restr.pdbx_refine_id 
_refine_ls_restr.criterion 
_refine_ls_restr.dev_ideal 
_refine_ls_restr.dev_ideal_target 
_refine_ls_restr.number 
_refine_ls_restr.rejects 
_refine_ls_restr.type 
_refine_ls_restr.weight 
_refine_ls_restr.pdbx_restraint_function 
'X-RAY DIFFRACTION' ? 0.0098  ? 1267 ? f_bond_d           ? ? 
'X-RAY DIFFRACTION' ? 1.2722  ? 1701 ? f_angle_d          ? ? 
'X-RAY DIFFRACTION' ? 0.0589  ? 199  ? f_chiral_restr     ? ? 
'X-RAY DIFFRACTION' ? 0.0054  ? 212  ? f_plane_restr      ? ? 
'X-RAY DIFFRACTION' ? 16.6264 ? 487  ? f_dihedral_angle_d ? ? 
# 
loop_
_refine_ls_shell.pdbx_refine_id 
_refine_ls_shell.d_res_high 
_refine_ls_shell.d_res_low 
_refine_ls_shell.number_reflns_all 
_refine_ls_shell.number_reflns_obs 
_refine_ls_shell.number_reflns_R_free 
_refine_ls_shell.number_reflns_R_work 
_refine_ls_shell.percent_reflns_obs 
_refine_ls_shell.percent_reflns_R_free 
_refine_ls_shell.R_factor_all 
_refine_ls_shell.R_factor_obs 
_refine_ls_shell.R_factor_R_free 
_refine_ls_shell.R_factor_R_free_error 
_refine_ls_shell.R_factor_R_work 
_refine_ls_shell.redundancy_reflns_all 
_refine_ls_shell.redundancy_reflns_obs 
_refine_ls_shell.wR_factor_all 
_refine_ls_shell.wR_factor_obs 
_refine_ls_shell.wR_factor_R_free 
_refine_ls_shell.wR_factor_R_work 
_refine_ls_shell.pdbx_R_complete 
_refine_ls_shell.pdbx_total_number_of_bins_used 
_refine_ls_shell.pdbx_phase_error 
_refine_ls_shell.pdbx_fsc_work 
_refine_ls_shell.pdbx_fsc_free 
'X-RAY DIFFRACTION' 2.09 2.20  . . 125 1128 89.12 . . . 0.2939 . 0.2656 . . . . . . . . . . . 
'X-RAY DIFFRACTION' 2.20 2.34  . . 137 1226 96.87 . . . 0.2649 . 0.2416 . . . . . . . . . . . 
'X-RAY DIFFRACTION' 2.34 2.52  . . 136 1226 97.56 . . . 0.2617 . 0.2435 . . . . . . . . . . . 
'X-RAY DIFFRACTION' 2.52 2.77  . . 141 1265 98.39 . . . 0.2602 . 0.2425 . . . . . . . . . . . 
'X-RAY DIFFRACTION' 2.78 3.18  . . 141 1261 98.59 . . . 0.2779 . 0.2383 . . . . . . . . . . . 
'X-RAY DIFFRACTION' 3.18 4.00  . . 135 1219 94.88 . . . 0.2536 . 0.2086 . . . . . . . . . . . 
'X-RAY DIFFRACTION' 4.00 36.86 . . 137 1237 93.92 . . . 0.2383 . 0.2056 . . . . . . . . . . . 
# 
_struct.entry_id                     7RPS 
_struct.title                        'B. miyamotoi FbpB complement inhibitory domain' 
_struct.pdbx_model_details           ? 
_struct.pdbx_formula_weight          ? 
_struct.pdbx_formula_weight_method   ? 
_struct.pdbx_model_type_details      ? 
_struct.pdbx_CASP_flag               N 
# 
_struct_keywords.entry_id        7RPS 
_struct_keywords.text            'complement evasion, C1r, Borrelia, IMMUNE SYSTEM' 
_struct_keywords.pdbx_keywords   'IMMUNE SYSTEM' 
# 
loop_
_struct_asym.id 
_struct_asym.pdbx_blank_PDB_chainid_flag 
_struct_asym.pdbx_modified 
_struct_asym.entity_id 
_struct_asym.details 
A N N 1 ? 
B N N 2 ? 
# 
loop_
_struct_conf.conf_type_id 
_struct_conf.id 
_struct_conf.pdbx_PDB_helix_id 
_struct_conf.beg_label_comp_id 
_struct_conf.beg_label_asym_id 
_struct_conf.beg_label_seq_id 
_struct_conf.pdbx_beg_PDB_ins_code 
_struct_conf.end_label_comp_id 
_struct_conf.end_label_asym_id 
_struct_conf.end_label_seq_id 
_struct_conf.pdbx_end_PDB_ins_code 
_struct_conf.beg_auth_comp_id 
_struct_conf.beg_auth_asym_id 
_struct_conf.beg_auth_seq_id 
_struct_conf.end_auth_comp_id 
_struct_conf.end_auth_asym_id 
_struct_conf.end_auth_seq_id 
_struct_conf.pdbx_PDB_helix_class 
_struct_conf.details 
_struct_conf.pdbx_PDB_helix_length 
HELX_P HELX_P1 AA1 PHE A 11  ? SER A 45  ? PHE A 269 SER A 303 1 ? 35 
HELX_P HELX_P2 AA2 GLU A 53  ? SER A 65  ? GLU A 311 SER A 323 1 ? 13 
HELX_P HELX_P3 AA3 SER A 68  ? TYR A 96  ? SER A 326 TYR A 354 1 ? 29 
HELX_P HELX_P4 AA4 LEU A 103 ? ASP A 129 ? LEU A 361 ASP A 387 1 ? 27 
HELX_P HELX_P5 AA5 ASP A 134 ? TYR A 138 ? ASP A 392 TYR A 396 5 ? 5  
HELX_P HELX_P6 AA6 GLN A 147 ? LEU A 166 ? GLN A 405 LEU A 424 1 ? 20 
# 
_struct_conf_type.id          HELX_P 
_struct_conf_type.criteria    ? 
_struct_conf_type.reference   ? 
# 
_atom_sites.entry_id                    7RPS 
_atom_sites.Cartn_transf_matrix[1][1]   ? 
_atom_sites.Cartn_transf_matrix[1][2]   ? 
_atom_sites.Cartn_transf_matrix[1][3]   ? 
_atom_sites.Cartn_transf_matrix[2][1]   ? 
_atom_sites.Cartn_transf_matrix[2][2]   ? 
_atom_sites.Cartn_transf_matrix[2][3]   ? 
_atom_sites.Cartn_transf_matrix[3][1]   ? 
_atom_sites.Cartn_transf_matrix[3][2]   ? 
_atom_sites.Cartn_transf_matrix[3][3]   ? 
_atom_sites.Cartn_transf_vector[1]      ? 
_atom_sites.Cartn_transf_vector[2]      ? 
_atom_sites.Cartn_transf_vector[3]      ? 
_atom_sites.fract_transf_matrix[1][1]   0.01468319 
_atom_sites.fract_transf_matrix[1][2]   -0.00605965 
_atom_sites.fract_transf_matrix[1][3]   -0.00391009 
_atom_sites.fract_transf_matrix[2][1]   -0.00880375 
_atom_sites.fract_transf_matrix[2][2]   -0.01054167 
_atom_sites.fract_transf_matrix[2][3]   -0.01672294 
_atom_sites.fract_transf_matrix[3][1]   0.00631449 
_atom_sites.fract_transf_matrix[3][2]   0.01184895 
_atom_sites.fract_transf_matrix[3][3]   -0.01079348 
_atom_sites.fract_transf_vector[1]      0.263431 
_atom_sites.fract_transf_vector[2]      0.805622 
_atom_sites.fract_transf_vector[3]      0.131372 
_atom_sites.solution_primary            ? 
_atom_sites.solution_secondary          ? 
_atom_sites.solution_hydrogens          ? 
_atom_sites.special_details             ? 
# 
loop_
_atom_type.symbol 
_atom_type.scat_dispersion_real 
_atom_type.scat_dispersion_imag 
_atom_type.scat_Cromer_Mann_a1 
_atom_type.scat_Cromer_Mann_a2 
_atom_type.scat_Cromer_Mann_a3 
_atom_type.scat_Cromer_Mann_a4 
_atom_type.scat_Cromer_Mann_b1 
_atom_type.scat_Cromer_Mann_b2 
_atom_type.scat_Cromer_Mann_b3 
_atom_type.scat_Cromer_Mann_b4 
_atom_type.scat_Cromer_Mann_c 
_atom_type.scat_source 
_atom_type.scat_dispersion_source 
C ? ? 3.54356 2.42580 ? ? 25.62398 1.50364 ? ? 0.0 
;2-Gaussian fit: Grosse-Kunstleve RW, Sauter NK, Adams PD: Newsletter of the IUCr Commission on Crystallographic Computing 2004, 3, 22-31.
;
? 
N ? ? 4.01032 2.96436 ? ? 19.97189 1.75589 ? ? 0.0 
;2-Gaussian fit: Grosse-Kunstleve RW, Sauter NK, Adams PD: Newsletter of the IUCr Commission on Crystallographic Computing 2004, 3, 22-31.
;
? 
O ? ? 4.49882 3.47563 ? ? 15.80542 1.70748 ? ? 0.0 
;2-Gaussian fit: Grosse-Kunstleve RW, Sauter NK, Adams PD: Newsletter of the IUCr Commission on Crystallographic Computing 2004, 3, 22-31.
;
? 
# 
loop_
_atom_site.group_PDB 
_atom_site.id 
_atom_site.type_symbol 
_atom_site.label_atom_id 
_atom_site.label_alt_id 
_atom_site.label_comp_id 
_atom_site.label_asym_id 
_atom_site.label_entity_id 
_atom_site.label_seq_id 
_atom_site.pdbx_PDB_ins_code 
_atom_site.Cartn_x 
_atom_site.Cartn_y 
_atom_site.Cartn_z 
_atom_site.occupancy 
_atom_site.B_iso_or_equiv 
_atom_site.pdbx_formal_charge 
_atom_site.auth_seq_id 
_atom_site.auth_comp_id 
_atom_site.auth_asym_id 
_atom_site.auth_atom_id 
_atom_site.pdbx_PDB_model_num 
ATOM   1    N N   . PHE A 1 11  ? 1.40054   -25.55010 7.40189   1.000 55.92200 ? 269 PHE A N   1 
ATOM   2    C CA  . PHE A 1 11  ? 0.58332   -25.45390 6.19147   1.000 63.01445 ? 269 PHE A CA  1 
ATOM   3    C C   . PHE A 1 11  ? -0.37778  -24.27211 6.27856   1.000 60.96355 ? 269 PHE A C   1 
ATOM   4    O O   . PHE A 1 11  ? -0.41157  -23.40458 5.38845   1.000 52.41143 ? 269 PHE A O   1 
ATOM   5    C CB  . PHE A 1 11  ? -0.20615  -26.74672 5.95590   1.000 64.88335 ? 269 PHE A CB  1 
ATOM   6    C CG  . PHE A 1 11  ? 0.48118   -27.72421 5.03914   1.000 68.70891 ? 269 PHE A CG  1 
ATOM   7    C CD1 . PHE A 1 11  ? 1.77624   -28.15263 5.29774   1.000 68.46612 ? 269 PHE A CD1 1 
ATOM   8    C CD2 . PHE A 1 11  ? -0.16819  -28.21401 3.91565   1.000 69.28043 ? 269 PHE A CD2 1 
ATOM   9    C CE1 . PHE A 1 11  ? 2.40680   -29.04968 4.45203   1.000 70.22525 ? 269 PHE A CE1 1 
ATOM   10   C CE2 . PHE A 1 11  ? 0.45982   -29.11207 3.06415   1.000 72.98214 ? 269 PHE A CE2 1 
ATOM   11   C CZ  . PHE A 1 11  ? 1.74939   -29.52908 3.33526   1.000 71.26635 ? 269 PHE A CZ  1 
ATOM   12   N N   . LYS A 1 12  ? -1.15126  -24.25401 7.36536   1.000 55.55350 ? 270 LYS A N   1 
ATOM   13   C CA  . LYS A 1 12  ? -2.14277  -23.21321 7.62463   1.000 56.84872 ? 270 LYS A CA  1 
ATOM   14   C C   . LYS A 1 12  ? -1.42771  -21.90795 7.96918   1.000 53.97897 ? 270 LYS A C   1 
ATOM   15   O O   . LYS A 1 12  ? -1.84510  -20.82226 7.53946   1.000 52.96189 ? 270 LYS A O   1 
ATOM   16   C CB  . LYS A 1 12  ? -3.08099  -23.61805 8.76844   1.000 53.82385 ? 270 LYS A CB  1 
ATOM   17   C CG  . LYS A 1 12  ? -4.04285  -24.75910 8.46455   1.000 55.72427 ? 270 LYS A CG  1 
ATOM   18   C CD  . LYS A 1 12  ? -3.29922  -26.09816 8.38403   1.000 65.03058 ? 270 LYS A CD  1 
ATOM   19   C CE  . LYS A 1 12  ? -2.48316  -26.40041 9.66285   1.000 67.49760 ? 270 LYS A CE  1 
ATOM   20   N NZ  . LYS A 1 12  ? -1.65398  -27.66707 9.60812   1.000 63.08292 ? 270 LYS A NZ  1 
ATOM   21   N N   . LEU A 1 13  ? -0.35262  -22.02457 8.75262   1.000 55.18085 ? 271 LEU A N   1 
ATOM   22   C CA  . LEU A 1 13  ? 0.48807   -20.87831 9.07432   1.000 55.13638 ? 271 LEU A CA  1 
ATOM   23   C C   . LEU A 1 13  ? 1.18014   -20.35589 7.82940   1.000 52.31633 ? 271 LEU A C   1 
ATOM   24   O O   . LEU A 1 13  ? 1.35962   -19.15502 7.68058   1.000 51.54091 ? 271 LEU A O   1 
ATOM   25   C CB  . LEU A 1 13  ? 1.54743   -21.22219 10.12577  1.000 54.39107 ? 271 LEU A CB  1 
ATOM   26   C CG  . LEU A 1 13  ? 2.35018   -19.99745 10.60560  1.000 55.06934 ? 271 LEU A CG  1 
ATOM   27   C CD1 . LEU A 1 13  ? 1.43194   -18.87336 11.08695  1.000 52.29926 ? 271 LEU A CD1 1 
ATOM   28   C CD2 . LEU A 1 13  ? 3.38802   -20.35842 11.66880  1.000 58.31972 ? 271 LEU A CD2 1 
ATOM   29   N N   . LYS A 1 14  ? 1.58811   -21.25897 6.94422   1.000 50.63181 ? 272 LYS A N   1 
ATOM   30   C CA  . LYS A 1 14  ? 2.26218   -20.84772 5.71675   1.000 57.27690 ? 272 LYS A CA  1 
ATOM   31   C C   . LYS A 1 14  ? 1.25298   -20.13382 4.81197   1.000 52.67194 ? 272 LYS A C   1 
ATOM   32   O O   . LYS A 1 14  ? 1.58684   -19.16599 4.12576   1.000 49.44527 ? 272 LYS A O   1 
ATOM   33   C CB  . LYS A 1 14  ? 2.89347   -22.05802 5.01119   1.000 59.03427 ? 272 LYS A CB  1 
ATOM   34   C CG  . LYS A 1 14  ? 3.57858   -21.74184 3.68902   1.000 55.99089 ? 272 LYS A CG  1 
ATOM   35   C CD  . LYS A 1 14  ? 3.68354   -22.98016 2.81236   1.000 61.74425 ? 272 LYS A CD  1 
ATOM   36   C CE  . LYS A 1 14  ? 2.30607   -23.40350 2.31107   1.000 61.46381 ? 272 LYS A CE  1 
ATOM   37   N NZ  . LYS A 1 14  ? 1.71100   -22.38113 1.40144   1.000 68.07629 ? 272 LYS A NZ  1 
ATOM   38   N N   . ASN A 1 15  ? 0.00894   -20.60766 4.85200   1.000 53.07520 ? 273 ASN A N   1 
ATOM   39   C CA  . ASN A 1 15  ? -1.08683  -20.03842 4.06975   1.000 50.35662 ? 273 ASN A CA  1 
ATOM   40   C C   . ASN A 1 15  ? -1.29178  -18.56658 4.41964   1.000 52.47841 ? 273 ASN A C   1 
ATOM   41   O O   . ASN A 1 15  ? -1.22797  -17.69739 3.54697   1.000 46.50901 ? 273 ASN A O   1 
ATOM   42   C CB  . ASN A 1 15  ? -2.35866  -20.84937 4.31879   1.000 47.23370 ? 273 ASN A CB  1 
ATOM   43   C CG  . ASN A 1 15  ? -3.53762  -20.40843 3.46193   1.000 59.98209 ? 273 ASN A CG  1 
ATOM   44   O OD1 . ASN A 1 15  ? -3.37392  -19.86668 2.36006   1.000 63.53378 ? 273 ASN A OD1 1 
ATOM   45   N ND2 . ASN A 1 15  ? -4.74899  -20.71033 3.94446   1.000 59.42759 ? 273 ASN A ND2 1 
ATOM   46   N N   . ILE A 1 16  ? -1.52035  -18.29758 5.70325   1.000 52.31687 ? 274 ILE A N   1 
ATOM   47   C CA  . ILE A 1 16  ? -1.65332  -16.92691 6.19807   1.000 46.99693 ? 274 ILE A CA  1 
ATOM   48   C C   . ILE A 1 16  ? -0.39312  -16.09570 5.92297   1.000 44.13790 ? 274 ILE A C   1 
ATOM   49   O O   . ILE A 1 16  ? -0.48389  -15.01093 5.35294   1.000 43.42304 ? 274 ILE A O   1 
ATOM   50   C CB  . ILE A 1 16  ? -2.03372  -16.92217 7.72043   1.000 51.79440 ? 274 ILE A CB  1 
ATOM   51   C CG1 . ILE A 1 16  ? -2.35580  -15.51451 8.21385   1.000 45.18075 ? 274 ILE A CG1 1 
ATOM   52   C CG2 . ILE A 1 16  ? -0.97172  -17.56197 8.59859   1.000 53.24671 ? 274 ILE A CG2 1 
ATOM   53   C CD1 . ILE A 1 16  ? -3.56861  -14.93552 7.63718   1.000 51.80085 ? 274 ILE A CD1 1 
ATOM   54   N N   . THR A 1 17  ? 0.78104   -16.60220 6.27890   1.000 44.63625 ? 275 THR A N   1 
ATOM   55   C CA  . THR A 1 17  ? 1.99153   -15.79567 6.19821   1.000 47.13862 ? 275 THR A CA  1 
ATOM   56   C C   . THR A 1 17  ? 2.44129   -15.55373 4.74782   1.000 46.23099 ? 275 THR A C   1 
ATOM   57   O O   . THR A 1 17  ? 3.07617   -14.53521 4.46255   1.000 43.61814 ? 275 THR A O   1 
ATOM   58   C CB  . THR A 1 17  ? 3.14489   -16.43597 7.01435   1.000 48.81015 ? 275 THR A CB  1 
ATOM   59   O OG1 . THR A 1 17  ? 4.20989   -15.48655 7.18417   1.000 58.06303 ? 275 THR A OG1 1 
ATOM   60   C CG2 . THR A 1 17  ? 3.68313   -17.64831 6.31118   1.000 48.93359 ? 275 THR A CG2 1 
ATOM   61   N N   . ASP A 1 18  ? 2.04197   -16.43685 3.82085   1.000 45.48942 ? 276 ASP A N   1 
ATOM   62   C CA  . ASP A 1 18  ? 2.43715   -16.29872 2.39216   1.000 44.51102 ? 276 ASP A CA  1 
ATOM   63   C C   . ASP A 1 18  ? 1.63580   -15.13977 1.79748   1.000 39.74163 ? 276 ASP A C   1 
ATOM   64   O O   . ASP A 1 18  ? 2.22721   -14.29158 1.10028   1.000 38.54127 ? 276 ASP A O   1 
ATOM   65   C CB  . ASP A 1 18  ? 2.21827   -17.60369 1.62317   1.000 47.27628 ? 276 ASP A CB  1 
ATOM   66   C CG  . ASP A 1 18  ? 3.41367   -18.53938 1.67040   1.000 51.18484 ? 276 ASP A CG  1 
ATOM   67   O OD1 . ASP A 1 18  ? 4.41230   -18.18041 2.32629   1.000 57.43191 ? 276 ASP A OD1 1 
ATOM   68   O OD2 . ASP A 1 18  ? 3.33716   -19.61982 1.05243   1.000 56.49632 ? 276 ASP A OD2 1 
ATOM   69   N N   . SER A 1 19  ? 0.33384   -15.13128 2.08415   1.000 39.32474 ? 277 SER A N   1 
ATOM   70   C CA  . SER A 1 19  ? -0.58355  -14.07909 1.64115   1.000 35.53871 ? 277 SER A CA  1 
ATOM   71   C C   . SER A 1 19  ? -0.21730  -12.69834 2.19809   1.000 34.81749 ? 277 SER A C   1 
ATOM   72   O O   . SER A 1 19  ? -0.20607  -11.70398 1.47995   1.000 33.60777 ? 277 SER A O   1 
ATOM   73   C CB  . SER A 1 19  ? -2.00509  -14.41623 2.07537   1.000 36.99883 ? 277 SER A CB  1 
ATOM   74   O OG  . SER A 1 19  ? -2.39743  -15.68060 1.58304   1.000 54.04851 ? 277 SER A OG  1 
ATOM   75   N N   . VAL A 1 20  ? 0.04424   -12.64579 3.49729   1.000 37.28788 ? 278 VAL A N   1 
ATOM   76   C CA  . VAL A 1 20  ? 0.49199   -11.41005 4.14542   1.000 32.95536 ? 278 VAL A CA  1 
ATOM   77   C C   . VAL A 1 20  ? 1.74871   -10.89239 3.45384   1.000 35.14987 ? 278 VAL A C   1 
ATOM   78   O O   . VAL A 1 20  ? 1.90020   -9.67971  3.22820   1.000 32.90916 ? 278 VAL A O   1 
ATOM   79   C CB  . VAL A 1 20  ? 0.73630   -11.62763 5.66151   1.000 32.77966 ? 278 VAL A CB  1 
ATOM   80   C CG1 . VAL A 1 20  ? 1.40641   -10.40205 6.27534   1.000 39.24485 ? 278 VAL A CG1 1 
ATOM   81   C CG2 . VAL A 1 20  ? -0.58162  -11.90921 6.38013   1.000 33.72076 ? 278 VAL A CG2 1 
ATOM   82   N N   . GLU A 1 21  ? 2.64322   -11.80768 3.08888   1.000 35.00404 ? 279 GLU A N   1 
ATOM   83   C CA  . GLU A 1 21  ? 3.88130   -11.40948 2.44359   1.000 39.07415 ? 279 GLU A CA  1 
ATOM   84   C C   . GLU A 1 21  ? 3.58046   -10.83583 1.06667   1.000 38.22900 ? 279 GLU A C   1 
ATOM   85   O O   . GLU A 1 21  ? 4.22990   -9.89038  0.62829   1.000 35.52642 ? 279 GLU A O   1 
ATOM   86   C CB  . GLU A 1 21  ? 4.85492   -12.57656 2.32252   1.000 44.64216 ? 279 GLU A CB  1 
ATOM   87   C CG  . GLU A 1 21  ? 6.23786   -12.16523 1.79715   1.000 44.58498 ? 279 GLU A CG  1 
ATOM   88   C CD  . GLU A 1 21  ? 6.81375   -10.90539 2.49721   1.000 57.82373 ? 279 GLU A CD  1 
ATOM   89   O OE1 . GLU A 1 21  ? 7.33450   -11.08053 3.63267   1.000 52.08469 ? 279 GLU A OE1 1 
ATOM   90   O OE2 . GLU A 1 21  ? 6.76116   -9.76610  1.92318   1.000 50.29109 ? 279 GLU A OE2 1 
ATOM   91   N N   . GLN A 1 22  ? 2.57796   -11.39122 0.39558   1.000 39.40454 ? 280 GLN A N   1 
ATOM   92   C CA  . GLN A 1 22  ? 2.19999   -10.88215 -0.92979  1.000 38.58205 ? 280 GLN A CA  1 
ATOM   93   C C   . GLN A 1 22  ? 1.52787   -9.50272  -0.77908  1.000 38.07082 ? 280 GLN A C   1 
ATOM   94   O O   . GLN A 1 22  ? 1.76826   -8.58398  -1.58184  1.000 37.75027 ? 280 GLN A O   1 
ATOM   95   C CB  . GLN A 1 22  ? 1.27614   -11.86954 -1.65723  1.000 39.01526 ? 280 GLN A CB  1 
ATOM   96   C CG  . GLN A 1 22  ? 1.98004   -13.07740 -2.32880  1.000 40.36804 ? 280 GLN A CG  1 
ATOM   97   C CD  . GLN A 1 22  ? 3.25972   -12.70386 -3.09173  1.000 55.11206 ? 280 GLN A CD  1 
ATOM   98   O OE1 . GLN A 1 22  ? 3.22129   -11.97977 -4.09732  1.000 47.02257 ? 280 GLN A OE1 1 
ATOM   99   N NE2 . GLN A 1 22  ? 4.39428   -13.22141 -2.62905  1.000 51.32260 ? 280 GLN A NE2 1 
ATOM   100  N N   . ALA A 1 23  ? 0.69787   -9.34906  0.25590   1.000 35.25740 ? 281 ALA A N   1 
ATOM   101  C CA  . ALA A 1 23  ? 0.11531   -8.03712  0.55729   1.000 34.37706 ? 281 ALA A CA  1 
ATOM   102  C C   . ALA A 1 23  ? 1.20683   -7.00751  0.86575   1.000 35.03616 ? 281 ALA A C   1 
ATOM   103  O O   . ALA A 1 23  ? 1.22127   -5.90589  0.31512   1.000 35.41258 ? 281 ALA A O   1 
ATOM   104  C CB  . ALA A 1 23  ? -0.84020  -8.13975  1.70991   1.000 31.22747 ? 281 ALA A CB  1 
ATOM   105  N N   . LEU A 1 24  ? 2.12261   -7.37903  1.75658   1.000 35.51148 ? 282 LEU A N   1 
ATOM   106  C CA  . LEU A 1 24  ? 3.23772   -6.51755  2.15603   1.000 35.36864 ? 282 LEU A CA  1 
ATOM   107  C C   . LEU A 1 24  ? 4.01297   -6.00621  0.93643   1.000 31.56643 ? 282 LEU A C   1 
ATOM   108  O O   . LEU A 1 24  ? 4.34509   -4.81731  0.82867   1.000 37.86413 ? 282 LEU A O   1 
ATOM   109  C CB  . LEU A 1 24  ? 4.16788   -7.28962  3.11192   1.000 35.45185 ? 282 LEU A CB  1 
ATOM   110  C CG  . LEU A 1 24  ? 5.19838   -6.48814  3.92112   1.000 40.12076 ? 282 LEU A CG  1 
ATOM   111  C CD1 . LEU A 1 24  ? 4.54933   -5.22477  4.44470   1.000 34.90623 ? 282 LEU A CD1 1 
ATOM   112  C CD2 . LEU A 1 24  ? 5.77010   -7.30856  5.07548   1.000 40.97152 ? 282 LEU A CD2 1 
ATOM   113  N N   . LYS A 1 25  ? 4.25706   -6.90081  -0.00499  1.000 39.36293 ? 283 LYS A N   1 
ATOM   114  C CA  . LYS A 1 25  ? 5.03332   -6.58372  -1.20102  1.000 40.26297 ? 283 LYS A CA  1 
ATOM   115  C C   . LYS A 1 25  ? 4.39306   -5.47024  -2.04984  1.000 37.63246 ? 283 LYS A C   1 
ATOM   116  O O   . LYS A 1 25  ? 5.09282   -4.57923  -2.56322  1.000 40.31997 ? 283 LYS A O   1 
ATOM   117  C CB  . LYS A 1 25  ? 5.21200   -7.85175  -2.05119  1.000 39.58275 ? 283 LYS A CB  1 
ATOM   118  C CG  . LYS A 1 25  ? 6.26107   -7.73675  -3.14828  1.000 45.11097 ? 283 LYS A CG  1 
ATOM   119  C CD  . LYS A 1 25  ? 6.29991   -8.99598  -3.98601  1.000 49.94653 ? 283 LYS A CD  1 
ATOM   120  C CE  . LYS A 1 25  ? 6.12761   -8.65279  -5.45614  1.000 60.32429 ? 283 LYS A CE  1 
ATOM   121  N NZ  . LYS A 1 25  ? 6.57203   -9.73840  -6.37356  1.000 63.54351 ? 283 LYS A NZ  1 
ATOM   122  N N   . ILE A 1 26  ? 3.07474   -5.52807  -2.21742  1.000 34.89805 ? 284 ILE A N   1 
ATOM   123  C CA  . ILE A 1 26  ? 2.36807   -4.53035  -3.02946  1.000 33.00037 ? 284 ILE A CA  1 
ATOM   124  C C   . ILE A 1 26  ? 2.32477   -3.22434  -2.24993  1.000 34.88411 ? 284 ILE A C   1 
ATOM   125  O O   . ILE A 1 26  ? 2.57484   -2.15935  -2.80188  1.000 33.49986 ? 284 ILE A O   1 
ATOM   126  C CB  . ILE A 1 26  ? 0.93947   -5.01230  -3.40477  1.000 37.42342 ? 284 ILE A CB  1 
ATOM   127  C CG1 . ILE A 1 26  ? 1.00732   -6.22220  -4.33417  1.000 32.55040 ? 284 ILE A CG1 1 
ATOM   128  C CG2 . ILE A 1 26  ? 0.13244   -3.88822  -4.05859  1.000 32.76318 ? 284 ILE A CG2 1 
ATOM   129  C CD1 . ILE A 1 26  ? -0.11809  -7.18904  -4.14028  1.000 32.99247 ? 284 ILE A CD1 1 
ATOM   130  N N   . ALA A 1 27  ? 2.00346   -3.31518  -0.95594  1.000 32.41238 ? 285 ALA A N   1 
ATOM   131  C CA  . ALA A 1 27  ? 1.96621   -2.14047  -0.09035  1.000 33.05310 ? 285 ALA A CA  1 
ATOM   132  C C   . ALA A 1 27  ? 3.31168   -1.39926  -0.12069  1.000 31.46170 ? 285 ALA A C   1 
ATOM   133  O O   . ALA A 1 27  ? 3.36056   -0.16355  -0.20072  1.000 33.75045 ? 285 ALA A O   1 
ATOM   134  C CB  . ALA A 1 27  ? 1.60311   -2.55758  1.33814   1.000 30.64865 ? 285 ALA A CB  1 
ATOM   135  N N   . LYS A 1 28  ? 4.39984   -2.16369  -0.08227  1.000 32.62802 ? 286 LYS A N   1 
ATOM   136  C CA  . LYS A 1 28  ? 5.74712   -1.59580  -0.12465  1.000 34.85766 ? 286 LYS A CA  1 
ATOM   137  C C   . LYS A 1 28  ? 5.97768   -0.91398  -1.46777  1.000 38.15935 ? 286 LYS A C   1 
ATOM   138  O O   . LYS A 1 28  ? 6.49272   0.20510   -1.51006  1.000 34.68799 ? 286 LYS A O   1 
ATOM   139  C CB  . LYS A 1 28  ? 6.82326   -2.66329  0.12149   1.000 37.68777 ? 286 LYS A CB  1 
ATOM   140  C CG  . LYS A 1 28  ? 8.22837   -2.06819  0.04704   1.000 42.74269 ? 286 LYS A CG  1 
ATOM   141  C CD  . LYS A 1 28  ? 9.30105   -3.01026  0.57568   1.000 53.41674 ? 286 LYS A CD  1 
ATOM   142  C CE  . LYS A 1 28  ? 10.68960  -2.39353  0.38761   1.000 51.79712 ? 286 LYS A CE  1 
ATOM   143  N NZ  . LYS A 1 28  ? 10.79714  -1.09111  1.10941   1.000 57.53491 ? 286 LYS A NZ  1 
ATOM   144  N N   . GLN A 1 29  ? 5.57648   -1.57566  -2.55017  1.000 34.37538 ? 287 GLN A N   1 
ATOM   145  C CA  . GLN A 1 29  ? 5.53381   -0.95953  -3.87627  1.000 36.93817 ? 287 GLN A CA  1 
ATOM   146  C C   . GLN A 1 29  ? 4.85213   0.41080   -3.94383  1.000 36.13211 ? 287 GLN A C   1 
ATOM   147  O O   . GLN A 1 29  ? 5.39150   1.36329   -4.49952  1.000 40.34237 ? 287 GLN A O   1 
ATOM   148  C CB  . GLN A 1 29  ? 4.79620   -1.86599  -4.85759  1.000 40.30663 ? 287 GLN A CB  1 
ATOM   149  C CG  . GLN A 1 29  ? 4.65224   -1.16163  -6.18598  1.000 48.75232 ? 287 GLN A CG  1 
ATOM   150  C CD  . GLN A 1 29  ? 3.78732   -1.89488  -7.17454  1.000 48.85073 ? 287 GLN A CD  1 
ATOM   151  O OE1 . GLN A 1 29  ? 3.24202   -2.97933  -6.89487  1.000 44.50994 ? 287 GLN A OE1 1 
ATOM   152  N NE2 . GLN A 1 29  ? 3.59914   -1.26626  -8.33744  1.000 52.29614 ? 287 GLN A NE2 1 
ATOM   153  N N   . ILE A 1 30  ? 3.63602   0.48486   -3.43441  1.000 36.20310 ? 288 ILE A N   1 
ATOM   154  C CA  . ILE A 1 30  ? 2.88053   1.73021   -3.44774  1.000 33.21895 ? 288 ILE A CA  1 
ATOM   155  C C   . ILE A 1 30  ? 3.73602   2.80773   -2.81618  1.000 32.98152 ? 288 ILE A C   1 
ATOM   156  O O   . ILE A 1 30  ? 3.94897   3.88139   -3.38511  1.000 35.30605 ? 288 ILE A O   1 
ATOM   157  C CB  . ILE A 1 30  ? 1.54842   1.57492   -2.69774  1.000 31.36092 ? 288 ILE A CB  1 
ATOM   158  C CG1 . ILE A 1 30  ? 0.72971   0.44320   -3.30027  1.000 36.84013 ? 288 ILE A CG1 1 
ATOM   159  C CG2 . ILE A 1 30  ? 0.77229   2.87645   -2.65669  1.000 28.80988 ? 288 ILE A CG2 1 
ATOM   160  C CD1 . ILE A 1 30  ? 0.57815   0.56922   -4.72853  1.000 40.38812 ? 288 ILE A CD1 1 
ATOM   161  N N   . LYS A 1 31  ? 4.23290   2.49446   -1.62766  1.000 37.67223 ? 289 LYS A N   1 
ATOM   162  C CA  . LYS A 1 31  ? 5.04486   3.41481   -0.83657  1.000 38.91104 ? 289 LYS A CA  1 
ATOM   163  C C   . LYS A 1 31  ? 6.28690   3.86253   -1.61351  1.000 35.19240 ? 289 LYS A C   1 
ATOM   164  O O   . LYS A 1 31  ? 6.62857   5.04102   -1.62657  1.000 40.55056 ? 289 LYS A O   1 
ATOM   165  C CB  . LYS A 1 31  ? 5.41165   2.73621   0.48767   1.000 38.70522 ? 289 LYS A CB  1 
ATOM   166  C CG  . LYS A 1 31  ? 6.20996   3.56869   1.45521   1.000 40.97209 ? 289 LYS A CG  1 
ATOM   167  C CD  . LYS A 1 31  ? 6.50827   2.75719   2.73235   1.000 42.98089 ? 289 LYS A CD  1 
ATOM   168  C CE  . LYS A 1 31  ? 7.37651   3.55855   3.68270   1.000 53.09567 ? 289 LYS A CE  1 
ATOM   169  N NZ  . LYS A 1 31  ? 7.64781   2.87335   4.98373   1.000 63.11364 ? 289 LYS A NZ  1 
ATOM   170  N N   . ASP A 1 32  ? 6.92705   2.92579   -2.30725  1.000 37.94927 ? 290 ASP A N   1 
ATOM   171  C CA  . ASP A 1 32  ? 8.12969   3.24018   -3.07645  1.000 40.96074 ? 290 ASP A CA  1 
ATOM   172  C C   . ASP A 1 32  ? 7.77295   4.08107   -4.30124  1.000 41.88065 ? 290 ASP A C   1 
ATOM   173  O O   . ASP A 1 32  ? 8.52374   4.97091   -4.71264  1.000 40.95052 ? 290 ASP A O   1 
ATOM   174  C CB  . ASP A 1 32  ? 8.84419   1.95603   -3.49199  1.000 36.28865 ? 290 ASP A CB  1 
ATOM   175  C CG  . ASP A 1 32  ? 9.47340   1.23494   -2.31145  1.000 44.41633 ? 290 ASP A CG  1 
ATOM   176  O OD1 . ASP A 1 32  ? 9.36135   1.72930   -1.16396  1.000 48.52042 ? 290 ASP A OD1 1 
ATOM   177  O OD2 . ASP A 1 32  ? 10.07818  0.16353   -2.52253  1.000 53.14840 ? 290 ASP A OD2 1 
ATOM   178  N N   . ASP A 1 33  ? 6.59612   3.81342   -4.85101  1.000 39.46273 ? 291 ASP A N   1 
ATOM   179  C CA  . ASP A 1 33  ? 6.11781   4.55108   -5.99850  1.000 38.73049 ? 291 ASP A CA  1 
ATOM   180  C C   . ASP A 1 33  ? 5.91965   6.01335   -5.60086  1.000 35.25318 ? 291 ASP A C   1 
ATOM   181  O O   . ASP A 1 33  ? 6.28128   6.91652   -6.36575  1.000 36.23988 ? 291 ASP A O   1 
ATOM   182  C CB  . ASP A 1 33  ? 4.82393   3.92430   -6.54495  1.000 33.41114 ? 291 ASP A CB  1 
ATOM   183  C CG  . ASP A 1 33  ? 5.07472   2.64254   -7.35842  1.000 39.07385 ? 291 ASP A CG  1 
ATOM   184  O OD1 . ASP A 1 33  ? 6.24205   2.33907   -7.74284  1.000 39.50983 ? 291 ASP A OD1 1 
ATOM   185  O OD2 . ASP A 1 33  ? 4.08444   1.93206   -7.62761  1.000 38.30703 ? 291 ASP A OD2 1 
ATOM   186  N N   . LEU A 1 34  ? 5.37045   6.25479   -4.41059  1.000 39.51840 ? 292 LEU A N   1 
ATOM   187  C CA  . LEU A 1 34  ? 5.22789   7.62525   -3.92481  1.000 37.46081 ? 292 LEU A CA  1 
ATOM   188  C C   . LEU A 1 34  ? 6.60592   8.30478   -3.80271  1.000 37.01542 ? 292 LEU A C   1 
ATOM   189  O O   . LEU A 1 34  ? 6.76007   9.46448   -4.12965  1.000 37.88193 ? 292 LEU A O   1 
ATOM   190  C CB  . LEU A 1 34  ? 4.54166   7.70471   -2.56159  1.000 40.65763 ? 292 LEU A CB  1 
ATOM   191  C CG  . LEU A 1 34  ? 3.02462   7.63680   -2.34257  1.000 39.54588 ? 292 LEU A CG  1 
ATOM   192  C CD1 . LEU A 1 34  ? 2.28619   8.66875   -3.21383  1.000 39.31850 ? 292 LEU A CD1 1 
ATOM   193  C CD2 . LEU A 1 34  ? 2.40852   6.27979   -2.38438  1.000 44.90086 ? 292 LEU A CD2 1 
ATOM   194  N N   . ASP A 1 35  ? 7.59389   7.56698   -3.31166  1.000 40.91769 ? 293 ASP A N   1 
ATOM   195  C CA  . ASP A 1 35  ? 8.94804   8.08998   -3.18702  1.000 39.50771 ? 293 ASP A CA  1 
ATOM   196  C C   . ASP A 1 35  ? 9.47673   8.53568   -4.54472  1.000 39.49519 ? 293 ASP A C   1 
ATOM   197  O O   . ASP A 1 35  ? 10.03998  9.61872   -4.66860  1.000 36.61298 ? 293 ASP A O   1 
ATOM   198  C CB  . ASP A 1 35  ? 9.89018   7.03016   -2.58790  1.000 43.83846 ? 293 ASP A CB  1 
ATOM   199  C CG  . ASP A 1 35  ? 9.61514   6.75088   -1.10501  1.000 41.15951 ? 293 ASP A CG  1 
ATOM   200  O OD1 . ASP A 1 35  ? 8.93501   7.56111   -0.43470  1.000 39.50201 ? 293 ASP A OD1 1 
ATOM   201  O OD2 . ASP A 1 35  ? 10.08673  5.70436   -0.61335  1.000 46.28285 ? 293 ASP A OD2 1 
ATOM   202  N N   . ILE A 1 36  ? 9.29904   7.69183   -5.55748  1.000 36.64856 ? 294 ILE A N   1 
ATOM   203  C CA  . ILE A 1 36  ? 9.81944   7.97816   -6.89706  1.000 35.23469 ? 294 ILE A CA  1 
ATOM   204  C C   . ILE A 1 36  ? 9.16271   9.23418   -7.48412  1.000 33.51599 ? 294 ILE A C   1 
ATOM   205  O O   . ILE A 1 36  ? 9.82575   10.09554  -8.06430  1.000 36.11420 ? 294 ILE A O   1 
ATOM   206  C CB  . ILE A 1 36  ? 9.61977   6.76718   -7.83892  1.000 36.56430 ? 294 ILE A CB  1 
ATOM   207  C CG1 . ILE A 1 36  ? 10.52950  5.61124   -7.43130  1.000 40.05199 ? 294 ILE A CG1 1 
ATOM   208  C CG2 . ILE A 1 36  ? 9.90472   7.16924   -9.28018  1.000 38.21179 ? 294 ILE A CG2 1 
ATOM   209  C CD1 . ILE A 1 36  ? 9.99868   4.26283   -7.80163  1.000 41.51662 ? 294 ILE A CD1 1 
ATOM   210  N N   . ILE A 1 37  ? 7.85188   9.33436   -7.33340  1.000 35.08431 ? 295 ILE A N   1 
ATOM   211  C CA  . ILE A 1 37  ? 7.10661   10.44544  -7.90155  1.000 37.17479 ? 295 ILE A CA  1 
ATOM   212  C C   . ILE A 1 37  ? 7.49887   11.75127  -7.21533  1.000 36.71692 ? 295 ILE A C   1 
ATOM   213  O O   . ILE A 1 37  ? 7.69972   12.76677  -7.86157  1.000 37.08175 ? 295 ILE A O   1 
ATOM   214  C CB  . ILE A 1 37  ? 5.59123   10.19542  -7.78730  1.000 37.59471 ? 295 ILE A CB  1 
ATOM   215  C CG1 . ILE A 1 37  ? 5.14486   9.19196   -8.83880  1.000 36.87186 ? 295 ILE A CG1 1 
ATOM   216  C CG2 . ILE A 1 37  ? 4.79750   11.48632  -7.94379  1.000 38.25572 ? 295 ILE A CG2 1 
ATOM   217  C CD1 . ILE A 1 37  ? 3.88223   8.47097   -8.45849  1.000 32.92038 ? 295 ILE A CD1 1 
ATOM   218  N N   . GLU A 1 38  ? 7.59852   11.71547  -5.89554  1.000 42.23696 ? 296 GLU A N   1 
ATOM   219  C CA  . GLU A 1 38  ? 7.99628   12.88467  -5.13903  1.000 39.00397 ? 296 GLU A CA  1 
ATOM   220  C C   . GLU A 1 38  ? 9.37233   13.38707  -5.57325  1.000 39.01809 ? 296 GLU A C   1 
ATOM   221  O O   . GLU A 1 38  ? 9.55618   14.57452  -5.82202  1.000 43.21259 ? 296 GLU A O   1 
ATOM   222  C CB  . GLU A 1 38  ? 8.00099   12.55254  -3.65105  1.000 37.43104 ? 296 GLU A CB  1 
ATOM   223  C CG  . GLU A 1 38  ? 8.63299   13.61933  -2.80449  1.000 50.24235 ? 296 GLU A CG  1 
ATOM   224  C CD  . GLU A 1 38  ? 8.58049   13.27478  -1.33809  1.000 54.42260 ? 296 GLU A CD  1 
ATOM   225  O OE1 . GLU A 1 38  ? 7.90233   12.27969  -0.99176  1.000 62.09197 ? 296 GLU A OE1 1 
ATOM   226  O OE2 . GLU A 1 38  ? 9.25016   13.96712  -0.54059  1.000 59.38365 ? 296 GLU A OE2 1 
ATOM   227  N N   . PHE A 1 39  ? 10.32396  12.46289  -5.65600  1.000 36.44965 ? 297 PHE A N   1 
ATOM   228  C CA  . PHE A 1 39  ? 11.69824  12.74051  -6.04593  1.000 37.91079 ? 297 PHE A CA  1 
ATOM   229  C C   . PHE A 1 39  ? 11.75319  13.48280  -7.38390  1.000 39.47355 ? 297 PHE A C   1 
ATOM   230  O O   . PHE A 1 39  ? 12.34404  14.56883  -7.49314  1.000 36.91211 ? 297 PHE A O   1 
ATOM   231  C CB  . PHE A 1 39  ? 12.47068  11.41687  -6.10863  1.000 39.84938 ? 297 PHE A CB  1 
ATOM   232  C CG  . PHE A 1 39  ? 13.90696  11.53910  -6.56266  1.000 37.46294 ? 297 PHE A CG  1 
ATOM   233  C CD1 . PHE A 1 39  ? 14.23835  11.44836  -7.91442  1.000 35.73595 ? 297 PHE A CD1 1 
ATOM   234  C CD2 . PHE A 1 39  ? 14.92933  11.67609  -5.63699  1.000 41.00788 ? 297 PHE A CD2 1 
ATOM   235  C CE1 . PHE A 1 39  ? 15.55272  11.52162  -8.33551  1.000 36.55885 ? 297 PHE A CE1 1 
ATOM   236  C CE2 . PHE A 1 39  ? 16.25717  11.75544  -6.04830  1.000 36.24257 ? 297 PHE A CE2 1 
ATOM   237  C CZ  . PHE A 1 39  ? 16.56474  11.68592  -7.40349  1.000 38.87246 ? 297 PHE A CZ  1 
ATOM   238  N N   . HIS A 1 40  ? 11.10481  12.91990  -8.39714  1.000 37.78711 ? 298 HIS A N   1 
ATOM   239  C CA  . HIS A 1 40  ? 11.15565  13.51642  -9.72517  1.000 37.68016 ? 298 HIS A CA  1 
ATOM   240  C C   . HIS A 1 40  ? 10.27417  14.75068  -9.85152  1.000 38.46702 ? 298 HIS A C   1 
ATOM   241  O O   . HIS A 1 40  ? 10.64835  15.68741  -10.56264 1.000 37.74158 ? 298 HIS A O   1 
ATOM   242  C CB  . HIS A 1 40  ? 10.79118  12.46909  -10.77531 1.000 34.43787 ? 298 HIS A CB  1 
ATOM   243  C CG  . HIS A 1 40  ? 11.83225  11.40677  -10.92546 1.000 38.93968 ? 298 HIS A CG  1 
ATOM   244  N ND1 . HIS A 1 40  ? 13.08259  11.66279  -11.46429 1.000 38.25509 ? 298 HIS A ND1 1 
ATOM   245  C CD2 . HIS A 1 40  ? 11.84916  10.10358  -10.55543 1.000 38.64760 ? 298 HIS A CD2 1 
ATOM   246  C CE1 . HIS A 1 40  ? 13.80074  10.55975  -11.43948 1.000 35.83304 ? 298 HIS A CE1 1 
ATOM   247  N NE2 . HIS A 1 40  ? 13.07858  9.59710   -10.88856 1.000 37.37284 ? 298 HIS A NE2 1 
ATOM   248  N N   . ARG A 1 41  ? 9.13079   14.76624  -9.16106  1.000 35.53921 ? 299 ARG A N   1 
ATOM   249  C CA  . ARG A 1 41  ? 8.19755   15.90924  -9.21039  1.000 35.56471 ? 299 ARG A CA  1 
ATOM   250  C C   . ARG A 1 41  ? 8.84324   17.18746  -8.71265  1.000 41.71442 ? 299 ARG A C   1 
ATOM   251  O O   . ARG A 1 41  ? 8.58414   18.26184  -9.24574  1.000 41.69828 ? 299 ARG A O   1 
ATOM   252  C CB  . ARG A 1 41  ? 6.94064   15.66022  -8.35808  1.000 42.46060 ? 299 ARG A CB  1 
ATOM   253  C CG  . ARG A 1 41  ? 5.66340   15.29227  -9.09586  1.000 48.71119 ? 299 ARG A CG  1 
ATOM   254  C CD  . ARG A 1 41  ? 4.47511   15.32888  -8.11809  1.000 46.61743 ? 299 ARG A CD  1 
ATOM   255  N NE  . ARG A 1 41  ? 3.36496   14.48151  -8.56140  1.000 52.81221 ? 299 ARG A NE  1 
ATOM   256  C CZ  . ARG A 1 41  ? 2.38688   14.04368  -7.76920  1.000 48.35532 ? 299 ARG A CZ  1 
ATOM   257  N NH1 . ARG A 1 41  ? 2.36240   14.36700  -6.49011  1.000 49.36368 ? 299 ARG A NH1 1 
ATOM   258  N NH2 . ARG A 1 41  ? 1.43487   13.26426  -8.25448  1.000 45.05931 ? 299 ARG A NH2 1 
ATOM   259  N N   . ILE A 1 42  ? 9.64405   17.05570  -7.65621  1.000 37.47776 ? 300 ILE A N   1 
ATOM   260  C CA  . ILE A 1 42  ? 10.30727  18.18232  -7.01779  1.000 41.32707 ? 300 ILE A CA  1 
ATOM   261  C C   . ILE A 1 42  ? 11.31869  18.79934  -7.98320  1.000 40.42086 ? 300 ILE A C   1 
ATOM   262  O O   . ILE A 1 42  ? 11.56743  19.99510  -7.93750  1.000 41.29034 ? 300 ILE A O   1 
ATOM   263  C CB  . ILE A 1 42  ? 10.98910  17.75367  -5.70250  1.000 41.62541 ? 300 ILE A CB  1 
ATOM   264  C CG1 . ILE A 1 42  ? 9.95485   17.43682  -4.63478  1.000 48.88081 ? 300 ILE A CG1 1 
ATOM   265  C CG2 . ILE A 1 42  ? 11.87820  18.86204  -5.15466  1.000 47.00569 ? 300 ILE A CG2 1 
ATOM   266  C CD1 . ILE A 1 42  ? 10.57061  16.92501  -3.33452  1.000 45.14588 ? 300 ILE A CD1 1 
ATOM   267  N N   . LYS A 1 43  ? 11.89029  17.99161  -8.87228  1.000 41.80453 ? 301 LYS A N   1 
ATOM   268  C CA  . LYS A 1 43  ? 12.80559  18.53335  -9.86644  1.000 42.02285 ? 301 LYS A CA  1 
ATOM   269  C C   . LYS A 1 43  ? 12.04035  19.31889  -10.91376 1.000 42.37528 ? 301 LYS A C   1 
ATOM   270  O O   . LYS A 1 43  ? 12.56680  20.24941  -11.51868 1.000 49.88813 ? 301 LYS A O   1 
ATOM   271  C CB  . LYS A 1 43  ? 13.60425  17.42684  -10.54050 1.000 37.10810 ? 301 LYS A CB  1 
ATOM   272  C CG  . LYS A 1 43  ? 14.52606  16.64721  -9.62333  1.000 37.02143 ? 301 LYS A CG  1 
ATOM   273  C CD  . LYS A 1 43  ? 15.52940  15.87348  -10.46351 1.000 41.90799 ? 301 LYS A CD  1 
ATOM   274  C CE  . LYS A 1 43  ? 16.43329  14.98365  -9.61237  1.000 38.86504 ? 301 LYS A CE  1 
ATOM   275  N NZ  . LYS A 1 43  ? 16.64857  15.60745  -8.27493  1.000 47.80108 ? 301 LYS A NZ  1 
ATOM   276  N N   . LEU A 1 44  ? 10.78820  18.94297  -11.12529 1.000 40.80813 ? 302 LEU A N   1 
ATOM   277  C CA  . LEU A 1 44  ? 9.98563   19.52473  -12.19790 1.000 44.37768 ? 302 LEU A CA  1 
ATOM   278  C C   . LEU A 1 44  ? 9.22844   20.74335  -11.72764 1.000 44.88751 ? 302 LEU A C   1 
ATOM   279  O O   . LEU A 1 44  ? 8.76185   21.54533  -12.53751 1.000 52.18003 ? 302 LEU A O   1 
ATOM   280  C CB  . LEU A 1 44  ? 8.99300   18.50099  -12.72776 1.000 39.20422 ? 302 LEU A CB  1 
ATOM   281  C CG  . LEU A 1 44  ? 9.48351   17.63217  -13.87340 1.000 42.14433 ? 302 LEU A CG  1 
ATOM   282  C CD1 . LEU A 1 44  ? 8.31833   16.83054  -14.46149 1.000 41.94282 ? 302 LEU A CD1 1 
ATOM   283  C CD2 . LEU A 1 44  ? 10.15759  18.50974  -14.92251 1.000 43.29718 ? 302 LEU A CD2 1 
ATOM   284  N N   . SER A 1 45  ? 9.06432   20.84091  -10.41258 1.000 34.02779 ? 303 SER A N   1 
ATOM   285  C CA  . SER A 1 45  ? 8.36171   21.93781  -9.77269  1.000 42.29699 ? 303 SER A CA  1 
ATOM   286  C C   . SER A 1 45  ? 8.99317   23.27910  -10.10304 1.000 45.23187 ? 303 SER A C   1 
ATOM   287  O O   . SER A 1 45  ? 10.18200  23.48835  -9.84499  1.000 44.56395 ? 303 SER A O   1 
ATOM   288  C CB  . SER A 1 45  ? 8.35221   21.74161  -8.25552  1.000 45.06527 ? 303 SER A CB  1 
ATOM   289  O OG  . SER A 1 45  ? 7.96141   22.93098  -7.61420  1.000 45.44520 ? 303 SER A OG  1 
ATOM   290  N N   . ASN A 1 46  ? 8.18637   24.18183  -10.65498 1.000 42.67109 ? 304 ASN A N   1 
ATOM   291  C CA  . ASN A 1 46  ? 8.64747   25.52145  -11.02141 1.000 47.43248 ? 304 ASN A CA  1 
ATOM   292  C C   . ASN A 1 46  ? 9.09810   26.35027  -9.80641  1.000 45.95087 ? 304 ASN A C   1 
ATOM   293  O O   . ASN A 1 46  ? 9.94477   27.24058  -9.92179  1.000 45.75897 ? 304 ASN A O   1 
ATOM   294  C CB  . ASN A 1 46  ? 7.53655   26.26427  -11.78477 1.000 43.14806 ? 304 ASN A CB  1 
ATOM   295  C CG  . ASN A 1 46  ? 7.38404   25.76748  -13.20942 1.000 46.97217 ? 304 ASN A CG  1 
ATOM   296  O OD1 . ASN A 1 46  ? 8.35529   25.34680  -13.83082 1.000 44.34355 ? 304 ASN A OD1 1 
ATOM   297  N ND2 . ASN A 1 46  ? 6.16780   25.79657  -13.72622 1.000 42.22844 ? 304 ASN A ND2 1 
ATOM   298  N N   . HIS A 1 47  ? 8.53003   26.06315  -8.63923  1.000 46.07402 ? 305 HIS A N   1 
ATOM   299  C CA  . HIS A 1 47  ? 8.77774   26.91205  -7.46983  1.000 48.20421 ? 305 HIS A CA  1 
ATOM   300  C C   . HIS A 1 47  ? 9.16994   26.18918  -6.18411  1.000 44.06615 ? 305 HIS A C   1 
ATOM   301  O O   . HIS A 1 47  ? 9.38890   26.85024  -5.17231  1.000 43.68865 ? 305 HIS A O   1 
ATOM   302  C CB  . HIS A 1 47  ? 7.54181   27.77344  -7.17065  1.000 45.78550 ? 305 HIS A CB  1 
ATOM   303  C CG  . HIS A 1 47  ? 6.97991   28.48040  -8.38159  1.000 50.54813 ? 305 HIS A CG  1 
ATOM   304  N ND1 . HIS A 1 47  ? 7.60613   29.54206  -8.96772  1.000 46.23589 ? 305 HIS A ND1 1 
ATOM   305  C CD2 . HIS A 1 47  ? 5.83848   28.25308  -9.08024  1.000 47.83738 ? 305 HIS A CD2 1 
ATOM   306  C CE1 . HIS A 1 47  ? 6.87297   29.96314  -10.00534 1.000 45.83477 ? 305 HIS A CE1 1 
ATOM   307  N NE2 . HIS A 1 47  ? 5.80867   29.20164  -10.08176 1.000 54.66799 ? 305 HIS A NE2 1 
ATOM   308  N N   . TYR A 1 48  ? 9.24194   24.85926  -6.18467  1.000 40.70394 ? 306 TYR A N   1 
ATOM   309  C CA  . TYR A 1 48  ? 9.50382   24.16706  -4.91438  1.000 44.73733 ? 306 TYR A CA  1 
ATOM   310  C C   . TYR A 1 48  ? 10.80292  23.38059  -5.08957  1.000 42.24452 ? 306 TYR A C   1 
ATOM   311  O O   . TYR A 1 48  ? 11.07528  22.88523  -6.18108  1.000 46.80301 ? 306 TYR A O   1 
ATOM   312  C CB  . TYR A 1 48  ? 8.35653   23.21122  -4.51533  1.000 48.86416 ? 306 TYR A CB  1 
ATOM   313  C CG  . TYR A 1 48  ? 6.96214   23.83690  -4.41119  1.000 57.42562 ? 306 TYR A CG  1 
ATOM   314  C CD1 . TYR A 1 48  ? 6.76941   25.21985  -4.48530  1.000 62.03611 ? 306 TYR A CD1 1 
ATOM   315  C CD2 . TYR A 1 48  ? 5.83476   23.03722  -4.22328  1.000 63.64757 ? 306 TYR A CD2 1 
ATOM   316  C CE1 . TYR A 1 48  ? 5.49442   25.78607  -4.41171  1.000 62.79261 ? 306 TYR A CE1 1 
ATOM   317  C CE2 . TYR A 1 48  ? 4.55288   23.59279  -4.13029  1.000 68.35315 ? 306 TYR A CE2 1 
ATOM   318  C CZ  . TYR A 1 48  ? 4.39178   24.96955  -4.22622  1.000 69.72895 ? 306 TYR A CZ  1 
ATOM   319  O OH  . TYR A 1 48  ? 3.13159   25.53327  -4.13554  1.000 73.61378 ? 306 TYR A OH  1 
ATOM   320  N N   . GLY A 1 49  ? 11.60118  23.26292  -4.03032  1.000 46.69666 ? 307 GLY A N   1 
ATOM   321  C CA  . GLY A 1 49  ? 12.81211  22.44566  -4.05947  1.000 43.76720 ? 307 GLY A CA  1 
ATOM   322  C C   . GLY A 1 49  ? 14.05842  23.06666  -4.68519  1.000 45.85062 ? 307 GLY A C   1 
ATOM   323  O O   . GLY A 1 49  ? 14.08970  24.24728  -5.02274  1.000 45.21820 ? 307 GLY A O   1 
ATOM   324  N N   . ILE A 1 50  ? 15.08517  22.24081  -4.84747  1.000 49.74200 ? 308 ILE A N   1 
ATOM   325  C CA  . ILE A 1 50  ? 16.38974  22.63593  -5.36148  1.000 45.94421 ? 308 ILE A CA  1 
ATOM   326  C C   . ILE A 1 50  ? 16.42951  22.66506  -6.88632  1.000 44.03503 ? 308 ILE A C   1 
ATOM   327  O O   . ILE A 1 50  ? 15.87921  21.78287  -7.53511  1.000 47.90434 ? 308 ILE A O   1 
ATOM   328  C CB  . ILE A 1 50  ? 17.46816  21.68006  -4.82069  1.000 46.05412 ? 308 ILE A CB  1 
ATOM   329  C CG1 . ILE A 1 50  ? 17.60842  21.87722  -3.31716  1.000 52.18942 ? 308 ILE A CG1 1 
ATOM   330  C CG2 . ILE A 1 50  ? 18.79747  21.85794  -5.54593  1.000 48.44242 ? 308 ILE A CG2 1 
ATOM   331  C CD1 . ILE A 1 50  ? 17.77315  23.33636  -2.92613  1.000 53.44895 ? 308 ILE A CD1 1 
ATOM   332  N N   . ARG A 1 51  ? 17.08190  23.67930  -7.44856  1.000 46.68959 ? 309 ARG A N   1 
ATOM   333  C CA  . ARG A 1 51  ? 17.28762  23.77986  -8.90005  1.000 48.83422 ? 309 ARG A CA  1 
ATOM   334  C C   . ARG A 1 51  ? 17.91579  22.50604  -9.46170  1.000 44.15348 ? 309 ARG A C   1 
ATOM   335  O O   . ARG A 1 51  ? 18.95975  22.04664  -8.98021  1.000 43.94620 ? 309 ARG A O   1 
ATOM   336  C CB  . ARG A 1 51  ? 18.17643  24.99188  -9.23134  1.000 47.41278 ? 309 ARG A CB  1 
ATOM   337  C CG  . ARG A 1 51  ? 18.06085  25.47539  -10.67226 1.000 53.92895 ? 309 ARG A CG  1 
ATOM   338  C CD  . ARG A 1 51  ? 19.14905  26.48826  -11.05286 1.000 61.49798 ? 309 ARG A CD  1 
ATOM   339  N NE  . ARG A 1 51  ? 20.40748  25.83356  -11.41523 1.000 63.91569 ? 309 ARG A NE  1 
ATOM   340  C CZ  . ARG A 1 51  ? 21.46009  25.73120  -10.60694 1.000 58.65693 ? 309 ARG A CZ  1 
ATOM   341  N NH1 . ARG A 1 51  ? 21.42805  26.26658  -9.39154  1.000 56.22282 ? 309 ARG A NH1 1 
ATOM   342  N NH2 . ARG A 1 51  ? 22.55180  25.09799  -11.01931 1.000 69.41891 ? 309 ARG A NH2 1 
ATOM   343  N N   . ALA A 1 52  ? 17.26803  21.91820  -10.45566 1.000 43.70810 ? 310 ALA A N   1 
ATOM   344  C CA  . ALA A 1 52  ? 17.82234  20.74959  -11.13015 1.000 41.53162 ? 310 ALA A CA  1 
ATOM   345  C C   . ALA A 1 52  ? 18.29372  21.15871  -12.52003 1.000 43.12620 ? 310 ALA A C   1 
ATOM   346  O O   . ALA A 1 52  ? 17.77538  22.11664  -13.08522 1.000 41.15089 ? 310 ALA A O   1 
ATOM   347  C CB  . ALA A 1 52  ? 16.79420  19.64577  -11.21169 1.000 39.41794 ? 310 ALA A CB  1 
ATOM   348  N N   . GLU A 1 53  ? 19.28215  20.44201  -13.05574 1.000 45.73828 ? 311 GLU A N   1 
ATOM   349  C CA  . GLU A 1 53  ? 19.75890  20.65588  -14.43018 1.000 41.10942 ? 311 GLU A CA  1 
ATOM   350  C C   . GLU A 1 53  ? 18.65690  20.25046  -15.39706 1.000 44.53918 ? 311 GLU A C   1 
ATOM   351  O O   . GLU A 1 53  ? 17.70758  19.55692  -14.99324 1.000 37.85469 ? 311 GLU A O   1 
ATOM   352  C CB  . GLU A 1 53  ? 21.02915  19.85839  -14.70618 1.000 41.68968 ? 311 GLU A CB  1 
ATOM   353  C CG  . GLU A 1 53  ? 22.21972  20.28031  -13.87527 1.000 40.56841 ? 311 GLU A CG  1 
ATOM   354  C CD  . GLU A 1 53  ? 22.55128  21.75008  -14.04850 1.000 49.94870 ? 311 GLU A CD  1 
ATOM   355  O OE1 . GLU A 1 53  ? 22.36924  22.26927  -15.17153 1.000 48.02794 ? 311 GLU A OE1 1 
ATOM   356  O OE2 . GLU A 1 53  ? 23.01125  22.37696  -13.06569 1.000 59.36864 ? 311 GLU A OE2 1 
ATOM   357  N N   . GLU A 1 54  ? 18.70982  20.79637  -16.61663 1.000 35.35160 ? 312 GLU A N   1 
ATOM   358  C CA  . GLU A 1 54  ? 17.66261  20.56498  -17.65088 1.000 40.56716 ? 312 GLU A CA  1 
ATOM   359  C C   . GLU A 1 54  ? 17.48461  19.06547  -17.90725 1.000 38.18073 ? 312 GLU A C   1 
ATOM   360  O O   . GLU A 1 54  ? 16.33964  18.63621  -18.15453 1.000 33.56168 ? 312 GLU A O   1 
ATOM   361  C CB  . GLU A 1 54  ? 18.02133  21.29925  -18.94444 1.000 43.98656 ? 312 GLU A CB  1 
ATOM   362  C CG  . GLU A 1 54  ? 16.93354  21.23018  -20.00141 1.000 56.46686 ? 312 GLU A CG  1 
ATOM   363  C CD  . GLU A 1 54  ? 15.51928  21.36840  -19.46564 1.000 55.74644 ? 312 GLU A CD  1 
ATOM   364  O OE1 . GLU A 1 54  ? 15.34899  22.00860  -18.40918 1.000 55.89293 ? 312 GLU A OE1 1 
ATOM   365  O OE2 . GLU A 1 54  ? 14.59134  20.83589  -20.10630 1.000 51.82364 ? 312 GLU A OE2 1 
ATOM   366  N N   . HIS A 1 55  ? 18.58346  18.31179  -17.84759 1.000 36.45188 ? 313 HIS A N   1 
ATOM   367  C CA  . HIS A 1 55  ? 18.57232  16.86273  -18.09938 1.000 41.39856 ? 313 HIS A CA  1 
ATOM   368  C C   . HIS A 1 55  ? 17.89127  16.04925  -16.97442 1.000 41.33541 ? 313 HIS A C   1 
ATOM   369  O O   . HIS A 1 55  ? 17.33708  14.97440  -17.22409 1.000 36.21946 ? 313 HIS A O   1 
ATOM   370  C CB  . HIS A 1 55  ? 19.99328  16.34655  -18.34866 1.000 40.15292 ? 313 HIS A CB  1 
ATOM   371  C CG  . HIS A 1 55  ? 20.81299  16.10916  -17.11782 1.000 37.60142 ? 313 HIS A CG  1 
ATOM   372  N ND1 . HIS A 1 55  ? 20.71119  14.96374  -16.35513 1.000 40.88850 ? 313 HIS A ND1 1 
ATOM   373  C CD2 . HIS A 1 55  ? 21.81666  16.83310  -16.56266 1.000 38.13975 ? 313 HIS A CD2 1 
ATOM   374  C CE1 . HIS A 1 55  ? 21.58178  15.01033  -15.36374 1.000 37.90856 ? 313 HIS A CE1 1 
ATOM   375  N NE2 . HIS A 1 55  ? 22.26136  16.14003  -15.46570 1.000 41.16610 ? 313 HIS A NE2 1 
ATOM   376  N N   . GLU A 1 56  ? 17.91809  16.56065  -15.74772 1.000 35.07123 ? 314 GLU A N   1 
ATOM   377  C CA  . GLU A 1 56  ? 17.22230  15.88906  -14.65915 1.000 39.03645 ? 314 GLU A CA  1 
ATOM   378  C C   . GLU A 1 56  ? 15.73223  16.12404  -14.86913 1.000 37.68245 ? 314 GLU A C   1 
ATOM   379  O O   . GLU A 1 56  ? 14.89130  15.25736  -14.60475 1.000 37.21009 ? 314 GLU A O   1 
ATOM   380  C CB  . GLU A 1 56  ? 17.67294  16.41552  -13.29886 1.000 34.66134 ? 314 GLU A CB  1 
ATOM   381  C CG  . GLU A 1 56  ? 19.12834  16.18991  -12.98077 1.000 34.06000 ? 314 GLU A CG  1 
ATOM   382  C CD  . GLU A 1 56  ? 19.56137  16.96115  -11.74352 1.000 39.77090 ? 314 GLU A CD  1 
ATOM   383  O OE1 . GLU A 1 56  ? 19.32199  16.46334  -10.62173 1.000 39.70467 ? 314 GLU A OE1 1 
ATOM   384  O OE2 . GLU A 1 56  ? 20.14873  18.06458  -11.88518 1.000 40.45065 ? 314 GLU A OE2 1 
ATOM   385  N N   . LYS A 1 57  ? 15.41739  17.30772  -15.37708 1.000 33.59934 ? 315 LYS A N   1 
ATOM   386  C CA  . LYS A 1 57  ? 14.03444  17.68694  -15.61661 1.000 36.23786 ? 315 LYS A CA  1 
ATOM   387  C C   . LYS A 1 57  ? 13.42727  16.82746  -16.70787 1.000 40.79705 ? 315 LYS A C   1 
ATOM   388  O O   . LYS A 1 57  ? 12.27569  16.41835  -16.60333 1.000 38.85011 ? 315 LYS A O   1 
ATOM   389  C CB  . LYS A 1 57  ? 13.94096  19.16528  -15.97005 1.000 37.32017 ? 315 LYS A CB  1 
ATOM   390  C CG  . LYS A 1 57  ? 13.82761  20.02720  -14.73264 1.000 47.07329 ? 315 LYS A CG  1 
ATOM   391  C CD  . LYS A 1 57  ? 13.49760  21.47686  -15.06123 1.000 39.63791 ? 315 LYS A CD  1 
ATOM   392  C CE  . LYS A 1 57  ? 14.74792  22.19546  -15.50084 1.000 48.41568 ? 315 LYS A CE  1 
ATOM   393  N NZ  . LYS A 1 57  ? 15.65760  22.47896  -14.34939 1.000 52.90972 ? 315 LYS A NZ  1 
ATOM   394  N N   . GLN A 1 58  ? 14.21295  16.53763  -17.74109 1.000 36.66084 ? 316 GLN A N   1 
ATOM   395  C CA  . GLN A 1 58  ? 13.76682  15.66428  -18.82039 1.000 39.46513 ? 316 GLN A CA  1 
ATOM   396  C C   . GLN A 1 58  ? 13.65903  14.20471  -18.35342 1.000 38.55007 ? 316 GLN A C   1 
ATOM   397  O O   . GLN A 1 58  ? 12.73579  13.48701  -18.74134 1.000 42.02698 ? 316 GLN A O   1 
ATOM   398  C CB  . GLN A 1 58  ? 14.70296  15.80898  -20.03074 1.000 36.57022 ? 316 GLN A CB  1 
ATOM   399  C CG  . GLN A 1 58  ? 14.33026  14.93148  -21.21208 1.000 45.54608 ? 316 GLN A CG  1 
ATOM   400  C CD  . GLN A 1 58  ? 12.88631  15.13855  -21.63320 1.000 48.87432 ? 316 GLN A CD  1 
ATOM   401  O OE1 . GLN A 1 58  ? 12.04619  14.25531  -21.45197 1.000 49.48626 ? 316 GLN A OE1 1 
ATOM   402  N NE2 . GLN A 1 58  ? 12.56767  16.34682  -22.08606 1.000 56.36295 ? 316 GLN A NE2 1 
ATOM   403  N N   . THR A 1 59  ? 14.59593  13.77993  -17.50871 1.000 33.36216 ? 317 THR A N   1 
ATOM   404  C CA  . THR A 1 59  ? 14.51314  12.46739  -16.90560 1.000 39.91509 ? 317 THR A CA  1 
ATOM   405  C C   . THR A 1 59  ? 13.23437  12.37820  -16.06619 1.000 38.99506 ? 317 THR A C   1 
ATOM   406  O O   . THR A 1 59  ? 12.52473  11.37016  -16.09885 1.000 34.72695 ? 317 THR A O   1 
ATOM   407  C CB  . THR A 1 59  ? 15.73910  12.16715  -16.03278 1.000 38.20315 ? 317 THR A CB  1 
ATOM   408  O OG1 . THR A 1 59  ? 16.92383  12.13628  -16.85312 1.000 37.75665 ? 317 THR A OG1 1 
ATOM   409  C CG2 . THR A 1 59  ? 15.56446  10.83823  -15.31146 1.000 36.48119 ? 317 THR A CG2 1 
ATOM   410  N N   . ALA A 1 60  ? 12.93847  13.44665  -15.33131 1.000 35.79269 ? 318 ALA A N   1 
ATOM   411  C CA  . ALA A 1 60  ? 11.75652  13.46952  -14.47504 1.000 36.36462 ? 318 ALA A CA  1 
ATOM   412  C C   . ALA A 1 60  ? 10.47266  13.29359  -15.27085 1.000 34.74095 ? 318 ALA A C   1 
ATOM   413  O O   . ALA A 1 60  ? 9.60099   12.52789  -14.86890 1.000 36.98430 ? 318 ALA A O   1 
ATOM   414  C CB  . ALA A 1 60  ? 11.70390  14.75664  -13.67222 1.000 30.54089 ? 318 ALA A CB  1 
ATOM   415  N N   . ARG A 1 61  ? 10.34511  13.99216  -16.39330 1.000 35.00626 ? 319 ARG A N   1 
ATOM   416  C CA  . ARG A 1 61  ? 9.13246   13.86219  -17.21029 1.000 35.36012 ? 319 ARG A CA  1 
ATOM   417  C C   . ARG A 1 61  ? 8.91137   12.41517  -17.66728 1.000 37.53100 ? 319 ARG A C   1 
ATOM   418  O O   . ARG A 1 61  ? 7.77829   11.90123  -17.65262 1.000 37.96832 ? 319 ARG A O   1 
ATOM   419  C CB  . ARG A 1 61  ? 9.20151   14.79523  -18.41841 1.000 39.92571 ? 319 ARG A CB  1 
ATOM   420  C CG  . ARG A 1 61  ? 9.26018   16.25467  -18.03643 1.000 41.41309 ? 319 ARG A CG  1 
ATOM   421  C CD  . ARG A 1 61  ? 9.20813   17.18272  -19.24106 1.000 48.02666 ? 319 ARG A CD  1 
ATOM   422  N NE  . ARG A 1 61  ? 9.56164   18.53360  -18.82811 1.000 53.21261 ? 319 ARG A NE  1 
ATOM   423  C CZ  . ARG A 1 61  ? 10.76173  19.07255  -18.99476 1.000 46.90550 ? 319 ARG A CZ  1 
ATOM   424  N NH1 . ARG A 1 61  ? 11.72293  18.37732  -19.59307 1.000 43.75538 ? 319 ARG A NH1 1 
ATOM   425  N NH2 . ARG A 1 61  ? 10.99776  20.30767  -18.56215 1.000 45.32975 ? 319 ARG A NH2 1 
ATOM   426  N N   . GLU A 1 62  ? 9.99740   11.74040  -18.04400 1.000 35.40729 ? 320 GLU A N   1 
ATOM   427  C CA  . GLU A 1 62  ? 9.88328   10.37966  -18.54958 1.000 39.15512 ? 320 GLU A CA  1 
ATOM   428  C C   . GLU A 1 62  ? 9.53891   9.39354   -17.42834 1.000 38.99984 ? 320 GLU A C   1 
ATOM   429  O O   . GLU A 1 62  ? 8.74531   8.47898   -17.62455 1.000 38.48465 ? 320 GLU A O   1 
ATOM   430  C CB  . GLU A 1 62  ? 11.18138  9.95916   -19.24611 1.000 46.37011 ? 320 GLU A CB  1 
ATOM   431  C CG  . GLU A 1 62  ? 11.24493  10.33111  -20.71748 1.000 46.40939 ? 320 GLU A CG  1 
ATOM   432  C CD  . GLU A 1 62  ? 12.63013  10.12923  -21.31299 1.000 57.49644 ? 320 GLU A CD  1 
ATOM   433  O OE1 . GLU A 1 62  ? 13.02344  8.95725   -21.51239 1.000 67.02711 ? 320 GLU A OE1 1 
ATOM   434  O OE2 . GLU A 1 62  ? 13.33138  11.13969  -21.56988 1.000 55.07401 ? 320 GLU A OE2 1 
ATOM   435  N N   . GLU A 1 63  ? 10.13673  9.56751   -16.25718 1.000 37.71707 ? 321 GLU A N   1 
ATOM   436  C CA  . GLU A 1 63  ? 9.80783   8.69320   -15.13821 1.000 35.45943 ? 321 GLU A CA  1 
ATOM   437  C C   . GLU A 1 63  ? 8.36703   8.87540   -14.71972 1.000 34.77166 ? 321 GLU A C   1 
ATOM   438  O O   . GLU A 1 63  ? 7.66074   7.89509   -14.48695 1.000 35.71153 ? 321 GLU A O   1 
ATOM   439  C CB  . GLU A 1 63  ? 10.72181  8.95496   -13.94427 1.000 38.53715 ? 321 GLU A CB  1 
ATOM   440  C CG  . GLU A 1 63  ? 12.15945  8.59539   -14.20659 1.000 40.34804 ? 321 GLU A CG  1 
ATOM   441  C CD  . GLU A 1 63  ? 12.44664  7.16052   -13.86607 1.000 48.05266 ? 321 GLU A CD  1 
ATOM   442  O OE1 . GLU A 1 63  ? 11.88409  6.67596   -12.85814 1.000 55.15955 ? 321 GLU A OE1 1 
ATOM   443  O OE2 . GLU A 1 63  ? 13.22327  6.51313   -14.60443 1.000 47.86926 ? 321 GLU A OE2 1 
ATOM   444  N N   . LEU A 1 64  ? 7.93352   10.13289  -14.62553 1.000 32.94062 ? 322 LEU A N   1 
ATOM   445  C CA  . LEU A 1 64  ? 6.60203   10.45014  -14.14008 1.000 34.53939 ? 322 LEU A CA  1 
ATOM   446  C C   . LEU A 1 64  ? 5.51916   9.88284   -15.05640 1.000 37.81474 ? 322 LEU A C   1 
ATOM   447  O O   . LEU A 1 64  ? 4.38789   9.63324   -14.62442 1.000 37.68805 ? 322 LEU A O   1 
ATOM   448  C CB  . LEU A 1 64  ? 6.44152   11.96868  -13.99701 1.000 36.96144 ? 322 LEU A CB  1 
ATOM   449  C CG  . LEU A 1 64  ? 7.20039   12.50986  -12.78498 1.000 40.03854 ? 322 LEU A CG  1 
ATOM   450  C CD1 . LEU A 1 64  ? 6.96992   14.00129  -12.62163 1.000 39.87463 ? 322 LEU A CD1 1 
ATOM   451  C CD2 . LEU A 1 64  ? 6.79278   11.74985  -11.51157 1.000 38.93958 ? 322 LEU A CD2 1 
ATOM   452  N N   . SER A 1 65  ? 5.87731   9.67575   -16.31914 1.000 38.24485 ? 323 SER A N   1 
ATOM   453  C CA  . SER A 1 65  ? 4.97353   9.09571   -17.30747 1.000 42.98891 ? 323 SER A CA  1 
ATOM   454  C C   . SER A 1 65  ? 4.78852   7.58624   -17.10484 1.000 42.81957 ? 323 SER A C   1 
ATOM   455  O O   . SER A 1 65  ? 3.93982   6.97427   -17.74488 1.000 38.60240 ? 323 SER A O   1 
ATOM   456  C CB  . SER A 1 65  ? 5.47931   9.39208   -18.73237 1.000 45.52629 ? 323 SER A CB  1 
ATOM   457  O OG  . SER A 1 65  ? 6.54448   8.52505   -19.10891 1.000 40.79949 ? 323 SER A OG  1 
ATOM   458  N N   . LYS A 1 66  ? 5.55861   6.98527   -16.19842 1.000 37.00870 ? 324 LYS A N   1 
ATOM   459  C CA  . LYS A 1 66  ? 5.35962   5.58014   -15.90539 1.000 36.70289 ? 324 LYS A CA  1 
ATOM   460  C C   . LYS A 1 66  ? 4.21588   5.37376   -14.92731 1.000 37.62011 ? 324 LYS A C   1 
ATOM   461  O O   . LYS A 1 66  ? 3.84647   4.24634   -14.64457 1.000 43.91898 ? 324 LYS A O   1 
ATOM   462  C CB  . LYS A 1 66  ? 6.64136   4.95377   -15.34678 1.000 43.62570 ? 324 LYS A CB  1 
ATOM   463  C CG  . LYS A 1 66  ? 7.72844   4.71438   -16.38931 1.000 43.54436 ? 324 LYS A CG  1 
ATOM   464  C CD  . LYS A 1 66  ? 9.03205   4.28584   -15.72363 1.000 48.38185 ? 324 LYS A CD  1 
ATOM   465  C CE  . LYS A 1 66  ? 10.13163  4.14482   -16.76099 1.000 46.51565 ? 324 LYS A CE  1 
ATOM   466  N NZ  . LYS A 1 66  ? 11.42680  3.74300   -16.14912 1.000 55.32189 ? 324 LYS A NZ  1 
ATOM   467  N N   . PHE A 1 67  ? 3.64355   6.45836   -14.41941 1.000 31.64147 ? 325 PHE A N   1 
ATOM   468  C CA  . PHE A 1 67  ? 2.65077   6.35062   -13.35006 1.000 37.15415 ? 325 PHE A CA  1 
ATOM   469  C C   . PHE A 1 67  ? 1.32232   6.95248   -13.77935 1.000 35.67109 ? 325 PHE A C   1 
ATOM   470  O O   . PHE A 1 67  ? 1.29979   7.98718   -14.43785 1.000 37.36829 ? 325 PHE A O   1 
ATOM   471  C CB  . PHE A 1 67  ? 3.15671   7.03708   -12.07704 1.000 34.52679 ? 325 PHE A CB  1 
ATOM   472  C CG  . PHE A 1 67  ? 4.44329   6.44749   -11.54545 1.000 40.03725 ? 325 PHE A CG  1 
ATOM   473  C CD1 . PHE A 1 67  ? 5.67594   6.92783   -11.98085 1.000 35.22059 ? 325 PHE A CD1 1 
ATOM   474  C CD2 . PHE A 1 67  ? 4.42226   5.40415   -10.62824 1.000 35.46119 ? 325 PHE A CD2 1 
ATOM   475  C CE1 . PHE A 1 67  ? 6.85602   6.37810   -11.51409 1.000 31.38286 ? 325 PHE A CE1 1 
ATOM   476  C CE2 . PHE A 1 67  ? 5.60633   4.84742   -10.16046 1.000 33.87482 ? 325 PHE A CE2 1 
ATOM   477  C CZ  . PHE A 1 67  ? 6.81703   5.34689   -10.59248 1.000 37.67427 ? 325 PHE A CZ  1 
ATOM   478  N N   . SER A 1 68  ? 0.22053   6.30694   -13.39928 1.000 34.08664 ? 326 SER A N   1 
ATOM   479  C CA  . SER A 1 68  ? -1.10760  6.78817   -13.77727 1.000 36.60762 ? 326 SER A CA  1 
ATOM   480  C C   . SER A 1 68  ? -2.13441  6.45046   -12.72491 1.000 30.80345 ? 326 SER A C   1 
ATOM   481  O O   . SER A 1 68  ? -1.89085  5.65504   -11.82764 1.000 31.51462 ? 326 SER A O   1 
ATOM   482  C CB  . SER A 1 68  ? -1.54270  6.19932   -15.12195 1.000 35.42122 ? 326 SER A CB  1 
ATOM   483  O OG  . SER A 1 68  ? -1.54391  4.77909   -15.06975 1.000 32.37917 ? 326 SER A OG  1 
ATOM   484  N N   . LYS A 1 69  ? -3.27849  7.10215   -12.83363 1.000 31.57557 ? 327 LYS A N   1 
ATOM   485  C CA  . LYS A 1 69  ? -4.40768  6.84890   -11.97989 1.000 33.88355 ? 327 LYS A CA  1 
ATOM   486  C C   . LYS A 1 69  ? -4.77392  5.36811   -12.05450 1.000 34.54313 ? 327 LYS A C   1 
ATOM   487  O O   . LYS A 1 69  ? -5.05608  4.74285   -11.04337 1.000 32.92488 ? 327 LYS A O   1 
ATOM   488  C CB  . LYS A 1 69  ? -5.58164  7.74335   -12.41096 1.000 36.23072 ? 327 LYS A CB  1 
ATOM   489  C CG  . LYS A 1 69  ? -6.81881  7.68356   -11.54209 1.000 36.01159 ? 327 LYS A CG  1 
ATOM   490  C CD  . LYS A 1 69  ? -7.83230  8.66478   -12.07611 1.000 43.61765 ? 327 LYS A CD  1 
ATOM   491  C CE  . LYS A 1 69  ? -9.05172  8.70174   -11.18959 1.000 47.77973 ? 327 LYS A CE  1 
ATOM   492  N NZ  . LYS A 1 69  ? -10.11687 7.79414   -11.70142 1.000 52.71830 ? 327 LYS A NZ  1 
ATOM   493  N N   . ASP A 1 70  ? -4.74321  4.81027   -13.26021 1.000 35.18837 ? 328 ASP A N   1 
ATOM   494  C CA  . ASP A 1 70  ? -5.11654  3.40591   -13.47373 1.000 37.20847 ? 328 ASP A CA  1 
ATOM   495  C C   . ASP A 1 70  ? -4.10862  2.44740   -12.83981 1.000 31.95006 ? 328 ASP A C   1 
ATOM   496  O O   . ASP A 1 70  ? -4.49986  1.44957   -12.23129 1.000 32.92047 ? 328 ASP A O   1 
ATOM   497  C CB  . ASP A 1 70  ? -5.24868  3.09203   -14.97135 1.000 32.80173 ? 328 ASP A CB  1 
ATOM   498  C CG  . ASP A 1 70  ? -5.64320  1.63929   -15.23122 1.000 32.70738 ? 328 ASP A CG  1 
ATOM   499  O OD1 . ASP A 1 70  ? -6.85472  1.32078   -15.08623 1.000 33.13209 ? 328 ASP A OD1 1 
ATOM   500  O OD2 . ASP A 1 70  ? -4.74758  0.82298   -15.56988 1.000 33.24061 ? 328 ASP A OD2 1 
ATOM   501  N N   . LYS A 1 71  ? -2.81727  2.74024   -12.98864 1.000 33.69518 ? 329 LYS A N   1 
ATOM   502  C CA  . LYS A 1 71  ? -1.80722  1.92815   -12.32521 1.000 33.53176 ? 329 LYS A CA  1 
ATOM   503  C C   . LYS A 1 71  ? -2.07957  1.89675   -10.82401 1.000 34.08052 ? 329 LYS A C   1 
ATOM   504  O O   . LYS A 1 71  ? -2.01736  0.83167   -10.19959 1.000 30.47619 ? 329 LYS A O   1 
ATOM   505  C CB  . LYS A 1 71  ? -0.39057  2.45092   -12.61118 1.000 36.67295 ? 329 LYS A CB  1 
ATOM   506  C CG  . LYS A 1 71  ? 0.69400   1.76592   -11.79017 1.000 44.18453 ? 329 LYS A CG  1 
ATOM   507  C CD  . LYS A 1 71  ? 2.01127   2.50518   -11.89502 1.000 45.30234 ? 329 LYS A CD  1 
ATOM   508  C CE  . LYS A 1 71  ? 2.87674   2.24503   -10.66876 1.000 41.13189 ? 329 LYS A CE  1 
ATOM   509  N NZ  . LYS A 1 71  ? 3.09733   0.79258   -10.42961 1.000 47.79922 ? 329 LYS A NZ  1 
ATOM   510  N N   . LEU A 1 72  ? -2.41599  3.05035   -10.24441 1.000 34.14888 ? 330 LEU A N   1 
ATOM   511  C CA  . LEU A 1 72  ? -2.62651  3.13408   -8.78493  1.000 32.60065 ? 330 LEU A CA  1 
ATOM   512  C C   . LEU A 1 72  ? -3.84111  2.32598   -8.33488  1.000 35.32250 ? 330 LEU A C   1 
ATOM   513  O O   . LEU A 1 72  ? -3.77786  1.57205   -7.35072  1.000 30.50803 ? 330 LEU A O   1 
ATOM   514  C CB  . LEU A 1 72  ? -2.78297  4.59559   -8.33500  1.000 31.24354 ? 330 LEU A CB  1 
ATOM   515  C CG  . LEU A 1 72  ? -2.93750  4.90690   -6.83235  1.000 34.43585 ? 330 LEU A CG  1 
ATOM   516  C CD1 . LEU A 1 72  ? -1.92749  4.18918   -5.96959  1.000 26.27823 ? 330 LEU A CD1 1 
ATOM   517  C CD2 . LEU A 1 72  ? -2.80366  6.39762   -6.62742  1.000 36.09318 ? 330 LEU A CD2 1 
ATOM   518  N N   . GLU A 1 73  ? -4.94891  2.50030   -9.05337  1.000 32.75494 ? 331 GLU A N   1 
ATOM   519  C CA  . GLU A 1 73  ? -6.15943  1.72490   -8.81242  1.000 36.10264 ? 331 GLU A CA  1 
ATOM   520  C C   . GLU A 1 73  ? -5.89079  0.23436   -8.93172  1.000 34.03868 ? 331 GLU A C   1 
ATOM   521  O O   . GLU A 1 73  ? -6.29623  -0.53705  -8.06378  1.000 31.88139 ? 331 GLU A O   1 
ATOM   522  C CB  . GLU A 1 73  ? -7.27438  2.11537   -9.80057  1.000 35.30243 ? 331 GLU A CB  1 
ATOM   523  C CG  . GLU A 1 73  ? -8.03200  3.34867   -9.41180  1.000 37.72050 ? 331 GLU A CG  1 
ATOM   524  C CD  . GLU A 1 73  ? -8.79923  3.93958   -10.56701 1.000 41.62887 ? 331 GLU A CD  1 
ATOM   525  O OE1 . GLU A 1 73  ? -9.04526  3.21482   -11.55287 1.000 46.03430 ? 331 GLU A OE1 1 
ATOM   526  O OE2 . GLU A 1 73  ? -9.12969  5.14222   -10.49508 1.000 48.46934 ? 331 GLU A OE2 1 
ATOM   527  N N   . ALA A 1 74  ? -5.23727  -0.17162  -10.01495 1.000 30.34869 ? 332 ALA A N   1 
ATOM   528  C CA  . ALA A 1 74  ? -4.91804  -1.58070  -10.20835 1.000 35.39402 ? 332 ALA A CA  1 
ATOM   529  C C   . ALA A 1 74  ? -4.12578  -2.12032  -9.03007  1.000 35.73715 ? 332 ALA A C   1 
ATOM   530  O O   . ALA A 1 74  ? -4.41126  -3.20130  -8.51798  1.000 33.16796 ? 332 ALA A O   1 
ATOM   531  C CB  . ALA A 1 74  ? -4.14370  -1.78333  -11.49244 1.000 34.17880 ? 332 ALA A CB  1 
ATOM   532  N N   . ASP A 1 75  ? -3.12559  -1.34241  -8.60285  1.000 35.19576 ? 333 ASP A N   1 
ATOM   533  C CA  . ASP A 1 75  ? -2.25183  -1.72434  -7.46076  1.000 34.61949 ? 333 ASP A CA  1 
ATOM   534  C C   . ASP A 1 75  ? -3.11055  -1.91878  -6.20546  1.000 31.26451 ? 333 ASP A C   1 
ATOM   535  O O   . ASP A 1 75  ? -2.96766  -2.97161  -5.55230  1.000 30.32509 ? 333 ASP A O   1 
ATOM   536  C CB  . ASP A 1 75  ? -1.14524  -0.69077  -7.23648  1.000 37.96661 ? 333 ASP A CB  1 
ATOM   537  C CG  . ASP A 1 75  ? -0.01805  -0.78382  -8.25131  1.000 37.43394 ? 333 ASP A CG  1 
ATOM   538  O OD1 . ASP A 1 75  ? -0.01802  -1.75064  -9.03813  1.000 38.51136 ? 333 ASP A OD1 1 
ATOM   539  O OD2 . ASP A 1 75  ? 0.84914   0.11206   -8.24642  1.000 38.84207 ? 333 ASP A OD2 1 
ATOM   540  N N   . LEU A 1 76  ? -3.96337  -0.93912  -5.88748  1.000 32.58096 ? 334 LEU A N   1 
ATOM   541  C CA  . LEU A 1 76  ? -4.81879  -1.02791  -4.71217  1.000 34.59549 ? 334 LEU A CA  1 
ATOM   542  C C   . LEU A 1 76  ? -5.77153  -2.22673  -4.79164  1.000 32.52034 ? 334 LEU A C   1 
ATOM   543  O O   . LEU A 1 76  ? -5.99033  -2.90514  -3.78424  1.000 31.18797 ? 334 LEU A O   1 
ATOM   544  C CB  . LEU A 1 76  ? -5.60428  0.26217   -4.52957  1.000 28.14500 ? 334 LEU A CB  1 
ATOM   545  C CG  . LEU A 1 76  ? -4.71260  1.41106   -4.04745  1.000 36.47223 ? 334 LEU A CG  1 
ATOM   546  C CD1 . LEU A 1 76  ? -5.40208  2.75994   -4.15432  1.000 31.55999 ? 334 LEU A CD1 1 
ATOM   547  C CD2 . LEU A 1 76  ? -4.23963  1.14352   -2.62801  1.000 33.21377 ? 334 LEU A CD2 1 
ATOM   548  N N   . LYS A 1 77  ? -6.32744  -2.49471  -5.97605  1.000 32.38212 ? 335 LYS A N   1 
ATOM   549  C CA  . LYS A 1 77  ? -7.20925  -3.66205  -6.15023  1.000 33.76359 ? 335 LYS A CA  1 
ATOM   550  C C   . LYS A 1 77  ? -6.43038  -4.95180  -5.85594  1.000 30.79292 ? 335 LYS A C   1 
ATOM   551  O O   . LYS A 1 77  ? -6.95708  -5.90120  -5.24158  1.000 29.65512 ? 335 LYS A O   1 
ATOM   552  C CB  . LYS A 1 77  ? -7.81580  -3.74834  -7.58299  1.000 31.02573 ? 335 LYS A CB  1 
ATOM   553  C CG  . LYS A 1 77  ? -8.40409  -2.46160  -8.23193  1.000 38.19754 ? 335 LYS A CG  1 
ATOM   554  C CD  . LYS A 1 77  ? -9.91768  -2.36280  -8.22851  1.000 41.90673 ? 335 LYS A CD  1 
ATOM   555  C CE  . LYS A 1 77  ? -10.43045 -1.04453  -8.82580  1.000 34.83431 ? 335 LYS A CE  1 
ATOM   556  N NZ  . LYS A 1 77  ? -10.77159 -1.09291  -10.29148 1.000 34.80812 ? 335 LYS A NZ  1 
ATOM   557  N N   . LYS A 1 78  ? -5.17851  -4.99788  -6.30736  1.000 29.00498 ? 336 LYS A N   1 
ATOM   558  C CA  . LYS A 1 78  ? -4.34741  -6.18499  -6.06774  1.000 30.13502 ? 336 LYS A CA  1 
ATOM   559  C C   . LYS A 1 78  ? -4.04983  -6.32688  -4.57306  1.000 32.77951 ? 336 LYS A C   1 
ATOM   560  O O   . LYS A 1 78  ? -4.08587  -7.42510  -4.03133  1.000 28.82425 ? 336 LYS A O   1 
ATOM   561  C CB  . LYS A 1 78  ? -3.02947  -6.12200  -6.84915  1.000 30.70764 ? 336 LYS A CB  1 
ATOM   562  C CG  . LYS A 1 78  ? -3.11439  -6.54136  -8.34397  1.000 36.00419 ? 336 LYS A CG  1 
ATOM   563  C CD  . LYS A 1 78  ? -2.11908  -5.71632  -9.16546  1.000 40.88943 ? 336 LYS A CD  1 
ATOM   564  C CE  . LYS A 1 78  ? -1.74208  -6.38179  -10.48305 1.000 50.41752 ? 336 LYS A CE  1 
ATOM   565  N NZ  . LYS A 1 78  ? -0.91027  -5.47837  -11.36362 1.000 54.50004 ? 336 LYS A NZ  1 
ATOM   566  N N   . LEU A 1 79  ? -3.74689  -5.20066  -3.92718  1.000 32.78483 ? 337 LEU A N   1 
ATOM   567  C CA  . LEU A 1 79  ? -3.44643  -5.18392  -2.49130  1.000 32.78563 ? 337 LEU A CA  1 
ATOM   568  C C   . LEU A 1 79  ? -4.65496  -5.68075  -1.72952  1.000 33.43579 ? 337 LEU A C   1 
ATOM   569  O O   . LEU A 1 79  ? -4.52664  -6.54415  -0.88013  1.000 26.94307 ? 337 LEU A O   1 
ATOM   570  C CB  . LEU A 1 79  ? -3.06487  -3.77750  -2.02332  1.000 28.97379 ? 337 LEU A CB  1 
ATOM   571  C CG  . LEU A 1 79  ? -2.88054  -3.55834  -0.51934  1.000 34.24408 ? 337 LEU A CG  1 
ATOM   572  C CD1 . LEU A 1 79  ? -1.76516  -4.50730  0.02352   1.000 28.26955 ? 337 LEU A CD1 1 
ATOM   573  C CD2 . LEU A 1 79  ? -2.59363  -2.07134  -0.20501  1.000 33.37248 ? 337 LEU A CD2 1 
ATOM   574  N N   . LEU A 1 80  ? -5.82730  -5.13778  -2.06670  1.000 34.37744 ? 338 LEU A N   1 
ATOM   575  C CA  . LEU A 1 80  ? -7.08993  -5.53821  -1.44461  1.000 33.33252 ? 338 LEU A CA  1 
ATOM   576  C C   . LEU A 1 80  ? -7.34866  -7.03822  -1.60511  1.000 33.86044 ? 338 LEU A C   1 
ATOM   577  O O   . LEU A 1 80  ? -7.76311  -7.71528  -0.66120  1.000 38.57071 ? 338 LEU A O   1 
ATOM   578  C CB  . LEU A 1 80  ? -8.24978  -4.73504  -2.04426  1.000 28.15776 ? 338 LEU A CB  1 
ATOM   579  C CG  . LEU A 1 80  ? -9.62909  -5.06248  -1.48052  1.000 36.91294 ? 338 LEU A CG  1 
ATOM   580  C CD1 . LEU A 1 80  ? -9.62955  -4.78703  -0.00531  1.000 37.26419 ? 338 LEU A CD1 1 
ATOM   581  C CD2 . LEU A 1 80  ? -10.70335 -4.23800  -2.17748  1.000 36.64627 ? 338 LEU A CD2 1 
ATOM   582  N N   . SER A 1 81  ? -7.09964  -7.56816  -2.79452  1.000 36.53904 ? 339 SER A N   1 
ATOM   583  C CA  . SER A 1 81  ? -7.24247  -9.00932  -3.00137  1.000 36.39585 ? 339 SER A CA  1 
ATOM   584  C C   . SER A 1 81  ? -6.33402  -9.82072  -2.04550  1.000 35.27833 ? 339 SER A C   1 
ATOM   585  O O   . SER A 1 81  ? -6.78381  -10.79500 -1.45335  1.000 34.81333 ? 339 SER A O   1 
ATOM   586  C CB  . SER A 1 81  ? -6.93845  -9.37359  -4.45875  1.000 32.69322 ? 339 SER A CB  1 
ATOM   587  O OG  . SER A 1 81  ? -7.02931  -10.77367 -4.66192  1.000 39.43972 ? 339 SER A OG  1 
ATOM   588  N N   . GLU A 1 82  ? -5.07100  -9.42803  -1.88261  1.000 31.54075 ? 340 GLU A N   1 
ATOM   589  C CA  . GLU A 1 82  ? -4.18384  -10.17748 -0.99728  1.000 32.90529 ? 340 GLU A CA  1 
ATOM   590  C C   . GLU A 1 82  ? -4.55661  -9.99835  0.45125   1.000 33.22788 ? 340 GLU A C   1 
ATOM   591  O O   . GLU A 1 82  ? -4.27541  -10.86822 1.25529   1.000 35.54367 ? 340 GLU A O   1 
ATOM   592  C CB  . GLU A 1 82  ? -2.72104  -9.77297  -1.17218  1.000 37.17195 ? 340 GLU A CB  1 
ATOM   593  C CG  . GLU A 1 82  ? -2.12634  -10.06406 -2.53239  1.000 36.34022 ? 340 GLU A CG  1 
ATOM   594  C CD  . GLU A 1 82  ? -2.02545  -11.54280 -2.81668  1.000 39.31723 ? 340 GLU A CD  1 
ATOM   595  O OE1 . GLU A 1 82  ? -2.08383  -12.35636 -1.85901  1.000 42.40165 ? 340 GLU A OE1 1 
ATOM   596  O OE2 . GLU A 1 82  ? -1.90596  -11.89401 -4.01175  1.000 46.23673 ? 340 GLU A OE2 1 
ATOM   597  N N   . ILE A 1 83  ? -5.17905  -8.86967  0.79468   1.000 34.62607 ? 341 ILE A N   1 
ATOM   598  C CA  . ILE A 1 83  ? -5.61697  -8.64496  2.17373   1.000 34.99138 ? 341 ILE A CA  1 
ATOM   599  C C   . ILE A 1 83  ? -6.79821  -9.56487  2.45671   1.000 38.92148 ? 341 ILE A C   1 
ATOM   600  O O   . ILE A 1 83  ? -6.89208  -10.17667 3.54009   1.000 31.54361 ? 341 ILE A O   1 
ATOM   601  C CB  . ILE A 1 83  ? -5.99842  -7.17725  2.43021   1.000 33.33524 ? 341 ILE A CB  1 
ATOM   602  C CG1 . ILE A 1 83  ? -4.74083  -6.31786  2.60586   1.000 32.31637 ? 341 ILE A CG1 1 
ATOM   603  C CG2 . ILE A 1 83  ? -6.89914  -7.05862  3.66944   1.000 38.05423 ? 341 ILE A CG2 1 
ATOM   604  C CD1 . ILE A 1 83  ? -4.97598  -4.81631  2.37060   1.000 29.12436 ? 341 ILE A CD1 1 
ATOM   605  N N   . GLU A 1 84  ? -7.70266  -9.66513  1.48075   1.000 36.37570 ? 342 GLU A N   1 
ATOM   606  C CA  . GLU A 1 84  ? -8.88142  -10.52447 1.64013   1.000 38.39050 ? 342 GLU A CA  1 
ATOM   607  C C   . GLU A 1 84  ? -8.53064  -12.02961 1.65502   1.000 38.43095 ? 342 GLU A C   1 
ATOM   608  O O   . GLU A 1 84  ? -9.12646  -12.79826 2.40663   1.000 39.20560 ? 342 GLU A O   1 
ATOM   609  C CB  . GLU A 1 84  ? -9.92870  -10.18495 0.57342   1.000 46.40111 ? 342 GLU A CB  1 
ATOM   610  C CG  . GLU A 1 84  ? -10.58020 -8.81132  0.84633   1.000 48.39565 ? 342 GLU A CG  1 
ATOM   611  C CD  . GLU A 1 84  ? -11.60137 -8.38455  -0.21148  1.000 56.89662 ? 342 GLU A CD  1 
ATOM   612  O OE1 . GLU A 1 84  ? -11.70832 -9.05087  -1.26728  1.000 58.33097 ? 342 GLU A OE1 1 
ATOM   613  O OE2 . GLU A 1 84  ? -12.31600 -7.39035  0.04528   1.000 52.31025 ? 342 GLU A OE2 1 
ATOM   614  N N   . LYS A 1 85  ? -7.54608  -12.45541 0.87456   1.000 34.74936 ? 343 LYS A N   1 
ATOM   615  C CA  . LYS A 1 85  ? -7.01792  -13.80352 1.07623   1.000 36.46860 ? 343 LYS A CA  1 
ATOM   616  C C   . LYS A 1 85  ? -6.32543  -13.95451 2.43603   1.000 43.33452 ? 343 LYS A C   1 
ATOM   617  O O   . LYS A 1 85  ? -6.33390  -15.03811 3.02910   1.000 39.95009 ? 343 LYS A O   1 
ATOM   618  C CB  . LYS A 1 85  ? -6.06291  -14.21456 -0.05643  1.000 40.57758 ? 343 LYS A CB  1 
ATOM   619  C CG  . LYS A 1 85  ? -5.34749  -15.53591 0.26660   1.000 51.79056 ? 343 LYS A CG  1 
ATOM   620  C CD  . LYS A 1 85  ? -6.33502  -16.70243 0.41931   1.000 53.59115 ? 343 LYS A CD  1 
ATOM   621  C CE  . LYS A 1 85  ? -5.62796  -18.01341 0.71691   1.000 53.73652 ? 343 LYS A CE  1 
ATOM   622  N NZ  . LYS A 1 85  ? -5.00008  -17.96162 2.07478   1.000 57.90846 ? 343 LYS A NZ  1 
ATOM   623  N N   . SER A 1 86  ? -5.74245  -12.87001 2.94138   1.000 40.24396 ? 344 SER A N   1 
ATOM   624  C CA  . SER A 1 86  ? -5.11833  -12.91097 4.25747   1.000 41.18005 ? 344 SER A CA  1 
ATOM   625  C C   . SER A 1 86  ? -6.18545  -13.11817 5.34972   1.000 38.39330 ? 344 SER A C   1 
ATOM   626  O O   . SER A 1 86  ? -6.02729  -13.99953 6.18567   1.000 38.51131 ? 344 SER A O   1 
ATOM   627  C CB  . SER A 1 86  ? -4.28457  -11.64050 4.51357   1.000 35.74849 ? 344 SER A CB  1 
ATOM   628  O OG  . SER A 1 86  ? -3.03051  -11.71038 3.83143   1.000 32.29155 ? 344 SER A OG  1 
ATOM   629  N N   . LEU A 1 87  ? -7.26609  -12.33500 5.33306   1.000 34.22827 ? 345 LEU A N   1 
ATOM   630  C CA  . LEU A 1 87  ? -8.39743  -12.57171 6.22926   1.000 44.54772 ? 345 LEU A CA  1 
ATOM   631  C C   . LEU A 1 87  ? -8.88713  -14.01687 6.26837   1.000 48.45217 ? 345 LEU A C   1 
ATOM   632  O O   . LEU A 1 87  ? -9.07316  -14.58397 7.35009   1.000 50.38777 ? 345 LEU A O   1 
ATOM   633  C CB  . LEU A 1 87  ? -9.59548  -11.70663 5.85398   1.000 46.89178 ? 345 LEU A CB  1 
ATOM   634  C CG  . LEU A 1 87  ? -9.71593  -10.38098 6.58281   1.000 43.79969 ? 345 LEU A CG  1 
ATOM   635  C CD1 . LEU A 1 87  ? -8.72566  -9.42800  5.99778   1.000 51.34768 ? 345 LEU A CD1 1 
ATOM   636  C CD2 . LEU A 1 87  ? -11.12492 -9.81244  6.48480   1.000 50.79468 ? 345 LEU A CD2 1 
ATOM   637  N N   . ASN A 1 88  ? -9.12884  -14.58630 5.08527   1.000 43.82072 ? 346 ASN A N   1 
ATOM   638  C CA  . ASN A 1 88  ? -9.66659  -15.94712 4.96062   1.000 46.37395 ? 346 ASN A CA  1 
ATOM   639  C C   . ASN A 1 88  ? -8.74640  -16.94867 5.63162   1.000 49.11438 ? 346 ASN A C   1 
ATOM   640  O O   . ASN A 1 88  ? -9.19974  -17.81946 6.37521   1.000 52.97241 ? 346 ASN A O   1 
ATOM   641  C CB  . ASN A 1 88  ? -9.85146  -16.33964 3.48468   1.000 46.19934 ? 346 ASN A CB  1 
ATOM   642  C CG  . ASN A 1 88  ? -11.04098 -15.65240 2.83138   1.000 47.91366 ? 346 ASN A CG  1 
ATOM   643  O OD1 . ASN A 1 88  ? -11.81724 -14.95515 3.49541   1.000 56.09655 ? 346 ASN A OD1 1 
ATOM   644  N ND2 . ASN A 1 88  ? -11.17491 -15.82710 1.51742   1.000 43.98727 ? 346 ASN A ND2 1 
ATOM   645  N N   . ALA A 1 89  ? -7.45225  -16.82577 5.34258   1.000 44.10247 ? 347 ALA A N   1 
ATOM   646  C CA  . ALA A 1 89  ? -6.44561  -17.70051 5.92566   1.000 46.45192 ? 347 ALA A CA  1 
ATOM   647  C C   . ALA A 1 89  ? -6.34148  -17.49568 7.43561   1.000 47.58787 ? 347 ALA A C   1 
ATOM   648  O O   . ALA A 1 89  ? -5.97844  -18.41828 8.16899   1.000 47.49732 ? 347 ALA A O   1 
ATOM   649  C CB  . ALA A 1 89  ? -5.09343  -17.47368 5.26752   1.000 45.65044 ? 347 ALA A CB  1 
ATOM   650  N N   . ALA A 1 90  ? -6.65989  -16.28429 7.88648   1.000 49.12359 ? 348 ALA A N   1 
ATOM   651  C CA  . ALA A 1 90  ? -6.60776  -15.94767 9.30320   1.000 49.92297 ? 348 ALA A CA  1 
ATOM   652  C C   . ALA A 1 90  ? -7.72554  -16.64737 10.06615  1.000 51.23976 ? 348 ALA A C   1 
ATOM   653  O O   . ALA A 1 90  ? -7.52116  -17.09373 11.20398  1.000 43.91846 ? 348 ALA A O   1 
ATOM   654  C CB  . ALA A 1 90  ? -6.70012  -14.43572 9.50125   1.000 47.42771 ? 348 ALA A CB  1 
ATOM   655  N N   . THR A 1 91  ? -8.90364  -16.73099 9.44634   1.000 50.56350 ? 349 THR A N   1 
ATOM   656  C CA  . THR A 1 91  ? -10.04616 -17.38590 10.08279  1.000 54.98414 ? 349 THR A CA  1 
ATOM   657  C C   . THR A 1 91  ? -9.79320  -18.88099 10.23342  1.000 48.65486 ? 349 THR A C   1 
ATOM   658  O O   . THR A 1 91  ? -10.08401 -19.46229 11.26539  1.000 49.02032 ? 349 THR A O   1 
ATOM   659  C CB  . THR A 1 91  ? -11.33837 -17.14995 9.29055   1.000 52.49172 ? 349 THR A CB  1 
ATOM   660  O OG1 . THR A 1 91  ? -11.73304 -15.78343 9.45214   1.000 55.92927 ? 349 THR A OG1 1 
ATOM   661  C CG2 . THR A 1 91  ? -12.45270 -18.05492 9.79028   1.000 52.42902 ? 349 THR A CG2 1 
ATOM   662  N N   . ILE A 1 92  ? -9.22940  -19.48885 9.19528   1.000 52.79587 ? 350 ILE A N   1 
ATOM   663  C CA  . ILE A 1 92  ? -8.86869  -20.90576 9.22825   1.000 51.36182 ? 350 ILE A CA  1 
ATOM   664  C C   . ILE A 1 92  ? -7.88840  -21.18745 10.36235  1.000 51.07349 ? 350 ILE A C   1 
ATOM   665  O O   . ILE A 1 92  ? -8.05657  -22.15598 11.10801  1.000 49.90217 ? 350 ILE A O   1 
ATOM   666  C CB  . ILE A 1 92  ? -8.30136  -21.37366 7.86062   1.000 55.36304 ? 350 ILE A CB  1 
ATOM   667  C CG1 . ILE A 1 92  ? -9.36590  -21.21380 6.77650   1.000 50.36230 ? 350 ILE A CG1 1 
ATOM   668  C CG2 . ILE A 1 92  ? -7.80506  -22.82534 7.93472   1.000 53.18370 ? 350 ILE A CG2 1 
ATOM   669  C CD1 . ILE A 1 92  ? -10.60978 -22.04364 7.07063   1.000 51.50827 ? 350 ILE A CD1 1 
ATOM   670  N N   . LEU A 1 93  ? -6.88055  -20.32702 10.50319  1.000 49.90286 ? 351 LEU A N   1 
ATOM   671  C CA  . LEU A 1 93  ? -5.87218  -20.49999 11.53845  1.000 50.93004 ? 351 LEU A CA  1 
ATOM   672  C C   . LEU A 1 93  ? -6.49352  -20.29156 12.91044  1.000 46.11634 ? 351 LEU A C   1 
ATOM   673  O O   . LEU A 1 93  ? -6.09372  -20.93467 13.88437  1.000 52.10954 ? 351 LEU A O   1 
ATOM   674  C CB  . LEU A 1 93  ? -4.70078  -19.53550 11.33218  1.000 52.56365 ? 351 LEU A CB  1 
ATOM   675  C CG  . LEU A 1 93  ? -3.45255  -19.86540 12.16152  1.000 56.49822 ? 351 LEU A CG  1 
ATOM   676  C CD1 . LEU A 1 93  ? -3.19725  -21.37832 12.16946  1.000 61.02165 ? 351 LEU A CD1 1 
ATOM   677  C CD2 . LEU A 1 93  ? -2.21949  -19.10685 11.66311  1.000 59.30952 ? 351 LEU A CD2 1 
ATOM   678  N N   . ILE A 1 94  ? -7.49545  -19.41650 12.97687  1.000 48.42268 ? 352 ILE A N   1 
ATOM   679  C CA  . ILE A 1 94  ? -8.12291  -19.07389 14.24679  1.000 51.14051 ? 352 ILE A CA  1 
ATOM   680  C C   . ILE A 1 94  ? -8.97834  -20.23210 14.75563  1.000 52.32470 ? 352 ILE A C   1 
ATOM   681  O O   . ILE A 1 94  ? -8.90406  -20.59389 15.92935  1.000 52.95535 ? 352 ILE A O   1 
ATOM   682  C CB  . ILE A 1 94  ? -8.94679  -17.78056 14.13440  1.000 44.84969 ? 352 ILE A CB  1 
ATOM   683  C CG1 . ILE A 1 94  ? -8.02343  -16.56631 14.22478  1.000 54.82217 ? 352 ILE A CG1 1 
ATOM   684  C CG2 . ILE A 1 94  ? -9.98636  -17.70170 15.23757  1.000 48.00035 ? 352 ILE A CG2 1 
ATOM   685  C CD1 . ILE A 1 94  ? -8.75209  -15.23929 14.20666  1.000 49.31733 ? 352 ILE A CD1 1 
ATOM   686  N N   . THR A 1 95  ? -9.78014  -20.81553 13.87751  1.000 51.34291 ? 353 THR A N   1 
ATOM   687  C CA  . THR A 1 95  ? -10.65789 -21.91224 14.27004  1.000 50.27805 ? 353 THR A CA  1 
ATOM   688  C C   . THR A 1 95  ? -9.83725  -23.16592 14.55972  1.000 55.92567 ? 353 THR A C   1 
ATOM   689  O O   . THR A 1 95  ? -10.18775 -23.97676 15.41971  1.000 57.57629 ? 353 THR A O   1 
ATOM   690  C CB  . THR A 1 95  ? -11.68613 -22.21783 13.18458  1.000 53.48895 ? 353 THR A CB  1 
ATOM   691  O OG1 . THR A 1 95  ? -11.00517 -22.69349 12.01696  1.000 58.93200 ? 353 THR A OG1 1 
ATOM   692  C CG2 . THR A 1 95  ? -12.46320 -20.96193 12.83822  1.000 47.89789 ? 353 THR A CG2 1 
ATOM   693  N N   . TYR A 1 96  ? -8.73005  -23.31138 13.84596  1.000 54.47894 ? 354 TYR A N   1 
ATOM   694  C CA  . TYR A 1 96  ? -7.83986  -24.44146 14.05346  1.000 53.25965 ? 354 TYR A CA  1 
ATOM   695  C C   . TYR A 1 96  ? -6.95960  -24.26058 15.30966  1.000 65.67628 ? 354 TYR A C   1 
ATOM   696  O O   . TYR A 1 96  ? -6.63196  -23.13675 15.72796  1.000 68.56646 ? 354 TYR A O   1 
ATOM   697  C CB  . TYR A 1 96  ? -6.97314  -24.65131 12.81070  1.000 59.87988 ? 354 TYR A CB  1 
ATOM   698  C CG  . TYR A 1 96  ? -5.79955  -25.57024 13.02317  1.000 58.16949 ? 354 TYR A CG  1 
ATOM   699  C CD1 . TYR A 1 96  ? -5.94036  -26.94658 12.89345  1.000 67.59430 ? 354 TYR A CD1 1 
ATOM   700  C CD2 . TYR A 1 96  ? -4.55303  -25.06483 13.35920  1.000 67.29279 ? 354 TYR A CD2 1 
ATOM   701  C CE1 . TYR A 1 96  ? -4.86633  -27.79648 13.09153  1.000 69.64597 ? 354 TYR A CE1 1 
ATOM   702  C CE2 . TYR A 1 96  ? -3.47406  -25.90245 13.56247  1.000 65.69590 ? 354 TYR A CE2 1 
ATOM   703  C CZ  . TYR A 1 96  ? -3.63477  -27.26570 13.42591  1.000 71.38743 ? 354 TYR A CZ  1 
ATOM   704  O OH  . TYR A 1 96  ? -2.55624  -28.09415 13.62623  1.000 69.81649 ? 354 TYR A OH  1 
ATOM   705  N N   . ASP A 1 98  ? -8.07123  -23.40743 18.10172  1.000 75.91973 ? 356 ASP A N   1 
ATOM   706  C CA  . ASP A 1 98  ? -8.26401  -23.20533 19.56265  1.000 73.86909 ? 356 ASP A CA  1 
ATOM   707  C C   . ASP A 1 98  ? -7.61125  -24.36464 20.32378  1.000 78.30070 ? 356 ASP A C   1 
ATOM   708  O O   . ASP A 1 98  ? -7.95955  -25.52743 20.04056  1.000 84.07616 ? 356 ASP A O   1 
ATOM   709  C CB  . ASP A 1 98  ? -9.74699  -23.05930 19.91356  1.000 75.37691 ? 356 ASP A CB  1 
ATOM   710  C CG  . ASP A 1 98  ? -10.55666 -24.31601 19.64517  1.000 84.22532 ? 356 ASP A CG  1 
ATOM   711  O OD1 . ASP A 1 98  ? -9.93797  -25.35675 19.34661  1.000 88.40518 ? 356 ASP A OD1 1 
ATOM   712  O OD2 . ASP A 1 98  ? -11.79791 -24.24297 19.73496  1.000 90.22986 ? 356 ASP A OD2 1 
ATOM   713  N N   . TYR A 1 99  ? -6.66440  -24.04820 21.21232  1.000 67.22978 ? 357 TYR A N   1 
ATOM   714  C CA  . TYR A 1 99  ? -5.96682  -25.06070 22.04752  1.000 66.28154 ? 357 TYR A CA  1 
ATOM   715  C C   . TYR A 1 99  ? -6.06157  -24.58770 23.50089  1.000 61.01592 ? 357 TYR A C   1 
ATOM   716  O O   . TYR A 1 99  ? -5.01684  -24.37443 24.14672  1.000 60.84591 ? 357 TYR A O   1 
ATOM   717  C CB  . TYR A 1 99  ? -4.51016  -25.21523 21.60325  1.000 62.11929 ? 357 TYR A CB  1 
ATOM   718  C CG  . TYR A 1 99  ? -4.32368  -25.92020 20.28405  1.000 65.42905 ? 357 TYR A CG  1 
ATOM   719  C CD1 . TYR A 1 99  ? -5.09860  -27.01623 19.94265  1.000 69.87435 ? 357 TYR A CD1 1 
ATOM   720  C CD2 . TYR A 1 99  ? -3.37206  -25.49191 19.37333  1.000 64.97346 ? 357 TYR A CD2 1 
ATOM   721  C CE1 . TYR A 1 99  ? -4.93339  -27.66883 18.73234  1.000 69.53056 ? 357 TYR A CE1 1 
ATOM   722  C CE2 . TYR A 1 99  ? -3.19432  -26.13348 18.15853  1.000 65.72949 ? 357 TYR A CE2 1 
ATOM   723  C CZ  . TYR A 1 99  ? -3.97791  -27.22620 17.83643  1.000 61.65852 ? 357 TYR A CZ  1 
ATOM   724  O OH  . TYR A 1 99  ? -3.80845  -27.86397 16.64171  1.000 59.93118 ? 357 TYR A OH  1 
ATOM   725  N N   . GLY A 1 100 ? -7.29857  -24.42069 23.97565  1.000 70.39312 ? 358 GLY A N   1 
ATOM   726  C CA  . GLY A 1 100 ? -7.55904  -23.89846 25.32866  1.000 62.17462 ? 358 GLY A CA  1 
ATOM   727  C C   . GLY A 1 100 ? -7.75584  -22.39524 25.25332  1.000 66.39134 ? 358 GLY A C   1 
ATOM   728  O O   . GLY A 1 100 ? -7.98683  -21.77101 26.30781  1.000 74.21248 ? 358 GLY A O   1 
ATOM   729  N N   . GLY A 1 101 ? -7.66597  -21.84092 24.03746  1.000 60.98999 ? 359 GLY A N   1 
ATOM   730  C CA  . GLY A 1 101 ? -7.83839  -20.38851 23.83123  1.000 55.95892 ? 359 GLY A CA  1 
ATOM   731  C C   . GLY A 1 101 ? -6.97616  -19.84436 22.70173  1.000 51.00430 ? 359 GLY A C   1 
ATOM   732  O O   . GLY A 1 101 ? -5.79209  -20.22733 22.62130  1.000 51.41652 ? 359 GLY A O   1 
ATOM   733  N N   . ASN A 1 102 ? -7.55877  -18.97943 21.86278  1.000 51.02758 ? 360 ASN A N   1 
ATOM   734  C CA  . ASN A 1 102 ? -6.86817  -18.33815 20.74429  1.000 47.45731 ? 360 ASN A CA  1 
ATOM   735  C C   . ASN A 1 102 ? -5.72060  -17.45739 21.22060  1.000 44.24422 ? 360 ASN A C   1 
ATOM   736  O O   . ASN A 1 102 ? -5.85571  -16.72542 22.20846  1.000 40.99432 ? 360 ASN A O   1 
ATOM   737  C CB  . ASN A 1 102 ? -7.84226  -17.48204 19.92678  1.000 45.98348 ? 360 ASN A CB  1 
ATOM   738  C CG  . ASN A 1 102 ? -8.66476  -18.29649 18.96967  1.000 53.33225 ? 360 ASN A CG  1 
ATOM   739  O OD1 . ASN A 1 102 ? -8.12661  -19.09871 18.19953  1.000 52.80243 ? 360 ASN A OD1 1 
ATOM   740  N ND2 . ASN A 1 102 ? -9.97686  -18.08660 18.99108  1.000 51.57172 ? 360 ASN A ND2 1 
ATOM   741  N N   . LEU A 1 103 ? -4.60304  -17.50500 20.50699  1.000 41.40797 ? 361 LEU A N   1 
ATOM   742  C CA  . LEU A 1 103 ? -3.53964  -16.54033 20.74050  1.000 43.37746 ? 361 LEU A CA  1 
ATOM   743  C C   . LEU A 1 103 ? -4.09639  -15.14470 20.44499  1.000 44.40386 ? 361 LEU A C   1 
ATOM   744  O O   . LEU A 1 103 ? -4.81293  -14.95177 19.46351  1.000 39.42196 ? 361 LEU A O   1 
ATOM   745  C CB  . LEU A 1 103 ? -2.32953  -16.85894 19.86173  1.000 44.80587 ? 361 LEU A CB  1 
ATOM   746  C CG  . LEU A 1 103 ? -1.69855  -18.22523 20.13072  1.000 45.54083 ? 361 LEU A CG  1 
ATOM   747  C CD1 . LEU A 1 103 ? -0.72187  -18.60173 19.02312  1.000 43.88195 ? 361 LEU A CD1 1 
ATOM   748  C CD2 . LEU A 1 103 ? -0.99579  -18.22367 21.47566  1.000 45.04448 ? 361 LEU A CD2 1 
ATOM   749  N N   . GLN A 1 104 ? -3.82465  -14.17476 21.30805  1.000 43.57096 ? 362 GLN A N   1 
ATOM   750  C CA  . GLN A 1 104 ? -4.24641  -12.81688 21.00539  1.000 42.46812 ? 362 GLN A CA  1 
ATOM   751  C C   . GLN A 1 104 ? -3.41180  -12.19207 19.90040  1.000 39.21541 ? 362 GLN A C   1 
ATOM   752  O O   . GLN A 1 104 ? -3.83032  -11.21869 19.27810  1.000 37.33984 ? 362 GLN A O   1 
ATOM   753  C CB  . GLN A 1 104 ? -4.22051  -11.95050 22.26373  1.000 46.63358 ? 362 GLN A CB  1 
ATOM   754  C CG  . GLN A 1 104 ? -5.07796  -12.51874 23.36319  1.000 54.36915 ? 362 GLN A CG  1 
ATOM   755  C CD  . GLN A 1 104 ? -4.61158  -12.12106 24.73815  1.000 53.49254 ? 362 GLN A CD  1 
ATOM   756  O OE1 . GLN A 1 104 ? -5.12390  -11.16901 25.33036  1.000 59.79858 ? 362 GLN A OE1 1 
ATOM   757  N NE2 . GLN A 1 104 ? -3.69414  -12.90661 25.29514  1.000 53.87950 ? 362 GLN A NE2 1 
ATOM   758  N N   . SER A 1 105 ? -2.24565  -12.76850 19.64339  1.000 36.09008 ? 363 SER A N   1 
ATOM   759  C CA  . SER A 1 105 ? -1.46701  -12.36464 18.48974  1.000 37.83208 ? 363 SER A CA  1 
ATOM   760  C C   . SER A 1 105 ? -2.28120  -12.67201 17.23708  1.000 38.34950 ? 363 SER A C   1 
ATOM   761  O O   . SER A 1 105 ? -2.40704  -11.82014 16.35095  1.000 37.54054 ? 363 SER A O   1 
ATOM   762  C CB  . SER A 1 105 ? -0.11111  -13.07601 18.46375  1.000 32.42494 ? 363 SER A CB  1 
ATOM   763  O OG  . SER A 1 105 ? -0.29207  -14.47490 18.46773  1.000 40.94552 ? 363 SER A OG  1 
ATOM   764  N N   . ASP A 1 106 ? -2.84694  -13.87734 17.18056  1.000 35.91470 ? 364 ASP A N   1 
ATOM   765  C CA  . ASP A 1 106 ? -3.67052  -14.29157 16.04290  1.000 37.78002 ? 364 ASP A CA  1 
ATOM   766  C C   . ASP A 1 106 ? -4.89824  -13.38673 15.92215  1.000 40.44111 ? 364 ASP A C   1 
ATOM   767  O O   . ASP A 1 106 ? -5.23375  -12.91237 14.83570  1.000 37.93737 ? 364 ASP A O   1 
ATOM   768  C CB  . ASP A 1 106 ? -4.09439  -15.77344 16.17918  1.000 38.60528 ? 364 ASP A CB  1 
ATOM   769  C CG  . ASP A 1 106 ? -2.99729  -16.74931 15.75610  1.000 40.26395 ? 364 ASP A CG  1 
ATOM   770  O OD1 . ASP A 1 106 ? -2.04188  -16.31388 15.07570  1.000 43.47690 ? 364 ASP A OD1 1 
ATOM   771  O OD2 . ASP A 1 106 ? -3.07129  -17.95507 16.11129  1.000 37.26272 ? 364 ASP A OD2 1 
ATOM   772  N N   . LEU A 1 107 ? -5.55269  -13.12590 17.04820  1.000 39.05493 ? 365 LEU A N   1 
ATOM   773  C CA  . LEU A 1 107 ? -6.70558  -12.22768 17.07728  1.000 40.14796 ? 365 LEU A CA  1 
ATOM   774  C C   . LEU A 1 107 ? -6.38853  -10.81191 16.58728  1.000 44.27204 ? 365 LEU A C   1 
ATOM   775  O O   . LEU A 1 107 ? -7.13593  -10.24470 15.79113  1.000 41.63180 ? 365 LEU A O   1 
ATOM   776  C CB  . LEU A 1 107 ? -7.26871  -12.14927 18.49540  1.000 40.13969 ? 365 LEU A CB  1 
ATOM   777  C CG  . LEU A 1 107 ? -7.61519  -13.50829 19.10229  1.000 46.56127 ? 365 LEU A CG  1 
ATOM   778  C CD1 . LEU A 1 107 ? -8.19397  -13.34102 20.51146  1.000 41.72417 ? 365 LEU A CD1 1 
ATOM   779  C CD2 . LEU A 1 107 ? -8.56432  -14.30101 18.16838  1.000 42.54201 ? 365 LEU A CD2 1 
ATOM   780  N N   . SER A 1 108 ? -5.29226  -10.23408 17.07451  1.000 39.46989 ? 366 SER A N   1 
ATOM   781  C CA  . SER A 1 108 ? -4.91246  -8.88047  16.66313  1.000 42.44459 ? 366 SER A CA  1 
ATOM   782  C C   . SER A 1 108 ? -4.55571  -8.82350  15.18031  1.000 37.58988 ? 366 SER A C   1 
ATOM   783  O O   . SER A 1 108 ? -4.83214  -7.82708  14.50362  1.000 42.41982 ? 366 SER A O   1 
ATOM   784  C CB  . SER A 1 108 ? -3.73894  -8.37133  17.49203  1.000 38.84350 ? 366 SER A CB  1 
ATOM   785  O OG  . SER A 1 108 ? -4.08770  -8.28789  18.85754  1.000 41.65256 ? 366 SER A OG  1 
ATOM   786  N N   . ALA A 1 109 ? -3.92449  -9.87665  14.67595  1.000 36.78028 ? 367 ALA A N   1 
ATOM   787  C CA  . ALA A 1 109 ? -3.57683  -9.90320  13.25574  1.000 38.07884 ? 367 ALA A CA  1 
ATOM   788  C C   . ALA A 1 109 ? -4.84573  -9.80057  12.42656  1.000 36.17112 ? 367 ALA A C   1 
ATOM   789  O O   . ALA A 1 109 ? -4.93100  -8.98797  11.51148  1.000 41.24629 ? 367 ALA A O   1 
ATOM   790  C CB  . ALA A 1 109 ? -2.80281  -11.16660 12.90578  1.000 33.79725 ? 367 ALA A CB  1 
ATOM   791  N N   . LYS A 1 110 ? -5.82478  -10.64798 12.76057  1.000 39.35156 ? 368 LYS A N   1 
ATOM   792  C CA  . LYS A 1 110 ? -7.13666  -10.65300 12.05940  1.000 42.75024 ? 368 LYS A CA  1 
ATOM   793  C C   . LYS A 1 110 ? -7.76644  -9.26638  12.21564  1.000 45.81856 ? 368 LYS A C   1 
ATOM   794  O O   . LYS A 1 110 ? -8.25991  -8.72171  11.20814  1.000 42.59667 ? 368 LYS A O   1 
ATOM   795  C CB  . LYS A 1 110 ? -8.04559  -11.74348 12.63523  1.000 45.77567 ? 368 LYS A CB  1 
ATOM   796  C CG  . LYS A 1 110 ? -9.51488  -11.63811 12.24886  1.000 53.51232 ? 368 LYS A CG  1 
ATOM   797  C CD  . LYS A 1 110 ? -10.09168 -12.93645 11.72624  1.000 55.34060 ? 368 LYS A CD  1 
ATOM   798  C CE  . LYS A 1 110 ? -11.34627 -12.73996 10.90153  1.000 59.45283 ? 368 LYS A CE  1 
ATOM   799  N NZ  . LYS A 1 110 ? -12.31929 -13.83739 11.11304  1.000 59.02155 ? 368 LYS A NZ  1 
ATOM   800  N N   . THR A 1 111 ? -7.74209  -8.72651  13.43862  1.000 39.46808 ? 369 THR A N   1 
ATOM   801  C CA  . THR A 1 111 ? -8.28448  -7.39739  13.70416  1.000 41.09882 ? 369 THR A CA  1 
ATOM   802  C C   . THR A 1 111 ? -7.64830  -6.31357  12.82578  1.000 40.15859 ? 369 THR A C   1 
ATOM   803  O O   . THR A 1 111 ? -8.33270  -5.43020  12.30184  1.000 42.81414 ? 369 THR A O   1 
ATOM   804  C CB  . THR A 1 111 ? -8.08489  -6.97875  15.17270  1.000 45.38618 ? 369 THR A CB  1 
ATOM   805  O OG1 . THR A 1 111 ? -8.70970  -7.92838  16.03426  1.000 49.16238 ? 369 THR A OG1 1 
ATOM   806  C CG2 . THR A 1 111 ? -8.70559  -5.60414  15.41843  1.000 44.16804 ? 369 THR A CG2 1 
ATOM   807  N N   . THR A 1 112 ? -6.32900  -6.36097  12.69168  1.000 39.35850 ? 370 THR A N   1 
ATOM   808  C CA  . THR A 1 112 ? -5.63870  -5.33619  11.91262  1.000 42.88948 ? 370 THR A CA  1 
ATOM   809  C C   . THR A 1 112 ? -5.96580  -5.53565  10.43773  1.000 37.25408 ? 370 THR A C   1 
ATOM   810  O O   . THR A 1 112 ? -6.09890  -4.58861  9.68694   1.000 35.37701 ? 370 THR A O   1 
ATOM   811  C CB  . THR A 1 112 ? -4.12830  -5.38694  12.12127  1.000 30.11444 ? 370 THR A CB  1 
ATOM   812  O OG1 . THR A 1 112 ? -3.84352  -5.32363  13.52569  1.000 39.52536 ? 370 THR A OG1 1 
ATOM   813  C CG2 . THR A 1 112 ? -3.43534  -4.21834  11.38991  1.000 32.92498 ? 370 THR A CG2 1 
ATOM   814  N N   . LEU A 1 113 ? -6.11075  -6.78851  10.04212  1.000 36.37271 ? 371 LEU A N   1 
ATOM   815  C CA  . LEU A 1 113 ? -6.35560  -7.09358  8.65263   1.000 36.87209 ? 371 LEU A CA  1 
ATOM   816  C C   . LEU A 1 113 ? -7.73250  -6.58558  8.26273   1.000 37.74971 ? 371 LEU A C   1 
ATOM   817  O O   . LEU A 1 113 ? -7.91501  -6.12775  7.13592   1.000 40.24394 ? 371 LEU A O   1 
ATOM   818  C CB  . LEU A 1 113 ? -6.22845  -8.58365  8.38883   1.000 33.23145 ? 371 LEU A CB  1 
ATOM   819  C CG  . LEU A 1 113 ? -4.81262  -9.12456  8.13972   1.000 34.37163 ? 371 LEU A CG  1 
ATOM   820  C CD1 . LEU A 1 113 ? -4.84467  -10.62357 8.18794   1.000 35.65159 ? 371 LEU A CD1 1 
ATOM   821  C CD2 . LEU A 1 113 ? -4.20567  -8.61910  6.82479   1.000 30.20417 ? 371 LEU A CD2 1 
ATOM   822  N N   . GLU A 1 114 ? -8.70540  -6.77701  9.16086   1.000 41.78490 ? 372 GLU A N   1 
ATOM   823  C CA  . GLU A 1 114 ? -10.10112 -6.32745  8.91605   1.000 46.50105 ? 372 GLU A CA  1 
ATOM   824  C C   . GLU A 1 114 ? -10.07236 -4.80818  8.74291   1.000 45.44028 ? 372 GLU A C   1 
ATOM   825  O O   . GLU A 1 114 ? -10.75476 -4.29527  7.83420   1.000 48.28958 ? 372 GLU A O   1 
ATOM   826  C CB  . GLU A 1 114 ? -11.00851 -6.73617  10.07842  1.000 50.04040 ? 372 GLU A CB  1 
ATOM   827  C CG  . GLU A 1 114 ? -12.44612 -6.98827  9.66131   1.000 63.54114 ? 372 GLU A CG  1 
ATOM   828  C CD  . GLU A 1 114 ? -13.10625 -5.83273  8.92843   1.000 66.98851 ? 372 GLU A CD  1 
ATOM   829  O OE1 . GLU A 1 114 ? -13.33252 -4.78415  9.56413   1.000 71.18976 ? 372 GLU A OE1 1 
ATOM   830  O OE2 . GLU A 1 114 ? -13.39068 -5.98326  7.72375   1.000 62.21144 ? 372 GLU A OE2 1 
ATOM   831  N N   . ALA A 1 115 ? -9.29731  -4.13334  9.59561   1.000 45.83624 ? 373 ALA A N   1 
ATOM   832  C CA  . ALA A 1 115 ? -9.13735  -2.68087  9.51845   1.000 44.89951 ? 373 ALA A CA  1 
ATOM   833  C C   . ALA A 1 115 ? -8.55296  -2.29102  8.15757   1.000 44.34227 ? 373 ALA A C   1 
ATOM   834  O O   . ALA A 1 115 ? -9.05827  -1.38599  7.49723   1.000 49.37330 ? 373 ALA A O   1 
ATOM   835  C CB  . ALA A 1 115 ? -8.25148  -2.15771  10.64135  1.000 44.17970 ? 373 ALA A CB  1 
ATOM   836  N N   . LEU A 1 116 ? -7.50375  -2.98374  7.73003   1.000 37.46459 ? 374 LEU A N   1 
ATOM   837  C CA  . LEU A 1 116 ? -6.84293  -2.66324  6.46063   1.000 37.51700 ? 374 LEU A CA  1 
ATOM   838  C C   . LEU A 1 116 ? -7.80337  -2.75826  5.28050   1.000 40.51977 ? 374 LEU A C   1 
ATOM   839  O O   . LEU A 1 116 ? -7.79912  -1.91992  4.37582   1.000 39.56274 ? 374 LEU A O   1 
ATOM   840  C CB  . LEU A 1 116 ? -5.65313  -3.60236  6.22310   1.000 37.27685 ? 374 LEU A CB  1 
ATOM   841  C CG  . LEU A 1 116 ? -4.28411  -3.17574  6.73582   1.000 35.72705 ? 374 LEU A CG  1 
ATOM   842  C CD1 . LEU A 1 116 ? -3.39691  -4.39241  6.87525   1.000 35.26707 ? 374 LEU A CD1 1 
ATOM   843  C CD2 . LEU A 1 116 ? -3.64928  -2.14222  5.81740   1.000 39.07363 ? 374 LEU A CD2 1 
ATOM   844  N N   . LYS A 1 117 ? -8.62434  -3.79597  5.29539   1.000 42.85740 ? 375 LYS A N   1 
ATOM   845  C CA  . LYS A 1 117 ? -9.55378  -4.03881  4.20894   1.000 42.31567 ? 375 LYS A CA  1 
ATOM   846  C C   . LYS A 1 117 ? -10.48660 -2.87085  3.99094   1.000 43.04133 ? 375 LYS A C   1 
ATOM   847  O O   . LYS A 1 117 ? -10.72179 -2.45449  2.84684   1.000 40.36784 ? 375 LYS A O   1 
ATOM   848  C CB  . LYS A 1 117 ? -10.36374 -5.29093  4.48647   1.000 41.44972 ? 375 LYS A CB  1 
ATOM   849  C CG  . LYS A 1 117 ? -11.36546 -5.60242  3.42442   1.000 43.97325 ? 375 LYS A CG  1 
ATOM   850  C CD  . LYS A 1 117 ? -11.88154 -7.01056  3.66111   1.000 50.79508 ? 375 LYS A CD  1 
ATOM   851  C CE  . LYS A 1 117 ? -13.25737 -7.00713  4.26291   1.000 56.18412 ? 375 LYS A CE  1 
ATOM   852  N NZ  . LYS A 1 117 ? -14.23802 -6.73761  3.18066   1.000 56.39728 ? 375 LYS A NZ  1 
ATOM   853  N N   . THR A 1 118 ? -11.02451 -2.32214  5.07345   1.000 41.30816 ? 376 THR A N   1 
ATOM   854  C CA  . THR A 1 118 ? -11.95996 -1.23331  4.86920   1.000 45.38687 ? 376 THR A CA  1 
ATOM   855  C C   . THR A 1 118 ? -11.17140 -0.01307  4.47551   1.000 44.43046 ? 376 THR A C   1 
ATOM   856  O O   . THR A 1 118 ? -11.58218 0.73002   3.59056   1.000 51.16408 ? 376 THR A O   1 
ATOM   857  C CB  . THR A 1 118 ? -12.84288 -0.94492  6.11368   1.000 51.53631 ? 376 THR A CB  1 
ATOM   858  O OG1 . THR A 1 118 ? -12.12689 -0.16151  7.07655   1.000 45.70294 ? 376 THR A OG1 1 
ATOM   859  C CG2 . THR A 1 118 ? -13.31577 -2.24140  6.73604   1.000 44.37685 ? 376 THR A CG2 1 
ATOM   860  N N   . GLU A 1 119 ? -10.02949 0.19030   5.11783   1.000 44.02669 ? 377 GLU A N   1 
ATOM   861  C CA  . GLU A 1 119 ? -9.19172  1.32477   4.77689   1.000 44.40503 ? 377 GLU A CA  1 
ATOM   862  C C   . GLU A 1 119 ? -8.70956  1.26157   3.32969   1.000 40.55712 ? 377 GLU A C   1 
ATOM   863  O O   . GLU A 1 119 ? -8.64292  2.29525   2.67276   1.000 40.66769 ? 377 GLU A O   1 
ATOM   864  C CB  . GLU A 1 119 ? -8.01231  1.43514   5.74925   1.000 41.75369 ? 377 GLU A CB  1 
ATOM   865  C CG  . GLU A 1 119 ? -8.46681  1.54296   7.19776   1.000 52.75363 ? 377 GLU A CG  1 
ATOM   866  C CD  . GLU A 1 119 ? -7.32804  1.50160   8.21599   1.000 55.94314 ? 377 GLU A CD  1 
ATOM   867  O OE1 . GLU A 1 119 ? -6.31519  0.78558   7.99697   1.000 50.58565 ? 377 GLU A OE1 1 
ATOM   868  O OE2 . GLU A 1 119 ? -7.46328  2.17804   9.26092   1.000 61.60570 ? 377 GLU A OE2 1 
ATOM   869  N N   . VAL A 1 120 ? -8.39746  0.07579   2.80906   1.000 39.00016 ? 378 VAL A N   1 
ATOM   870  C CA  . VAL A 1 120 ? -7.93384  0.01919   1.42051   1.000 37.80745 ? 378 VAL A CA  1 
ATOM   871  C C   . VAL A 1 120 ? -9.13997  0.17364   0.47904   1.000 40.67433 ? 378 VAL A C   1 
ATOM   872  O O   . VAL A 1 120 ? -9.02010  0.80834   -0.57037  1.000 41.13797 ? 378 VAL A O   1 
ATOM   873  C CB  . VAL A 1 120 ? -7.10989  -1.27148  1.11451   1.000 34.64817 ? 378 VAL A CB  1 
ATOM   874  C CG1 . VAL A 1 120 ? -6.84501  -1.40543  -0.37946  1.000 25.82106 ? 378 VAL A CG1 1 
ATOM   875  C CG2 . VAL A 1 120 ? -5.74064  -1.25734  1.85607   1.000 29.64905 ? 378 VAL A CG2 1 
ATOM   876  N N   . SER A 1 121 ? -10.30272 -0.37512  0.84830   1.000 42.74415 ? 379 SER A N   1 
ATOM   877  C CA  . SER A 1 121 ? -11.50946 -0.20479  0.01489   1.000 41.90446 ? 379 SER A CA  1 
ATOM   878  C C   . SER A 1 121 ? -11.89326 1.25367   -0.11365  1.000 44.99028 ? 379 SER A C   1 
ATOM   879  O O   . SER A 1 121 ? -12.25774 1.72071   -1.19317  1.000 49.59781 ? 379 SER A O   1 
ATOM   880  C CB  . SER A 1 121 ? -12.70951 -0.97589  0.57630   1.000 41.06048 ? 379 SER A CB  1 
ATOM   881  O OG  . SER A 1 121 ? -12.56124 -2.35212  0.34609   1.000 45.84873 ? 379 SER A OG  1 
ATOM   882  N N   . SER A 1 122 ? -11.82401 1.95899   1.00600   1.000 46.01715 ? 380 SER A N   1 
ATOM   883  C CA  . SER A 1 122 ? -12.13122 3.37829   1.04687   1.000 44.76861 ? 380 SER A CA  1 
ATOM   884  C C   . SER A 1 122 ? -11.18424 4.16007   0.14482   1.000 46.56164 ? 380 SER A C   1 
ATOM   885  O O   . SER A 1 122 ? -11.57571 5.10142   -0.54789  1.000 48.15685 ? 380 SER A O   1 
ATOM   886  C CB  . SER A 1 122 ? -12.04809 3.88285   2.48893   1.000 52.16386 ? 380 SER A CB  1 
ATOM   887  O OG  . SER A 1 122 ? -11.86525 5.28860   2.54305   1.000 54.95372 ? 380 SER A OG  1 
ATOM   888  N N   . LEU A 1 123 ? -9.92573  3.76204   0.14727   1.000 42.40808 ? 381 LEU A N   1 
ATOM   889  C CA  . LEU A 1 123 ? -8.92906  4.48250   -0.62065  1.000 43.08116 ? 381 LEU A CA  1 
ATOM   890  C C   . LEU A 1 123 ? -9.14156  4.23243   -2.12396  1.000 43.49141 ? 381 LEU A C   1 
ATOM   891  O O   . LEU A 1 123 ? -8.93384  5.12706   -2.94996  1.000 43.73292 ? 381 LEU A O   1 
ATOM   892  C CB  . LEU A 1 123 ? -7.54602  4.06290   -0.14607  1.000 46.11062 ? 381 LEU A CB  1 
ATOM   893  C CG  . LEU A 1 123 ? -6.30738  4.92332   -0.32990  1.000 48.28047 ? 381 LEU A CG  1 
ATOM   894  C CD1 . LEU A 1 123 ? -6.54903  6.37523   0.05964   1.000 41.34603 ? 381 LEU A CD1 1 
ATOM   895  C CD2 . LEU A 1 123 ? -5.27588  4.31928   0.60000   1.000 44.76438 ? 381 LEU A CD2 1 
ATOM   896  N N   . ILE A 1 124 ? -9.60787  3.03836   -2.47544  1.000 38.78388 ? 382 ILE A N   1 
ATOM   897  C CA  . ILE A 1 124 ? -9.95705  2.75536   -3.86663  1.000 42.76878 ? 382 ILE A CA  1 
ATOM   898  C C   . ILE A 1 124 ? -11.11760 3.66011   -4.30091  1.000 46.87192 ? 382 ILE A C   1 
ATOM   899  O O   . ILE A 1 124 ? -11.00959 4.35956   -5.30853  1.000 45.57338 ? 382 ILE A O   1 
ATOM   900  C CB  . ILE A 1 124 ? -10.29766 1.27531   -4.06908  1.000 39.67081 ? 382 ILE A CB  1 
ATOM   901  C CG1 . ILE A 1 124 ? -9.03652  0.42019   -3.93645  1.000 35.66275 ? 382 ILE A CG1 1 
ATOM   902  C CG2 . ILE A 1 124 ? -10.93699 1.05290   -5.42465  1.000 39.68576 ? 382 ILE A CG2 1 
ATOM   903  C CD1 . ILE A 1 124 ? -9.30635  -1.06300  -3.80407  1.000 33.90458 ? 382 ILE A CD1 1 
ATOM   904  N N   . THR A 1 125 ? -12.20399 3.67946   -3.52507  1.000 46.17691 ? 383 THR A N   1 
ATOM   905  C CA  . THR A 1 125 ? -13.36005 4.55097   -3.80488  1.000 45.57313 ? 383 THR A CA  1 
ATOM   906  C C   . THR A 1 125 ? -12.96742 6.03485   -3.87423  1.000 50.52505 ? 383 THR A C   1 
ATOM   907  O O   . THR A 1 125 ? -13.45239 6.79207   -4.72643  1.000 53.80902 ? 383 THR A O   1 
ATOM   908  C CB  . THR A 1 125 ? -14.46500 4.36302   -2.74237  1.000 49.83783 ? 383 THR A CB  1 
ATOM   909  O OG1 . THR A 1 125 ? -14.82181 2.97912   -2.68116  1.000 58.05049 ? 383 THR A OG1 1 
ATOM   910  C CG2 . THR A 1 125 ? -15.71014 5.17276   -3.09422  1.000 52.78645 ? 383 THR A CG2 1 
ATOM   911  N N   . LYS A 1 126 ? -12.05933 6.44252   -3.00079  1.000 43.04650 ? 384 LYS A N   1 
ATOM   912  C CA  . LYS A 1 126 ? -11.55253 7.79743   -3.04118  1.000 46.20767 ? 384 LYS A CA  1 
ATOM   913  C C   . LYS A 1 126 ? -10.80137 8.07728   -4.34545  1.000 51.43711 ? 384 LYS A C   1 
ATOM   914  O O   . LYS A 1 126 ? -11.10564 9.03920   -5.04915  1.000 54.29096 ? 384 LYS A O   1 
ATOM   915  C CB  . LYS A 1 126 ? -10.64211 8.05854   -1.84365  1.000 46.64376 ? 384 LYS A CB  1 
ATOM   916  C CG  . LYS A 1 126 ? -10.05150 9.44282   -1.83150  1.000 54.66877 ? 384 LYS A CG  1 
ATOM   917  C CD  . LYS A 1 126 ? -9.40341  9.77275   -0.51079  1.000 52.15714 ? 384 LYS A CD  1 
ATOM   918  C CE  . LYS A 1 126 ? -9.25754  11.26916  -0.39473  1.000 58.31272 ? 384 LYS A CE  1 
ATOM   919  N NZ  . LYS A 1 126 ? -10.56218 11.92645  -0.70455  1.000 65.44124 ? 384 LYS A NZ  1 
ATOM   920  N N   . ILE A 1 127 ? -9.82593  7.24093   -4.67856  1.000 45.28664 ? 385 ILE A N   1 
ATOM   921  C CA  . ILE A 1 127 ? -8.97556  7.51023   -5.82784  1.000 44.46451 ? 385 ILE A CA  1 
ATOM   922  C C   . ILE A 1 127 ? -9.69529  7.41722   -7.18254  1.000 40.72482 ? 385 ILE A C   1 
ATOM   923  O O   . ILE A 1 127 ? -9.33834  8.14978   -8.07681  1.000 47.98007 ? 385 ILE A O   1 
ATOM   924  C CB  . ILE A 1 127 ? -7.73547  6.59037   -5.78177  1.000 42.72192 ? 385 ILE A CB  1 
ATOM   925  C CG1 . ILE A 1 127 ? -6.72227  7.17576   -4.80655  1.000 44.98976 ? 385 ILE A CG1 1 
ATOM   926  C CG2 . ILE A 1 127 ? -7.08725  6.40364   -7.15571  1.000 42.39539 ? 385 ILE A CG2 1 
ATOM   927  C CD1 . ILE A 1 127 ? -5.64216  6.22037   -4.42224  1.000 43.74017 ? 385 ILE A CD1 1 
ATOM   928  N N   . GLN A 1 128 ? -10.70232 6.56026   -7.33505  1.000 44.95968 ? 386 GLN A N   1 
ATOM   929  C CA  . GLN A 1 128 ? -11.38199 6.40894   -8.63138  1.000 51.12935 ? 386 GLN A CA  1 
ATOM   930  C C   . GLN A 1 128 ? -12.04578 7.70154   -9.10580  1.000 51.39541 ? 386 GLN A C   1 
ATOM   931  O O   . GLN A 1 128 ? -12.29683 7.86468   -10.29934 1.000 53.32260 ? 386 GLN A O   1 
ATOM   932  C CB  . GLN A 1 128 ? -12.44882 5.30409   -8.60261  1.000 50.37996 ? 386 GLN A CB  1 
ATOM   933  C CG  . GLN A 1 128 ? -12.04099 3.99974   -7.95885  1.000 53.15787 ? 386 GLN A CG  1 
ATOM   934  C CD  . GLN A 1 128 ? -13.08702 2.89175   -8.09693  1.000 49.21496 ? 386 GLN A CD  1 
ATOM   935  O OE1 . GLN A 1 128 ? -12.86725 1.90378   -8.80235  1.000 53.81325 ? 386 GLN A OE1 1 
ATOM   936  N NE2 . GLN A 1 128 ? -14.22824 3.05307   -7.41278  1.000 52.21731 ? 386 GLN A NE2 1 
ATOM   937  N N   . ASP A 1 129 ? -12.32985 8.61518   -8.18122  1.000 52.59662 ? 387 ASP A N   1 
ATOM   938  C CA  . ASP A 1 129 ? -12.98419 9.86291   -8.53657  1.000 51.49760 ? 387 ASP A CA  1 
ATOM   939  C C   . ASP A 1 129 ? -12.00353 11.03598  -8.60310  1.000 51.28641 ? 387 ASP A C   1 
ATOM   940  O O   . ASP A 1 129 ? -12.41626 12.18035  -8.76299  1.000 51.53125 ? 387 ASP A O   1 
ATOM   941  C CB  . ASP A 1 129 ? -14.09405 10.18506  -7.53941  1.000 59.69203 ? 387 ASP A CB  1 
ATOM   942  C CG  . ASP A 1 129 ? -15.13885 9.07939   -7.44279  1.000 59.77787 ? 387 ASP A CG  1 
ATOM   943  O OD1 . ASP A 1 129 ? -15.21667 8.23261   -8.36523  1.000 61.37347 ? 387 ASP A OD1 1 
ATOM   944  O OD2 . ASP A 1 129 ? -15.87569 9.05872   -6.42978  1.000 61.89506 ? 387 ASP A OD2 1 
ATOM   945  N N   . PHE A 1 130 ? -10.70855 10.76639  -8.47823  1.000 46.01908 ? 388 PHE A N   1 
ATOM   946  C CA  . PHE A 1 130 ? -9.71623  11.79384  -8.79038  1.000 47.44384 ? 388 PHE A CA  1 
ATOM   947  C C   . PHE A 1 130 ? -9.88213  12.17498  -10.27097 1.000 45.19369 ? 388 PHE A C   1 
ATOM   948  O O   . PHE A 1 130 ? -10.31580 11.35274  -11.07460 1.000 46.58829 ? 388 PHE A O   1 
ATOM   949  C CB  . PHE A 1 130 ? -8.29951  11.29438  -8.50188  1.000 46.24634 ? 388 PHE A CB  1 
ATOM   950  C CG  . PHE A 1 130 ? -7.92551  11.30980  -7.03400  1.000 47.78906 ? 388 PHE A CG  1 
ATOM   951  C CD1 . PHE A 1 130 ? -8.86134  11.61929  -6.06225  1.000 46.65314 ? 388 PHE A CD1 1 
ATOM   952  C CD2 . PHE A 1 130 ? -6.62543  11.01085  -6.63193  1.000 43.17989 ? 388 PHE A CD2 1 
ATOM   953  C CE1 . PHE A 1 130 ? -8.50896  11.63902  -4.72677  1.000 49.09319 ? 388 PHE A CE1 1 
ATOM   954  C CE2 . PHE A 1 130 ? -6.26377  11.02991  -5.28538  1.000 45.55150 ? 388 PHE A CE2 1 
ATOM   955  C CZ  . PHE A 1 130 ? -7.20139  11.34889  -4.33936  1.000 47.67664 ? 388 PHE A CZ  1 
ATOM   956  N N   . ASN A 1 131 ? -9.55628  13.41081  -10.64052 1.000 42.59595 ? 389 ASN A N   1 
ATOM   957  C CA  . ASN A 1 131 ? -9.79003  13.84816  -12.02249 1.000 43.72847 ? 389 ASN A CA  1 
ATOM   958  C C   . ASN A 1 131 ? -8.53747  13.75110  -12.88858 1.000 44.37685 ? 389 ASN A C   1 
ATOM   959  O O   . ASN A 1 131 ? -8.61695  13.79677  -14.11391 1.000 44.54055 ? 389 ASN A O   1 
ATOM   960  C CB  . ASN A 1 131 ? -10.31959 15.28682  -12.05534 1.000 53.13790 ? 389 ASN A CB  1 
ATOM   961  C CG  . ASN A 1 131 ? -11.68593 15.43046  -11.39941 1.000 56.55668 ? 389 ASN A CG  1 
ATOM   962  O OD1 . ASN A 1 131 ? -12.57429 14.58751  -11.57405 1.000 54.94803 ? 389 ASN A OD1 1 
ATOM   963  N ND2 . ASN A 1 131 ? -11.86729 16.52119  -10.65606 1.000 67.06753 ? 389 ASN A ND2 1 
ATOM   964  N N   . ASN A 1 132 ? -7.37304  13.63824  -12.26581 1.000 39.53537 ? 390 ASN A N   1 
ATOM   965  C CA  . ASN A 1 132 ? -6.15023  13.53380  -13.05206 1.000 39.88307 ? 390 ASN A CA  1 
ATOM   966  C C   . ASN A 1 132 ? -5.88730  12.06860  -13.39267 1.000 39.58048 ? 390 ASN A C   1 
ATOM   967  O O   . ASN A 1 132 ? -5.91420  11.21747  -12.51847 1.000 39.26940 ? 390 ASN A O   1 
ATOM   968  C CB  . ASN A 1 132 ? -4.97159  14.14541  -12.30080 1.000 43.44103 ? 390 ASN A CB  1 
ATOM   969  C CG  . ASN A 1 132 ? -5.08676  15.66514  -12.17459 1.000 43.71869 ? 390 ASN A CG  1 
ATOM   970  O OD1 . ASN A 1 132 ? -5.30393  16.18775  -11.08791 1.000 52.44428 ? 390 ASN A OD1 1 
ATOM   971  N ND2 . ASN A 1 132 ? -4.95113  16.36829  -13.28967 1.000 46.59192 ? 390 ASN A ND2 1 
ATOM   972  N N   . LYS A 1 133 ? -5.67522  11.77646  -14.66983 1.000 38.05052 ? 391 LYS A N   1 
ATOM   973  C CA  . LYS A 1 133 ? -5.42772  10.40830  -15.12043 1.000 36.42858 ? 391 LYS A CA  1 
ATOM   974  C C   . LYS A 1 133 ? -3.92716  10.07213  -15.07605 1.000 35.65000 ? 391 LYS A C   1 
ATOM   975  O O   . LYS A 1 133 ? -3.54427  8.90436   -15.11733 1.000 36.12850 ? 391 LYS A O   1 
ATOM   976  C CB  . LYS A 1 133 ? -5.95946  10.20310  -16.54737 1.000 35.51482 ? 391 LYS A CB  1 
ATOM   977  C CG  . LYS A 1 133 ? -7.46722  10.41643  -16.72921 1.000 41.82126 ? 391 LYS A CG  1 
ATOM   978  C CD  . LYS A 1 133 ? -7.95166  9.86563   -18.09131 1.000 42.37496 ? 391 LYS A CD  1 
ATOM   979  C CE  . LYS A 1 133 ? -8.16078  11.01638  -19.07154 1.000 48.18179 ? 391 LYS A CE  1 
ATOM   980  N NZ  . LYS A 1 133 ? -8.47855  10.58578  -20.47551 1.000 42.71520 ? 391 LYS A NZ  1 
ATOM   981  N N   . ASP A 1 134 ? -3.12577  11.14208  -15.06860 1.000 35.83576 ? 392 ASP A N   1 
ATOM   982  C CA  . ASP A 1 134 ? -1.64337  11.06408  -15.09459 1.000 35.83244 ? 392 ASP A CA  1 
ATOM   983  C C   . ASP A 1 134 ? -1.08328  10.91560  -13.67701 1.000 40.40409 ? 392 ASP A C   1 
ATOM   984  O O   . ASP A 1 134 ? -1.86195  10.73595  -12.71775 1.000 36.81957 ? 392 ASP A O   1 
ATOM   985  C CB  . ASP A 1 134 ? -1.03674  12.27262  -15.81344 1.000 38.77172 ? 392 ASP A CB  1 
ATOM   986  C CG  . ASP A 1 134 ? -1.27164  13.58636  -15.08802 1.000 37.44310 ? 392 ASP A CG  1 
ATOM   987  O OD1 . ASP A 1 134 ? -1.84085  13.54806  -13.97874 1.000 42.31788 ? 392 ASP A OD1 1 
ATOM   988  O OD2 . ASP A 1 134 ? -0.88646  14.63624  -15.63817 1.000 50.14327 ? 392 ASP A OD2 1 
ATOM   989  N N   . HIS A 1 135 ? 0.23586   11.03467  -13.56142 1.000 35.09042 ? 393 HIS A N   1 
ATOM   990  C CA  . HIS A 1 135 ? 0.89484   10.84454  -12.27058 1.000 36.75590 ? 393 HIS A CA  1 
ATOM   991  C C   . HIS A 1 135 ? 0.31026   11.71503  -11.16059 1.000 39.85853 ? 393 HIS A C   1 
ATOM   992  O O   . HIS A 1 135 ? 0.55708   11.46482  -9.98370  1.000 35.42048 ? 393 HIS A O   1 
ATOM   993  C CB  . HIS A 1 135 ? 2.38585   11.14444  -12.39698 1.000 38.21147 ? 393 HIS A CB  1 
ATOM   994  C CG  . HIS A 1 135 ? 2.67385   12.57227  -12.70718 1.000 37.91885 ? 393 HIS A CG  1 
ATOM   995  N ND1 . HIS A 1 135 ? 2.74614   13.55365  -11.73598 1.000 40.67683 ? 393 HIS A ND1 1 
ATOM   996  C CD2 . HIS A 1 135 ? 2.88400   13.21557  -13.88587 1.000 37.63850 ? 393 HIS A CD2 1 
ATOM   997  C CE1 . HIS A 1 135 ? 2.99224   14.71528  -12.29111 1.000 41.23656 ? 393 HIS A CE1 1 
ATOM   998  N NE2 . HIS A 1 135 ? 3.07598   14.53216  -13.60826 1.000 39.25150 ? 393 HIS A NE2 1 
ATOM   999  N N   . GLN A 1 136 ? -0.44930  12.74472  -11.53275 1.000 38.47900 ? 394 GLN A N   1 
ATOM   1000 C CA  . GLN A 1 136 ? -0.97972  13.68838  -10.55175 1.000 40.31531 ? 394 GLN A CA  1 
ATOM   1001 C C   . GLN A 1 136 ? -2.12098  13.08478  -9.75290  1.000 38.41504 ? 394 GLN A C   1 
ATOM   1002 O O   . GLN A 1 136 ? -2.64284  13.70972  -8.83430  1.000 35.79130 ? 394 GLN A O   1 
ATOM   1003 C CB  . GLN A 1 136 ? -1.45823  14.97953  -11.23538 1.000 40.57093 ? 394 GLN A CB  1 
ATOM   1004 C CG  . GLN A 1 136 ? -0.38637  15.75137  -11.93164 1.000 36.20251 ? 394 GLN A CG  1 
ATOM   1005 C CD  . GLN A 1 136 ? -0.94229  16.94801  -12.66376 1.000 48.82891 ? 394 GLN A CD  1 
ATOM   1006 O OE1 . GLN A 1 136 ? -1.37984  16.84482  -13.81509 1.000 54.27960 ? 394 GLN A OE1 1 
ATOM   1007 N NE2 . GLN A 1 136 ? -0.94915  18.08664  -11.99717 1.000 42.24021 ? 394 GLN A NE2 1 
ATOM   1008 N N   . ALA A 1 137 ? -2.52442  11.87300  -10.10302 1.000 39.27758 ? 395 ALA A N   1 
ATOM   1009 C CA  . ALA A 1 137 ? -3.50761  11.17952  -9.28802  1.000 39.68042 ? 395 ALA A CA  1 
ATOM   1010 C C   . ALA A 1 137 ? -2.84427  10.77006  -7.96087  1.000 36.18587 ? 395 ALA A C   1 
ATOM   1011 O O   . ALA A 1 137 ? -3.49604  10.63944  -6.92463  1.000 38.14802 ? 395 ALA A O   1 
ATOM   1012 C CB  . ALA A 1 137 ? -4.06634  9.96153   -10.03904 1.000 40.16708 ? 395 ALA A CB  1 
ATOM   1013 N N   . TYR A 1 138 ? -1.52704  10.59686  -7.99648  1.000 39.34943 ? 396 TYR A N   1 
ATOM   1014 C CA  . TYR A 1 138 ? -0.76427  10.30348  -6.78060  1.000 36.93117 ? 396 TYR A CA  1 
ATOM   1015 C C   . TYR A 1 138 ? -0.50004  11.57242  -5.96878  1.000 38.35993 ? 396 TYR A C   1 
ATOM   1016 O O   . TYR A 1 138 ? 0.17183   12.47360  -6.45060  1.000 38.52691 ? 396 TYR A O   1 
ATOM   1017 C CB  . TYR A 1 138 ? 0.57814   9.68200   -7.12919  1.000 36.53046 ? 396 TYR A CB  1 
ATOM   1018 C CG  . TYR A 1 138 ? 0.54908   8.28904   -7.68901  1.000 38.86926 ? 396 TYR A CG  1 
ATOM   1019 C CD1 . TYR A 1 138 ? 0.25229   8.06035   -9.03461  1.000 36.36363 ? 396 TYR A CD1 1 
ATOM   1020 C CD2 . TYR A 1 138 ? 0.87446   7.19309   -6.88864  1.000 32.49300 ? 396 TYR A CD2 1 
ATOM   1021 C CE1 . TYR A 1 138 ? 0.26971   6.76237   -9.55713  1.000 32.99417 ? 396 TYR A CE1 1 
ATOM   1022 C CE2 . TYR A 1 138 ? 0.88505   5.91795   -7.40126  1.000 30.35059 ? 396 TYR A CE2 1 
ATOM   1023 C CZ  . TYR A 1 138 ? 0.58671   5.71298   -8.73770  1.000 34.18778 ? 396 TYR A CZ  1 
ATOM   1024 O OH  . TYR A 1 138 ? 0.60549   4.42945   -9.24675  1.000 33.48139 ? 396 TYR A OH  1 
ATOM   1025 N N   . PRO A 1 139 ? -0.99900  11.63941  -4.72994  1.000 46.06741 ? 397 PRO A N   1 
ATOM   1026 C CA  . PRO A 1 139 ? -0.67999  12.80912  -3.89605  1.000 48.21646 ? 397 PRO A CA  1 
ATOM   1027 C C   . PRO A 1 139 ? 0.79092   12.83117  -3.48215  1.000 45.55792 ? 397 PRO A C   1 
ATOM   1028 O O   . PRO A 1 139 ? 1.39338   11.76603  -3.40999  1.000 55.24184 ? 397 PRO A O   1 
ATOM   1029 C CB  . PRO A 1 139 ? -1.59184  12.62439  -2.67713  1.000 40.93243 ? 397 PRO A CB  1 
ATOM   1030 C CG  . PRO A 1 139 ? -1.78318  11.14952  -2.58227  1.000 46.26723 ? 397 PRO A CG  1 
ATOM   1031 C CD  . PRO A 1 139 ? -1.78629  10.63089  -3.99935  1.000 46.37582 ? 397 PRO A CD  1 
ATOM   1032 N N   . THR A 1 140 ? 1.36522   14.00728  -3.22926  1.000 59.37147 ? 398 THR A N   1 
ATOM   1033 C CA  . THR A 1 140 ? 2.67756   14.08795  -2.57085  1.000 51.97645 ? 398 THR A CA  1 
ATOM   1034 C C   . THR A 1 140 ? 2.58682   14.95058  -1.30827  1.000 53.59770 ? 398 THR A C   1 
ATOM   1035 O O   . THR A 1 140 ? 1.60561   15.66986  -1.11184  1.000 62.41221 ? 398 THR A O   1 
ATOM   1036 C CB  . THR A 1 140 ? 3.76676   14.64896  -3.50437  1.000 55.75159 ? 398 THR A CB  1 
ATOM   1037 O OG1 . THR A 1 140 ? 3.91395   13.78689  -4.63915  1.000 62.89959 ? 398 THR A OG1 1 
ATOM   1038 C CG2 . THR A 1 140 ? 5.09427   14.67667  -2.79468  1.000 57.02292 ? 398 THR A CG2 1 
ATOM   1039 N N   . SER A 1 141 ? 3.61519   14.87243  -0.46365  1.000 52.36160 ? 399 SER A N   1 
ATOM   1040 C CA  . SER A 1 141 ? 3.60837   15.47183  0.87668   1.000 58.38729 ? 399 SER A CA  1 
ATOM   1041 C C   . SER A 1 141 ? 4.09524   16.91549  0.96036   1.000 57.71326 ? 399 SER A C   1 
ATOM   1042 O O   . SER A 1 141 ? 4.38096   17.39714  2.05528   1.000 58.91361 ? 399 SER A O   1 
ATOM   1043 C CB  . SER A 1 141 ? 4.47962   14.63963  1.81349   1.000 55.95542 ? 399 SER A CB  1 
ATOM   1044 O OG  . SER A 1 141 ? 5.85408   14.85795  1.52296   1.000 56.52242 ? 399 SER A OG  1 
ATOM   1045 N N   . TYR A 1 142 ? 4.20756   17.59594  -0.17731  1.000 57.66988 ? 400 TYR A N   1 
ATOM   1046 C CA  . TYR A 1 142 ? 4.70793   18.97320  -0.19216  1.000 55.24451 ? 400 TYR A CA  1 
ATOM   1047 C C   . TYR A 1 142 ? 3.79693   19.93337  -0.96226  1.000 49.13594 ? 400 TYR A C   1 
ATOM   1048 O O   . TYR A 1 142 ? 2.61715   19.65558  -1.19611  1.000 52.20688 ? 400 TYR A O   1 
ATOM   1049 C CB  . TYR A 1 142 ? 6.11527   19.01363  -0.78643  1.000 54.57886 ? 400 TYR A CB  1 
ATOM   1050 C CG  . TYR A 1 142 ? 6.15062   18.80096  -2.28723  1.000 57.80114 ? 400 TYR A CG  1 
ATOM   1051 C CD1 . TYR A 1 142 ? 6.16204   17.52896  -2.82943  1.000 54.74852 ? 400 TYR A CD1 1 
ATOM   1052 C CD2 . TYR A 1 142 ? 6.16726   19.87734  -3.15956  1.000 56.42246 ? 400 TYR A CD2 1 
ATOM   1053 C CE1 . TYR A 1 142 ? 6.19608   17.33376  -4.19691  1.000 53.36249 ? 400 TYR A CE1 1 
ATOM   1054 C CE2 . TYR A 1 142 ? 6.20216   19.68955  -4.52957  1.000 61.27884 ? 400 TYR A CE2 1 
ATOM   1055 C CZ  . TYR A 1 142 ? 6.21686   18.41494  -5.04080  1.000 54.91274 ? 400 TYR A CZ  1 
ATOM   1056 O OH  . TYR A 1 142 ? 6.25214   18.22914  -6.40839  1.000 56.24896 ? 400 TYR A OH  1 
ATOM   1057 N N   . TYR A 1 146 ? -2.84628  16.05561  1.49852   1.000 59.71457 ? 404 TYR A N   1 
ATOM   1058 C CA  . TYR A 1 146 ? -1.70783  15.43009  2.17214   1.000 59.67989 ? 404 TYR A CA  1 
ATOM   1059 C C   . TYR A 1 146 ? -2.13995  14.21772  2.99048   1.000 55.39045 ? 404 TYR A C   1 
ATOM   1060 O O   . TYR A 1 146 ? -1.34573  13.29520  3.22765   1.000 55.26682 ? 404 TYR A O   1 
ATOM   1061 C CB  . TYR A 1 146 ? -0.98068  16.41528  3.10288   1.000 65.33437 ? 404 TYR A CB  1 
ATOM   1062 C CG  . TYR A 1 146 ? 0.00631   15.70694  4.01196   1.000 61.21335 ? 404 TYR A CG  1 
ATOM   1063 C CD1 . TYR A 1 146 ? 1.25178   15.32863  3.53524   1.000 57.97091 ? 404 TYR A CD1 1 
ATOM   1064 C CD2 . TYR A 1 146 ? -0.32295  15.36931  5.32725   1.000 57.11171 ? 404 TYR A CD2 1 
ATOM   1065 C CE1 . TYR A 1 146 ? 2.15272   14.65975  4.34312   1.000 55.78055 ? 404 TYR A CE1 1 
ATOM   1066 C CE2 . TYR A 1 146 ? 0.57332   14.69772  6.14059   1.000 60.14270 ? 404 TYR A CE2 1 
ATOM   1067 C CZ  . TYR A 1 146 ? 1.81336   14.34756  5.63733   1.000 57.69215 ? 404 TYR A CZ  1 
ATOM   1068 O OH  . TYR A 1 146 ? 2.73219   13.68140  6.41078   1.000 55.52562 ? 404 TYR A OH  1 
ATOM   1069 N N   . GLN A 1 147 ? -3.38202  14.23032  3.45396   1.000 57.49955 ? 405 GLN A N   1 
ATOM   1070 C CA  . GLN A 1 147 ? -3.87461  13.10754  4.23471   1.000 59.79517 ? 405 GLN A CA  1 
ATOM   1071 C C   . GLN A 1 147 ? -3.77336  11.82649  3.40635   1.000 54.34346 ? 405 GLN A C   1 
ATOM   1072 O O   . GLN A 1 147 ? -3.31321  10.79424  3.90539   1.000 47.81387 ? 405 GLN A O   1 
ATOM   1073 C CB  . GLN A 1 147 ? -5.31989  13.34229  4.69231   1.000 61.33723 ? 405 GLN A CB  1 
ATOM   1074 C CG  . GLN A 1 147 ? -5.78850  12.36100  5.76851   1.000 72.32290 ? 405 GLN A CG  1 
ATOM   1075 C CD  . GLN A 1 147 ? -7.15566  12.70905  6.33873   1.000 84.54885 ? 405 GLN A CD  1 
ATOM   1076 O OE1 . GLN A 1 147 ? -7.47770  13.88347  6.53143   1.000 79.99461 ? 405 GLN A OE1 1 
ATOM   1077 N NE2 . GLN A 1 147 ? -7.96826  11.68357  6.61454   1.000 84.06093 ? 405 GLN A NE2 1 
ATOM   1078 N N   . THR A 1 148 ? -4.17588  11.91167  2.13595   1.000 50.68676 ? 406 THR A N   1 
ATOM   1079 C CA  . THR A 1 148 ? -4.22596  10.74390  1.25244   1.000 48.20891 ? 406 THR A CA  1 
ATOM   1080 C C   . THR A 1 148 ? -2.84478  10.16724  1.01564   1.000 41.88566 ? 406 THR A C   1 
ATOM   1081 O O   . THR A 1 148 ? -2.69879  8.95190   0.87931   1.000 40.51255 ? 406 THR A O   1 
ATOM   1082 C CB  . THR A 1 148 ? -4.86605  11.07769  -0.10267  1.000 47.65766 ? 406 THR A CB  1 
ATOM   1083 O OG1 . THR A 1 148 ? -6.11869  11.73092  0.11783   1.000 54.95185 ? 406 THR A OG1 1 
ATOM   1084 C CG2 . THR A 1 148 ? -5.09849  9.80873   -0.91827  1.000 50.27680 ? 406 THR A CG2 1 
ATOM   1085 N N   . TYR A 1 149 ? -1.84409  11.04127  0.97568   1.000 43.73676 ? 407 TYR A N   1 
ATOM   1086 C CA  . TYR A 1 149 ? -0.44073  10.63044  0.90995   1.000 47.71725 ? 407 TYR A CA  1 
ATOM   1087 C C   . TYR A 1 149 ? -0.12567  9.63961   2.01440   1.000 44.25262 ? 407 TYR A C   1 
ATOM   1088 O O   . TYR A 1 149 ? 0.47043   8.58963   1.76591   1.000 41.61693 ? 407 TYR A O   1 
ATOM   1089 C CB  . TYR A 1 149 ? 0.48502   11.84000  1.02532   1.000 46.43449 ? 407 TYR A CB  1 
ATOM   1090 C CG  . TYR A 1 149 ? 1.96370   11.49584  1.09920   1.000 50.64741 ? 407 TYR A CG  1 
ATOM   1091 C CD1 . TYR A 1 149 ? 2.72473   11.35231  -0.05597  1.000 46.28664 ? 407 TYR A CD1 1 
ATOM   1092 C CD2 . TYR A 1 149 ? 2.60547   11.34113  2.32629   1.000 50.93224 ? 407 TYR A CD2 1 
ATOM   1093 C CE1 . TYR A 1 149 ? 4.07415   11.04523  0.00693   1.000 45.98978 ? 407 TYR A CE1 1 
ATOM   1094 C CE2 . TYR A 1 149 ? 3.95445   11.02845  2.39555   1.000 46.78355 ? 407 TYR A CE2 1 
ATOM   1095 C CZ  . TYR A 1 149 ? 4.67927   10.88070  1.24010   1.000 50.71968 ? 407 TYR A CZ  1 
ATOM   1096 O OH  . TYR A 1 149 ? 6.02034   10.57217  1.31090   1.000 47.49592 ? 407 TYR A OH  1 
ATOM   1097 N N   . GLN A 1 150 ? -0.55250  9.98139   3.22840   1.000 47.51035 ? 408 GLN A N   1 
ATOM   1098 C CA  . GLN A 1 150 ? -0.28141  9.17874   4.42112   1.000 48.50333 ? 408 GLN A CA  1 
ATOM   1099 C C   . GLN A 1 150 ? -1.10033  7.90361   4.41119   1.000 38.20950 ? 408 GLN A C   1 
ATOM   1100 O O   . GLN A 1 150 ? -0.59846  6.84728   4.78052   1.000 39.39658 ? 408 GLN A O   1 
ATOM   1101 C CB  . GLN A 1 150 ? -0.57329  9.98322   5.70331   1.000 48.48651 ? 408 GLN A CB  1 
ATOM   1102 C CG  . GLN A 1 150 ? 0.58645   10.86567  6.23169   1.000 57.30842 ? 408 GLN A CG  1 
ATOM   1103 C CD  . GLN A 1 150 ? 1.94332   10.15619  6.41104   1.000 57.36590 ? 408 GLN A CD  1 
ATOM   1104 O OE1 . GLN A 1 150 ? 2.03966   8.92595   6.41764   1.000 51.77882 ? 408 GLN A OE1 1 
ATOM   1105 N NE2 . GLN A 1 150 ? 3.00453   10.95745  6.54685   1.000 61.45165 ? 408 GLN A NE2 1 
ATOM   1106 N N   . ALA A 1 151 ? -2.35878  8.01349   3.99509   1.000 42.24598 ? 409 ALA A N   1 
ATOM   1107 C CA  . ALA A 1 151 ? -3.26396  6.86595   3.88803   1.000 40.01707 ? 409 ALA A CA  1 
ATOM   1108 C C   . ALA A 1 151 ? -2.72488  5.79081   2.94652   1.000 38.88063 ? 409 ALA A C   1 
ATOM   1109 O O   . ALA A 1 151 ? -2.89489  4.59471   3.17794   1.000 39.27358 ? 409 ALA A O   1 
ATOM   1110 C CB  . ALA A 1 151 ? -4.64298  7.32863   3.41523   1.000 41.50001 ? 409 ALA A CB  1 
ATOM   1111 N N   . LEU A 1 152 ? -2.08315  6.23051   1.87342   1.000 40.23264 ? 410 LEU A N   1 
ATOM   1112 C CA  . LEU A 1 152 ? -1.57065  5.32254   0.85089   1.000 35.65462 ? 410 LEU A CA  1 
ATOM   1113 C C   . LEU A 1 152 ? -0.37917  4.50641   1.34630   1.000 35.16646 ? 410 LEU A C   1 
ATOM   1114 O O   . LEU A 1 152 ? -0.10306  3.42014   0.83883   1.000 29.82301 ? 410 LEU A O   1 
ATOM   1115 C CB  . LEU A 1 152 ? -1.15278  6.10379   -0.40118  1.000 33.44820 ? 410 LEU A CB  1 
ATOM   1116 C CG  . LEU A 1 152 ? -2.23848  6.36459   -1.44592  1.000 38.09070 ? 410 LEU A CG  1 
ATOM   1117 C CD1 . LEU A 1 152 ? -1.81593  7.45395   -2.38095  1.000 35.56558 ? 410 LEU A CD1 1 
ATOM   1118 C CD2 . LEU A 1 152 ? -2.51260  5.10197   -2.21510  1.000 35.84591 ? 410 LEU A CD2 1 
ATOM   1119 N N   . ARG A 1 153 ? 0.35573   5.03073   2.32149   1.000 36.99036 ? 411 ARG A N   1 
ATOM   1120 C CA  . ARG A 1 153 ? 1.54615   4.30400   2.76757   1.000 38.46817 ? 411 ARG A CA  1 
ATOM   1121 C C   . ARG A 1 153 ? 1.37714   3.68174   4.15463   1.000 35.25538 ? 411 ARG A C   1 
ATOM   1122 O O   . ARG A 1 153 ? 2.23020   2.91392   4.60881   1.000 34.80557 ? 411 ARG A O   1 
ATOM   1123 C CB  . ARG A 1 153 ? 2.77374   5.22232   2.64883   1.000 49.06230 ? 411 ARG A CB  1 
ATOM   1124 C CG  . ARG A 1 153 ? 2.72184   6.51948   3.39447   1.000 47.05028 ? 411 ARG A CG  1 
ATOM   1125 C CD  . ARG A 1 153 ? 3.67050   7.51699   2.71269   1.000 53.01001 ? 411 ARG A CD  1 
ATOM   1126 N NE  . ARG A 1 153 ? 5.07341   7.31246   3.07747   1.000 48.91419 ? 411 ARG A NE  1 
ATOM   1127 C CZ  . ARG A 1 153 ? 5.57367   7.56834   4.29105   1.000 64.26344 ? 411 ARG A CZ  1 
ATOM   1128 N NH1 . ARG A 1 153 ? 4.78897   8.04894   5.25655   1.000 60.14578 ? 411 ARG A NH1 1 
ATOM   1129 N NH2 . ARG A 1 153 ? 6.86152   7.34965   4.55063   1.000 57.81445 ? 411 ARG A NH2 1 
ATOM   1130 N N   . ASN A 1 154 ? 0.23059   3.93141   4.77942   1.000 33.40741 ? 412 ASN A N   1 
ATOM   1131 C CA  . ASN A 1 154 ? -0.14138  3.25445   6.02440   1.000 38.02913 ? 412 ASN A CA  1 
ATOM   1132 C C   . ASN A 1 154 ? -0.23595  1.72781   5.90038   1.000 36.48755 ? 412 ASN A C   1 
ATOM   1133 O O   . ASN A 1 154 ? 0.17746   1.01966   6.81885   1.000 37.32190 ? 412 ASN A O   1 
ATOM   1134 C CB  . ASN A 1 154 ? -1.47108  3.80869   6.55879   1.000 38.63206 ? 412 ASN A CB  1 
ATOM   1135 C CG  . ASN A 1 154 ? -1.81157  3.28808   7.95393   1.000 46.39377 ? 412 ASN A CG  1 
ATOM   1136 O OD1 . ASN A 1 154 ? -2.80538  2.57152   8.14204   1.000 47.81949 ? 412 ASN A OD1 1 
ATOM   1137 N ND2 . ASN A 1 154 ? -0.98429  3.64700   8.94205   1.000 46.70800 ? 412 ASN A ND2 1 
ATOM   1138 N N   . PRO A 1 155 ? -0.76635  1.19630   4.77677   1.000 34.47084 ? 413 PRO A N   1 
ATOM   1139 C CA  . PRO A 1 155 ? -0.87269  -0.26718  4.71360   1.000 33.79491 ? 413 PRO A CA  1 
ATOM   1140 C C   . PRO A 1 155 ? 0.43200   -1.02389  4.93984   1.000 31.87174 ? 413 PRO A C   1 
ATOM   1141 O O   . PRO A 1 155 ? 0.43794   -2.12375  5.49157   1.000 32.30066 ? 413 PRO A O   1 
ATOM   1142 C CB  . PRO A 1 155 ? -1.38254  -0.50740  3.28815   1.000 33.77600 ? 413 PRO A CB  1 
ATOM   1143 C CG  . PRO A 1 155 ? -2.20489  0.67968   3.00254   1.000 31.11368 ? 413 PRO A CG  1 
ATOM   1144 C CD  . PRO A 1 155 ? -1.50198  1.83113   3.66911   1.000 34.35104 ? 413 PRO A CD  1 
ATOM   1145 N N   . TYR A 1 156 ? 1.53541   -0.45486  4.49587   1.000 27.82114 ? 414 TYR A N   1 
ATOM   1146 C CA  . TYR A 1 156 ? 2.80388   -1.12413  4.66924   1.000 32.79678 ? 414 TYR A CA  1 
ATOM   1147 C C   . TYR A 1 156 ? 3.10790   -1.28389  6.16403   1.000 35.15095 ? 414 TYR A C   1 
ATOM   1148 O O   . TYR A 1 156 ? 3.57867   -2.33500  6.59431   1.000 31.72523 ? 414 TYR A O   1 
ATOM   1149 C CB  . TYR A 1 156 ? 3.91432   -0.34790  3.95250   1.000 32.73444 ? 414 TYR A CB  1 
ATOM   1150 C CG  . TYR A 1 156 ? 5.31040   -0.87412  4.20273   1.000 35.55668 ? 414 TYR A CG  1 
ATOM   1151 C CD1 . TYR A 1 156 ? 5.75746   -2.03883  3.59906   1.000 40.37821 ? 414 TYR A CD1 1 
ATOM   1152 C CD2 . TYR A 1 156 ? 6.18102   -0.20037  5.05110   1.000 41.15212 ? 414 TYR A CD2 1 
ATOM   1153 C CE1 . TYR A 1 156 ? 7.03860   -2.51861  3.83783   1.000 42.77758 ? 414 TYR A CE1 1 
ATOM   1154 C CE2 . TYR A 1 156 ? 7.45674   -0.66796  5.28891   1.000 43.35516 ? 414 TYR A CE2 1 
ATOM   1155 C CZ  . TYR A 1 156 ? 7.88160   -1.82309  4.67796   1.000 47.81859 ? 414 TYR A CZ  1 
ATOM   1156 O OH  . TYR A 1 156 ? 9.15626   -2.29012  4.92375   1.000 56.26310 ? 414 TYR A OH  1 
ATOM   1157 N N   . SER A 1 157 ? 2.85643   -0.23012  6.93912   1.000 34.26512 ? 415 SER A N   1 
ATOM   1158 C CA  . SER A 1 157 ? 3.08078   -0.27466  8.38769   1.000 34.43010 ? 415 SER A CA  1 
ATOM   1159 C C   . SER A 1 157 ? 2.23919   -1.34119  9.03720   1.000 31.82914 ? 415 SER A C   1 
ATOM   1160 O O   . SER A 1 157 ? 2.74566   -2.14881  9.81152   1.000 31.61781 ? 415 SER A O   1 
ATOM   1161 C CB  . SER A 1 157 ? 2.74923   1.06785   9.03069   1.000 35.84685 ? 415 SER A CB  1 
ATOM   1162 O OG  . SER A 1 157 ? 3.76260   2.00554   8.74723   1.000 39.08326 ? 415 SER A OG  1 
ATOM   1163 N N   . LYS A 1 158 ? 0.94563   -1.34888  8.71888   1.000 34.21403 ? 416 LYS A N   1 
ATOM   1164 C CA  . LYS A 1 158 ? 0.03033   -2.29445  9.36070   1.000 37.25931 ? 416 LYS A CA  1 
ATOM   1165 C C   . LYS A 1 158 ? 0.29958   -3.74337  8.98580   1.000 31.70423 ? 416 LYS A C   1 
ATOM   1166 O O   . LYS A 1 158 ? 0.20917   -4.62136  9.82367   1.000 32.76885 ? 416 LYS A O   1 
ATOM   1167 C CB  . LYS A 1 158 ? -1.40182  -1.93070  9.03389   1.000 34.02336 ? 416 LYS A CB  1 
ATOM   1168 C CG  . LYS A 1 158 ? -1.70091  -0.49934  9.41356   1.000 38.37887 ? 416 LYS A CG  1 
ATOM   1169 C CD  . LYS A 1 158 ? -3.19086  -0.33342  9.62103   1.000 47.79385 ? 416 LYS A CD  1 
ATOM   1170 C CE  . LYS A 1 158 ? -3.50243  0.69608   10.69022  1.000 53.11223 ? 416 LYS A CE  1 
ATOM   1171 N NZ  . LYS A 1 158 ? -4.96736  0.99411   10.68866  1.000 58.90604 ? 416 LYS A NZ  1 
ATOM   1172 N N   . LEU A 1 159 ? 0.61764   -3.99174  7.71972   1.000 33.60548 ? 417 LEU A N   1 
ATOM   1173 C CA  . LEU A 1 159 ? 0.98672   -5.33973  7.27781   1.000 29.18681 ? 417 LEU A CA  1 
ATOM   1174 C C   . LEU A 1 159 ? 2.32322   -5.75955  7.84303   1.000 29.86405 ? 417 LEU A C   1 
ATOM   1175 O O   . LEU A 1 159 ? 2.59118   -6.94574  7.99679   1.000 30.16583 ? 417 LEU A O   1 
ATOM   1176 C CB  . LEU A 1 159 ? 1.02478   -5.40045  5.75228   1.000 31.25686 ? 417 LEU A CB  1 
ATOM   1177 C CG  . LEU A 1 159 ? -0.33884  -5.36076  5.04758   1.000 32.85918 ? 417 LEU A CG  1 
ATOM   1178 C CD1 . LEU A 1 159 ? -0.18279  -5.06151  3.56169   1.000 33.26248 ? 417 LEU A CD1 1 
ATOM   1179 C CD2 . LEU A 1 159 ? -1.09928  -6.66946  5.26483   1.000 28.61633 ? 417 LEU A CD2 1 
ATOM   1180 N N   . THR A 1 160 ? 3.17078   -4.76463  8.12710   1.000 35.30115 ? 418 THR A N   1 
ATOM   1181 C CA  . THR A 1 160 ? 4.50715   -5.02003  8.72590   1.000 33.31182 ? 418 THR A CA  1 
ATOM   1182 C C   . THR A 1 160 ? 4.28645   -5.48412  10.16857  1.000 35.15986 ? 418 THR A C   1 
ATOM   1183 O O   . THR A 1 160 ? 5.16186   -6.18896  10.70976  1.000 38.34466 ? 418 THR A O   1 
ATOM   1184 C CB  . THR A 1 160 ? 5.39355   -3.77028  8.65808   1.000 34.22189 ? 418 THR A CB  1 
ATOM   1185 O OG1 . THR A 1 160 ? 5.89485   -3.65444  7.32604   1.000 33.52523 ? 418 THR A OG1 1 
ATOM   1186 C CG2 . THR A 1 160 ? 6.54700   -3.81301  9.63709   1.000 40.02220 ? 418 THR A CG2 1 
ATOM   1187 N N   . LEU A 1 161 ? 3.14859   -5.09003  10.74951  1.000 34.19992 ? 419 LEU A N   1 
ATOM   1188 C CA  . LEU A 1 161 ? 2.78067   -5.47748  12.10879  1.000 33.98157 ? 419 LEU A CA  1 
ATOM   1189 C C   . LEU A 1 161 ? 2.09029   -6.84451  12.08912  1.000 30.22370 ? 419 LEU A C   1 
ATOM   1190 O O   . LEU A 1 161 ? 2.31100   -7.67331  12.96511  1.000 32.43849 ? 419 LEU A O   1 
ATOM   1191 C CB  . LEU A 1 161 ? 1.87174   -4.40928  12.73693  1.000 27.24779 ? 419 LEU A CB  1 
ATOM   1192 C CG  . LEU A 1 161 ? 1.11503   -4.82353  14.00851  1.000 37.62901 ? 419 LEU A CG  1 
ATOM   1193 C CD1 . LEU A 1 161 ? 2.08805   -5.05530  15.16285  1.000 31.04953 ? 419 LEU A CD1 1 
ATOM   1194 C CD2 . LEU A 1 161 ? 0.04568   -3.80129  14.40456  1.000 33.48681 ? 419 LEU A CD2 1 
ATOM   1195 N N   . VAL A 1 162 ? 1.24901   -7.06266  11.07657  1.000 33.37166 ? 420 VAL A N   1 
ATOM   1196 C CA  . VAL A 1 162 ? 0.59183   -8.35180  10.87774  1.000 30.98905 ? 420 VAL A CA  1 
ATOM   1197 C C   . VAL A 1 162 ? 1.63507   -9.45878  10.72612  1.000 32.32523 ? 420 VAL A C   1 
ATOM   1198 O O   . VAL A 1 162 ? 1.56376   -10.47311 11.40954  1.000 31.85898 ? 420 VAL A O   1 
ATOM   1199 C CB  . VAL A 1 162 ? -0.33293  -8.29856  9.67854   1.000 32.36856 ? 420 VAL A CB  1 
ATOM   1200 C CG1 . VAL A 1 162 ? -0.89282  -9.69212  9.38690   1.000 33.15627 ? 420 VAL A CG1 1 
ATOM   1201 C CG2 . VAL A 1 162 ? -1.47158  -7.30508  9.96099   1.000 31.34808 ? 420 VAL A CG2 1 
ATOM   1202 N N   . LYS A 1 163 ? 2.61114   -9.23285  9.84857   1.000 30.96830 ? 421 LYS A N   1 
ATOM   1203 C CA  . LYS A 1 163 ? 3.75353   -10.12398 9.69503   1.000 31.69548 ? 421 LYS A CA  1 
ATOM   1204 C C   . LYS A 1 163 ? 4.44187   -10.38417 11.03787  1.000 38.42089 ? 421 LYS A C   1 
ATOM   1205 O O   . LYS A 1 163 ? 4.70367   -11.52762 11.40733  1.000 32.84532 ? 421 LYS A O   1 
ATOM   1206 C CB  . LYS A 1 163 ? 4.75324   -9.53941  8.69672   1.000 36.75018 ? 421 LYS A CB  1 
ATOM   1207 C CG  . LYS A 1 163 ? 6.00770   -10.42360 8.52380   1.000 46.70079 ? 421 LYS A CG  1 
ATOM   1208 C CD  . LYS A 1 163 ? 5.62731   -11.76232 7.83395   1.000 59.22457 ? 421 LYS A CD  1 
ATOM   1209 C CE  . LYS A 1 163 ? 6.87665   -12.62772 7.57812   1.000 68.02410 ? 421 LYS A CE  1 
ATOM   1210 N NZ  . LYS A 1 163 ? 6.60346   -13.98050 6.94034   1.000 63.87773 ? 421 LYS A NZ  1 
ATOM   1211 N N   . ASP A 1 164 ? 4.73960   -9.29875  11.75880  1.000 34.11438 ? 422 ASP A N   1 
ATOM   1212 C CA  . ASP A 1 164 ? 5.44442   -9.37841  13.06845  1.000 35.50738 ? 422 ASP A CA  1 
ATOM   1213 C C   . ASP A 1 164 ? 4.64246   -10.22718 14.06320  1.000 33.57275 ? 422 ASP A C   1 
ATOM   1214 O O   . ASP A 1 164 ? 5.26277   -11.05206 14.76388  1.000 37.33871 ? 422 ASP A O   1 
ATOM   1215 C CB  . ASP A 1 164 ? 5.73822   -7.98417  13.62655  1.000 34.03546 ? 422 ASP A CB  1 
ATOM   1216 C CG  . ASP A 1 164 ? 6.90621   -7.95631  14.59740  1.000 50.58544 ? 422 ASP A CG  1 
ATOM   1217 O OD1 . ASP A 1 164 ? 7.60591   -8.98362  14.69935  1.000 48.34200 ? 422 ASP A OD1 1 
ATOM   1218 O OD2 . ASP A 1 164 ? 7.10723   -6.90830  15.24143  1.000 38.14550 ? 422 ASP A OD2 1 
ATOM   1219 N N   . LEU A 1 165 ? 3.32224   -10.02907 14.11961  1.000 30.18841 ? 423 LEU A N   1 
ATOM   1220 C CA  . LEU A 1 165 ? 2.47369   -10.75094 15.05243  1.000 29.65119 ? 423 LEU A CA  1 
ATOM   1221 C C   . LEU A 1 165 ? 2.40995   -12.27057 14.77060  1.000 37.60916 ? 423 LEU A C   1 
ATOM   1222 O O   . LEU A 1 165 ? 2.30323   -13.07231 15.69062  1.000 29.11139 ? 423 LEU A O   1 
ATOM   1223 C CB  . LEU A 1 165 ? 1.05869   -10.17257 15.03032  1.000 32.39145 ? 423 LEU A CB  1 
ATOM   1224 C CG  . LEU A 1 165 ? 0.73229   -8.84420  15.71188  1.000 34.86824 ? 423 LEU A CG  1 
ATOM   1225 C CD1 . LEU A 1 165 ? -0.65116  -8.33481  15.27020  1.000 29.30515 ? 423 LEU A CD1 1 
ATOM   1226 C CD2 . LEU A 1 165 ? 0.80409   -8.98683  17.25083  1.000 34.79437 ? 423 LEU A CD2 1 
ATOM   1227 N N   . LEU A 1 166 ? 2.45626   -12.65575 13.49701  1.000 34.85325 ? 424 LEU A N   1 
ATOM   1228 C CA  . LEU A 1 166 ? 2.36561   -14.05690 13.12360  1.000 41.69695 ? 424 LEU A CA  1 
ATOM   1229 C C   . LEU A 1 166 ? 3.73527   -14.73568 13.07758  1.000 44.61768 ? 424 LEU A C   1 
ATOM   1230 O O   . LEU A 1 166 ? 3.84106   -15.90912 12.74189  1.000 49.36398 ? 424 LEU A O   1 
ATOM   1231 C CB  . LEU A 1 166 ? 1.69083   -14.19405 11.76270  1.000 36.06478 ? 424 LEU A CB  1 
ATOM   1232 C CG  . LEU A 1 166 ? 0.30236   -13.57523 11.68559  1.000 39.38803 ? 424 LEU A CG  1 
ATOM   1233 C CD1 . LEU A 1 166 ? -0.06132  -13.36594 10.22464  1.000 38.16393 ? 424 LEU A CD1 1 
ATOM   1234 C CD2 . LEU A 1 166 ? -0.69106  -14.48148 12.41106  1.000 38.21834 ? 424 LEU A CD2 1 
ATOM   1235 N N   . THR A 1 167 ? 4.78816   -13.99608 13.38345  1.000 38.49544 ? 425 THR A N   1 
ATOM   1236 C CA  . THR A 1 167 ? 6.11142   -14.58554 13.37803  1.000 42.51632 ? 425 THR A CA  1 
ATOM   1237 C C   . THR A 1 167 ? 6.50091   -14.86002 14.81603  1.000 49.74486 ? 425 THR A C   1 
ATOM   1238 O O   . THR A 1 167 ? 7.07808   -13.99131 15.47211  1.000 44.23945 ? 425 THR A O   1 
ATOM   1239 C CB  . THR A 1 167 ? 7.15815   -13.68370 12.74116  1.000 42.68826 ? 425 THR A CB  1 
ATOM   1240 O OG1 . THR A 1 167 ? 6.70201   -13.26224 11.45264  1.000 49.52195 ? 425 THR A OG1 1 
ATOM   1241 C CG2 . THR A 1 167 ? 8.47224   -14.43980 12.57775  1.000 44.58416 ? 425 THR A CG2 1 
ATOM   1242 N N   . ARG A 1 168 ? 6.16018   -16.04987 15.31195  1.000 46.58212 ? 426 ARG A N   1 
ATOM   1243 C CA  . ARG A 1 168 ? 6.50751   -16.40569 16.67589  1.000 49.75045 ? 426 ARG A CA  1 
ATOM   1244 C C   . ARG A 1 168 ? 7.38779   -17.64037 16.69574  1.000 51.82922 ? 426 ARG A C   1 
ATOM   1245 O O   . ARG A 1 168 ? 7.91238   -17.98750 17.74997  1.000 58.75378 ? 426 ARG A O   1 
ATOM   1246 C CB  . ARG A 1 168 ? 5.24675   -16.64049 17.50963  1.000 49.63477 ? 426 ARG A CB  1 
ATOM   1247 C CG  . ARG A 1 168 ? 4.25463   -15.49690 17.42491  1.000 44.68203 ? 426 ARG A CG  1 
ATOM   1248 C CD  . ARG A 1 168 ? 2.87739   -15.94003 17.84051  1.000 48.08189 ? 426 ARG A CD  1 
ATOM   1249 N NE  . ARG A 1 168 ? 2.36454   -16.93790 16.91107  1.000 48.90866 ? 426 ARG A NE  1 
ATOM   1250 C CZ  . ARG A 1 168 ? 1.23687   -16.82357 16.21885  1.000 46.92389 ? 426 ARG A CZ  1 
ATOM   1251 N NH1 . ARG A 1 168 ? 0.47772   -15.73939 16.35045  1.000 44.87866 ? 426 ARG A NH1 1 
ATOM   1252 N NH2 . ARG A 1 168 ? 0.86567   -17.80578 15.39906  1.000 52.13351 ? 426 ARG A NH2 1 
HETATM 1253 O O   . HOH B 2 .   ? 1.58108   -4.07963  -7.82953  1.000 50.04405 ? 501 HOH A O   1 
HETATM 1254 O O   . HOH B 2 .   ? 6.14928   -4.92570  15.21674  1.000 41.28239 ? 502 HOH A O   1 
HETATM 1255 O O   . HOH B 2 .   ? -3.76248  -13.84536 27.35926  1.000 38.39059 ? 503 HOH A O   1 
HETATM 1256 O O   . HOH B 2 .   ? 5.71405   13.05137  -17.62479 1.000 44.19558 ? 504 HOH A O   1 
HETATM 1257 O O   . HOH B 2 .   ? -9.06499  -1.43656  -11.89204 1.000 32.77341 ? 505 HOH A O   1 
HETATM 1258 O O   . HOH B 2 .   ? -4.62061  -20.09922 7.06058   1.000 50.72571 ? 506 HOH A O   1 
HETATM 1259 O O   . HOH B 2 .   ? 19.11431  13.22851  -15.70688 1.000 40.92338 ? 507 HOH A O   1 
HETATM 1260 O O   . HOH B 2 .   ? 1.35599   2.40883   -7.50499  1.000 37.18384 ? 508 HOH A O   1 
HETATM 1261 O O   . HOH B 2 .   ? -4.38384  1.68793   6.41140   1.000 43.39739 ? 509 HOH A O   1 
HETATM 1262 O O   . HOH B 2 .   ? 8.35457   -4.52404  6.04357   1.000 46.89843 ? 510 HOH A O   1 
HETATM 1263 O O   . HOH B 2 .   ? -15.06776 1.46718   -5.48716  1.000 54.06971 ? 511 HOH A O   1 
HETATM 1264 O O   . HOH B 2 .   ? 14.81396  13.45641  -12.59541 1.000 36.25250 ? 512 HOH A O   1 
HETATM 1265 O O   . HOH B 2 .   ? 5.83387   -18.06011 13.52233  1.000 55.57213 ? 513 HOH A O   1 
HETATM 1266 O O   . HOH B 2 .   ? -3.40992  -9.46505  -5.70613  1.000 39.17403 ? 514 HOH A O   1 
HETATM 1267 O O   . HOH B 2 .   ? 7.74516   -4.32787  -3.15522  1.000 41.94532 ? 515 HOH A O   1 
HETATM 1268 O O   . HOH B 2 .   ? 4.69872   -1.57739  11.64527  1.000 38.42069 ? 516 HOH A O   1 
HETATM 1269 O O   . HOH B 2 .   ? -15.47908 5.61945   -9.19765  1.000 57.73397 ? 517 HOH A O   1 
HETATM 1270 O O   . HOH B 2 .   ? 15.74991  11.47804  -20.27034 1.000 47.63572 ? 518 HOH A O   1 
HETATM 1271 O O   . HOH B 2 .   ? 5.98831   0.38038   -9.68080  1.000 44.12903 ? 519 HOH A O   1 
HETATM 1272 O O   . HOH B 2 .   ? -5.06206  -18.68609 18.04329  1.000 44.16429 ? 520 HOH A O   1 
HETATM 1273 O O   . HOH B 2 .   ? -4.91582  6.56386   -15.70078 1.000 35.38482 ? 521 HOH A O   1 
HETATM 1274 O O   . HOH B 2 .   ? 1.28378   1.12976   1.62887   1.000 34.06104 ? 522 HOH A O   1 
HETATM 1275 O O   . HOH B 2 .   ? -11.39487 -20.67789 17.35180  1.000 52.76540 ? 523 HOH A O   1 
HETATM 1276 O O   . HOH B 2 .   ? 11.68693  10.56610  -2.51344  1.000 41.21738 ? 524 HOH A O   1 
HETATM 1277 O O   . HOH B 2 .   ? 9.35903   -11.26116 14.46805  1.000 53.79198 ? 525 HOH A O   1 
HETATM 1278 O O   . HOH B 2 .   ? 1.76349   10.45550  -15.98170 1.000 43.00205 ? 526 HOH A O   1 
HETATM 1279 O O   . HOH B 2 .   ? 14.52630  15.23602  -5.63726  1.000 43.28322 ? 527 HOH A O   1 
HETATM 1280 O O   . HOH B 2 .   ? 4.71107   -15.23629 -0.47236  1.000 52.22873 ? 528 HOH A O   1 
HETATM 1281 O O   . HOH B 2 .   ? 19.87307  23.41245  -17.56986 1.000 52.44706 ? 529 HOH A O   1 
HETATM 1282 O O   . HOH B 2 .   ? 14.24630  22.96423  -11.67365 1.000 53.35236 ? 530 HOH A O   1 
HETATM 1283 O O   . HOH B 2 .   ? 24.57644  17.52190  -13.92063 1.000 45.75375 ? 531 HOH A O   1 
HETATM 1284 O O   . HOH B 2 .   ? -1.66262  -15.95487 -1.47389  1.000 57.39276 ? 532 HOH A O   1 
HETATM 1285 O O   . HOH B 2 .   ? 3.61958   4.81911   -20.05713 1.000 49.45175 ? 533 HOH A O   1 
HETATM 1286 O O   . HOH B 2 .   ? 12.00220  13.12510  -1.89469  1.000 54.13469 ? 534 HOH A O   1 
HETATM 1287 O O   . HOH B 2 .   ? -9.08298  15.11710  -7.98614  1.000 39.90027 ? 535 HOH A O   1 
HETATM 1288 O O   . HOH B 2 .   ? -10.67252 -8.88866  -4.49253  1.000 45.30594 ? 536 HOH A O   1 
# 
loop_
_pdbx_poly_seq_scheme.asym_id 
_pdbx_poly_seq_scheme.entity_id 
_pdbx_poly_seq_scheme.seq_id 
_pdbx_poly_seq_scheme.mon_id 
_pdbx_poly_seq_scheme.ndb_seq_num 
_pdbx_poly_seq_scheme.pdb_seq_num 
_pdbx_poly_seq_scheme.auth_seq_num 
_pdbx_poly_seq_scheme.pdb_mon_id 
_pdbx_poly_seq_scheme.auth_mon_id 
_pdbx_poly_seq_scheme.pdb_strand_id 
_pdbx_poly_seq_scheme.pdb_ins_code 
_pdbx_poly_seq_scheme.hetero 
A 1 1   GLY 1   259 ?   ?   ?   A . n 
A 1 2   SER 2   260 ?   ?   ?   A . n 
A 1 3   THR 3   261 ?   ?   ?   A . n 
A 1 4   GLY 4   262 ?   ?   ?   A . n 
A 1 5   SER 5   263 ?   ?   ?   A . n 
A 1 6   ASP 6   264 ?   ?   ?   A . n 
A 1 7   ASN 7   265 ?   ?   ?   A . n 
A 1 8   GLN 8   266 ?   ?   ?   A . n 
A 1 9   TYR 9   267 ?   ?   ?   A . n 
A 1 10  LYS 10  268 ?   ?   ?   A . n 
A 1 11  PHE 11  269 269 PHE PHE A . n 
A 1 12  LYS 12  270 270 LYS LYS A . n 
A 1 13  LEU 13  271 271 LEU LEU A . n 
A 1 14  LYS 14  272 272 LYS LYS A . n 
A 1 15  ASN 15  273 273 ASN ASN A . n 
A 1 16  ILE 16  274 274 ILE ILE A . n 
A 1 17  THR 17  275 275 THR THR A . n 
A 1 18  ASP 18  276 276 ASP ASP A . n 
A 1 19  SER 19  277 277 SER SER A . n 
A 1 20  VAL 20  278 278 VAL VAL A . n 
A 1 21  GLU 21  279 279 GLU GLU A . n 
A 1 22  GLN 22  280 280 GLN GLN A . n 
A 1 23  ALA 23  281 281 ALA ALA A . n 
A 1 24  LEU 24  282 282 LEU LEU A . n 
A 1 25  LYS 25  283 283 LYS LYS A . n 
A 1 26  ILE 26  284 284 ILE ILE A . n 
A 1 27  ALA 27  285 285 ALA ALA A . n 
A 1 28  LYS 28  286 286 LYS LYS A . n 
A 1 29  GLN 29  287 287 GLN GLN A . n 
A 1 30  ILE 30  288 288 ILE ILE A . n 
A 1 31  LYS 31  289 289 LYS LYS A . n 
A 1 32  ASP 32  290 290 ASP ASP A . n 
A 1 33  ASP 33  291 291 ASP ASP A . n 
A 1 34  LEU 34  292 292 LEU LEU A . n 
A 1 35  ASP 35  293 293 ASP ASP A . n 
A 1 36  ILE 36  294 294 ILE ILE A . n 
A 1 37  ILE 37  295 295 ILE ILE A . n 
A 1 38  GLU 38  296 296 GLU GLU A . n 
A 1 39  PHE 39  297 297 PHE PHE A . n 
A 1 40  HIS 40  298 298 HIS HIS A . n 
A 1 41  ARG 41  299 299 ARG ARG A . n 
A 1 42  ILE 42  300 300 ILE ILE A . n 
A 1 43  LYS 43  301 301 LYS LYS A . n 
A 1 44  LEU 44  302 302 LEU LEU A . n 
A 1 45  SER 45  303 303 SER SER A . n 
A 1 46  ASN 46  304 304 ASN ASN A . n 
A 1 47  HIS 47  305 305 HIS HIS A . n 
A 1 48  TYR 48  306 306 TYR TYR A . n 
A 1 49  GLY 49  307 307 GLY GLY A . n 
A 1 50  ILE 50  308 308 ILE ILE A . n 
A 1 51  ARG 51  309 309 ARG ARG A . n 
A 1 52  ALA 52  310 310 ALA ALA A . n 
A 1 53  GLU 53  311 311 GLU GLU A . n 
A 1 54  GLU 54  312 312 GLU GLU A . n 
A 1 55  HIS 55  313 313 HIS HIS A . n 
A 1 56  GLU 56  314 314 GLU GLU A . n 
A 1 57  LYS 57  315 315 LYS LYS A . n 
A 1 58  GLN 58  316 316 GLN GLN A . n 
A 1 59  THR 59  317 317 THR THR A . n 
A 1 60  ALA 60  318 318 ALA ALA A . n 
A 1 61  ARG 61  319 319 ARG ARG A . n 
A 1 62  GLU 62  320 320 GLU GLU A . n 
A 1 63  GLU 63  321 321 GLU GLU A . n 
A 1 64  LEU 64  322 322 LEU LEU A . n 
A 1 65  SER 65  323 323 SER SER A . n 
A 1 66  LYS 66  324 324 LYS LYS A . n 
A 1 67  PHE 67  325 325 PHE PHE A . n 
A 1 68  SER 68  326 326 SER SER A . n 
A 1 69  LYS 69  327 327 LYS LYS A . n 
A 1 70  ASP 70  328 328 ASP ASP A . n 
A 1 71  LYS 71  329 329 LYS LYS A . n 
A 1 72  LEU 72  330 330 LEU LEU A . n 
A 1 73  GLU 73  331 331 GLU GLU A . n 
A 1 74  ALA 74  332 332 ALA ALA A . n 
A 1 75  ASP 75  333 333 ASP ASP A . n 
A 1 76  LEU 76  334 334 LEU LEU A . n 
A 1 77  LYS 77  335 335 LYS LYS A . n 
A 1 78  LYS 78  336 336 LYS LYS A . n 
A 1 79  LEU 79  337 337 LEU LEU A . n 
A 1 80  LEU 80  338 338 LEU LEU A . n 
A 1 81  SER 81  339 339 SER SER A . n 
A 1 82  GLU 82  340 340 GLU GLU A . n 
A 1 83  ILE 83  341 341 ILE ILE A . n 
A 1 84  GLU 84  342 342 GLU GLU A . n 
A 1 85  LYS 85  343 343 LYS LYS A . n 
A 1 86  SER 86  344 344 SER SER A . n 
A 1 87  LEU 87  345 345 LEU LEU A . n 
A 1 88  ASN 88  346 346 ASN ASN A . n 
A 1 89  ALA 89  347 347 ALA ALA A . n 
A 1 90  ALA 90  348 348 ALA ALA A . n 
A 1 91  THR 91  349 349 THR THR A . n 
A 1 92  ILE 92  350 350 ILE ILE A . n 
A 1 93  LEU 93  351 351 LEU LEU A . n 
A 1 94  ILE 94  352 352 ILE ILE A . n 
A 1 95  THR 95  353 353 THR THR A . n 
A 1 96  TYR 96  354 354 TYR TYR A . n 
A 1 97  ASN 97  355 ?   ?   ?   A . n 
A 1 98  ASP 98  356 356 ASP ASP A . n 
A 1 99  TYR 99  357 357 TYR TYR A . n 
A 1 100 GLY 100 358 358 GLY GLY A . n 
A 1 101 GLY 101 359 359 GLY GLY A . n 
A 1 102 ASN 102 360 360 ASN ASN A . n 
A 1 103 LEU 103 361 361 LEU LEU A . n 
A 1 104 GLN 104 362 362 GLN GLN A . n 
A 1 105 SER 105 363 363 SER SER A . n 
A 1 106 ASP 106 364 364 ASP ASP A . n 
A 1 107 LEU 107 365 365 LEU LEU A . n 
A 1 108 SER 108 366 366 SER SER A . n 
A 1 109 ALA 109 367 367 ALA ALA A . n 
A 1 110 LYS 110 368 368 LYS LYS A . n 
A 1 111 THR 111 369 369 THR THR A . n 
A 1 112 THR 112 370 370 THR THR A . n 
A 1 113 LEU 113 371 371 LEU LEU A . n 
A 1 114 GLU 114 372 372 GLU GLU A . n 
A 1 115 ALA 115 373 373 ALA ALA A . n 
A 1 116 LEU 116 374 374 LEU LEU A . n 
A 1 117 LYS 117 375 375 LYS LYS A . n 
A 1 118 THR 118 376 376 THR THR A . n 
A 1 119 GLU 119 377 377 GLU GLU A . n 
A 1 120 VAL 120 378 378 VAL VAL A . n 
A 1 121 SER 121 379 379 SER SER A . n 
A 1 122 SER 122 380 380 SER SER A . n 
A 1 123 LEU 123 381 381 LEU LEU A . n 
A 1 124 ILE 124 382 382 ILE ILE A . n 
A 1 125 THR 125 383 383 THR THR A . n 
A 1 126 LYS 126 384 384 LYS LYS A . n 
A 1 127 ILE 127 385 385 ILE ILE A . n 
A 1 128 GLN 128 386 386 GLN GLN A . n 
A 1 129 ASP 129 387 387 ASP ASP A . n 
A 1 130 PHE 130 388 388 PHE PHE A . n 
A 1 131 ASN 131 389 389 ASN ASN A . n 
A 1 132 ASN 132 390 390 ASN ASN A . n 
A 1 133 LYS 133 391 391 LYS LYS A . n 
A 1 134 ASP 134 392 392 ASP ASP A . n 
A 1 135 HIS 135 393 393 HIS HIS A . n 
A 1 136 GLN 136 394 394 GLN GLN A . n 
A 1 137 ALA 137 395 395 ALA ALA A . n 
A 1 138 TYR 138 396 396 TYR TYR A . n 
A 1 139 PRO 139 397 397 PRO PRO A . n 
A 1 140 THR 140 398 398 THR THR A . n 
A 1 141 SER 141 399 399 SER SER A . n 
A 1 142 TYR 142 400 400 TYR TYR A . n 
A 1 143 TYR 143 401 ?   ?   ?   A . n 
A 1 144 ASN 144 402 ?   ?   ?   A . n 
A 1 145 ASP 145 403 ?   ?   ?   A . n 
A 1 146 TYR 146 404 404 TYR TYR A . n 
A 1 147 GLN 147 405 405 GLN GLN A . n 
A 1 148 THR 148 406 406 THR THR A . n 
A 1 149 TYR 149 407 407 TYR TYR A . n 
A 1 150 GLN 150 408 408 GLN GLN A . n 
A 1 151 ALA 151 409 409 ALA ALA A . n 
A 1 152 LEU 152 410 410 LEU LEU A . n 
A 1 153 ARG 153 411 411 ARG ARG A . n 
A 1 154 ASN 154 412 412 ASN ASN A . n 
A 1 155 PRO 155 413 413 PRO PRO A . n 
A 1 156 TYR 156 414 414 TYR TYR A . n 
A 1 157 SER 157 415 415 SER SER A . n 
A 1 158 LYS 158 416 416 LYS LYS A . n 
A 1 159 LEU 159 417 417 LEU LEU A . n 
A 1 160 THR 160 418 418 THR THR A . n 
A 1 161 LEU 161 419 419 LEU LEU A . n 
A 1 162 VAL 162 420 420 VAL VAL A . n 
A 1 163 LYS 163 421 421 LYS LYS A . n 
A 1 164 ASP 164 422 422 ASP ASP A . n 
A 1 165 LEU 165 423 423 LEU LEU A . n 
A 1 166 LEU 166 424 424 LEU LEU A . n 
A 1 167 THR 167 425 425 THR THR A . n 
A 1 168 ARG 168 426 426 ARG ARG A . n 
A 1 169 THR 169 427 ?   ?   ?   A . n 
# 
loop_
_pdbx_nonpoly_scheme.asym_id 
_pdbx_nonpoly_scheme.entity_id 
_pdbx_nonpoly_scheme.mon_id 
_pdbx_nonpoly_scheme.ndb_seq_num 
_pdbx_nonpoly_scheme.pdb_seq_num 
_pdbx_nonpoly_scheme.auth_seq_num 
_pdbx_nonpoly_scheme.pdb_mon_id 
_pdbx_nonpoly_scheme.auth_mon_id 
_pdbx_nonpoly_scheme.pdb_strand_id 
_pdbx_nonpoly_scheme.pdb_ins_code 
B 2 HOH 1  501 28 HOH HOH A . 
B 2 HOH 2  502 4  HOH HOH A . 
B 2 HOH 3  503 1  HOH HOH A . 
B 2 HOH 4  504 26 HOH HOH A . 
B 2 HOH 5  505 36 HOH HOH A . 
B 2 HOH 6  506 7  HOH HOH A . 
B 2 HOH 7  507 13 HOH HOH A . 
B 2 HOH 8  508 2  HOH HOH A . 
B 2 HOH 9  509 20 HOH HOH A . 
B 2 HOH 10 510 11 HOH HOH A . 
B 2 HOH 11 511 29 HOH HOH A . 
B 2 HOH 12 512 12 HOH HOH A . 
B 2 HOH 13 513 35 HOH HOH A . 
B 2 HOH 14 514 23 HOH HOH A . 
B 2 HOH 15 515 6  HOH HOH A . 
B 2 HOH 16 516 15 HOH HOH A . 
B 2 HOH 17 517 33 HOH HOH A . 
B 2 HOH 18 518 25 HOH HOH A . 
B 2 HOH 19 519 9  HOH HOH A . 
B 2 HOH 20 520 39 HOH HOH A . 
B 2 HOH 21 521 3  HOH HOH A . 
B 2 HOH 22 522 5  HOH HOH A . 
B 2 HOH 23 523 8  HOH HOH A . 
B 2 HOH 24 524 14 HOH HOH A . 
B 2 HOH 25 525 38 HOH HOH A . 
B 2 HOH 26 526 16 HOH HOH A . 
B 2 HOH 27 527 22 HOH HOH A . 
B 2 HOH 28 528 21 HOH HOH A . 
B 2 HOH 29 529 17 HOH HOH A . 
B 2 HOH 30 530 27 HOH HOH A . 
B 2 HOH 31 531 32 HOH HOH A . 
B 2 HOH 32 532 40 HOH HOH A . 
B 2 HOH 33 533 31 HOH HOH A . 
B 2 HOH 34 534 44 HOH HOH A . 
B 2 HOH 35 535 18 HOH HOH A . 
B 2 HOH 36 536 24 HOH HOH A . 
# 
_pdbx_struct_assembly.id                   1 
_pdbx_struct_assembly.details              author_and_software_defined_assembly 
_pdbx_struct_assembly.method_details       PISA 
_pdbx_struct_assembly.oligomeric_details   monomeric 
_pdbx_struct_assembly.oligomeric_count     1 
# 
_pdbx_struct_assembly_gen.assembly_id       1 
_pdbx_struct_assembly_gen.oper_expression   1 
_pdbx_struct_assembly_gen.asym_id_list      A,B 
# 
_pdbx_struct_oper_list.id                   1 
_pdbx_struct_oper_list.type                 'identity operation' 
_pdbx_struct_oper_list.name                 1_555 
_pdbx_struct_oper_list.symmetry_operation   x,y,z 
_pdbx_struct_oper_list.matrix[1][1]         1.0000000000 
_pdbx_struct_oper_list.matrix[1][2]         0.0000000000 
_pdbx_struct_oper_list.matrix[1][3]         0.0000000000 
_pdbx_struct_oper_list.vector[1]            0.0000000000 
_pdbx_struct_oper_list.matrix[2][1]         0.0000000000 
_pdbx_struct_oper_list.matrix[2][2]         1.0000000000 
_pdbx_struct_oper_list.matrix[2][3]         0.0000000000 
_pdbx_struct_oper_list.vector[2]            0.0000000000 
_pdbx_struct_oper_list.matrix[3][1]         0.0000000000 
_pdbx_struct_oper_list.matrix[3][2]         0.0000000000 
_pdbx_struct_oper_list.matrix[3][3]         1.0000000000 
_pdbx_struct_oper_list.vector[3]            0.0000000000 
# 
loop_
_pdbx_audit_revision_history.ordinal 
_pdbx_audit_revision_history.data_content_type 
_pdbx_audit_revision_history.major_revision 
_pdbx_audit_revision_history.minor_revision 
_pdbx_audit_revision_history.revision_date 
1 'Structure model' 1 0 2022-04-27 
2 'Structure model' 1 1 2022-06-29 
3 'Structure model' 1 2 2023-10-18 
# 
_pdbx_audit_revision_details.ordinal             1 
_pdbx_audit_revision_details.revision_ordinal    1 
_pdbx_audit_revision_details.data_content_type   'Structure model' 
_pdbx_audit_revision_details.provider            repository 
_pdbx_audit_revision_details.type                'Initial release' 
_pdbx_audit_revision_details.description         ? 
_pdbx_audit_revision_details.details             ? 
# 
loop_
_pdbx_audit_revision_group.ordinal 
_pdbx_audit_revision_group.revision_ordinal 
_pdbx_audit_revision_group.data_content_type 
_pdbx_audit_revision_group.group 
1 2 'Structure model' 'Database references'    
2 3 'Structure model' 'Data collection'        
3 3 'Structure model' 'Refinement description' 
# 
loop_
_pdbx_audit_revision_category.ordinal 
_pdbx_audit_revision_category.revision_ordinal 
_pdbx_audit_revision_category.data_content_type 
_pdbx_audit_revision_category.category 
1 2 'Structure model' citation                      
2 2 'Structure model' citation_author               
3 3 'Structure model' chem_comp_atom                
4 3 'Structure model' chem_comp_bond                
5 3 'Structure model' pdbx_initial_refinement_model 
# 
loop_
_pdbx_audit_revision_item.ordinal 
_pdbx_audit_revision_item.revision_ordinal 
_pdbx_audit_revision_item.data_content_type 
_pdbx_audit_revision_item.item 
1 2 'Structure model' '_citation.journal_volume'          
2 2 'Structure model' '_citation.page_first'              
3 2 'Structure model' '_citation.page_last'               
4 2 'Structure model' '_citation.pdbx_database_id_DOI'    
5 2 'Structure model' '_citation.pdbx_database_id_PubMed' 
6 2 'Structure model' '_citation.title'                   
7 2 'Structure model' '_citation_author.identifier_ORCID' 
8 2 'Structure model' '_citation_author.name'             
# 
loop_
_space_group_symop.id 
_space_group_symop.operation_xyz 
1 x,y,z           
2 -x,y,-z         
3 x+1/2,y+1/2,z   
4 -x+1/2,y+1/2,-z 
# 
loop_
_software.citation_id 
_software.classification 
_software.compiler_name 
_software.compiler_version 
_software.contact_author 
_software.contact_author_email 
_software.date 
_software.description 
_software.dependencies 
_software.hardware 
_software.language 
_software.location 
_software.mods 
_software.name 
_software.os 
_software.os_version 
_software.type 
_software.version 
_software.pdbx_ordinal 
? refinement       ? ? ? ? ? ? ? ? ? ? ? PHENIX   ? ? ? 1.18.2_3874 1 
? 'data reduction' ? ? ? ? ? ? ? ? ? ? ? HKL-2000 ? ? ? .           2 
? 'data scaling'   ? ? ? ? ? ? ? ? ? ? ? HKL-2000 ? ? ? .           3 
? phasing          ? ? ? ? ? ? ? ? ? ? ? PHENIX   ? ? ? 1.18.2_3874 4 
# 
loop_
_pdbx_unobs_or_zero_occ_residues.id 
_pdbx_unobs_or_zero_occ_residues.PDB_model_num 
_pdbx_unobs_or_zero_occ_residues.polymer_flag 
_pdbx_unobs_or_zero_occ_residues.occupancy_flag 
_pdbx_unobs_or_zero_occ_residues.auth_asym_id 
_pdbx_unobs_or_zero_occ_residues.auth_comp_id 
_pdbx_unobs_or_zero_occ_residues.auth_seq_id 
_pdbx_unobs_or_zero_occ_residues.PDB_ins_code 
_pdbx_unobs_or_zero_occ_residues.label_asym_id 
_pdbx_unobs_or_zero_occ_residues.label_comp_id 
_pdbx_unobs_or_zero_occ_residues.label_seq_id 
1  1 Y 1 A GLY 259 ? A GLY 1   
2  1 Y 1 A SER 260 ? A SER 2   
3  1 Y 1 A THR 261 ? A THR 3   
4  1 Y 1 A GLY 262 ? A GLY 4   
5  1 Y 1 A SER 263 ? A SER 5   
6  1 Y 1 A ASP 264 ? A ASP 6   
7  1 Y 1 A ASN 265 ? A ASN 7   
8  1 Y 1 A GLN 266 ? A GLN 8   
9  1 Y 1 A TYR 267 ? A TYR 9   
10 1 Y 1 A LYS 268 ? A LYS 10  
11 1 Y 1 A ASN 355 ? A ASN 97  
12 1 Y 1 A TYR 401 ? A TYR 143 
13 1 Y 1 A ASN 402 ? A ASN 144 
14 1 Y 1 A ASP 403 ? A ASP 145 
15 1 Y 1 A THR 427 ? A THR 169 
# 
loop_
_chem_comp_atom.comp_id 
_chem_comp_atom.atom_id 
_chem_comp_atom.type_symbol 
_chem_comp_atom.pdbx_aromatic_flag 
_chem_comp_atom.pdbx_stereo_config 
_chem_comp_atom.pdbx_ordinal 
ALA N    N N N 1   
ALA CA   C N S 2   
ALA C    C N N 3   
ALA O    O N N 4   
ALA CB   C N N 5   
ALA OXT  O N N 6   
ALA H    H N N 7   
ALA H2   H N N 8   
ALA HA   H N N 9   
ALA HB1  H N N 10  
ALA HB2  H N N 11  
ALA HB3  H N N 12  
ALA HXT  H N N 13  
ARG N    N N N 14  
ARG CA   C N S 15  
ARG C    C N N 16  
ARG O    O N N 17  
ARG CB   C N N 18  
ARG CG   C N N 19  
ARG CD   C N N 20  
ARG NE   N N N 21  
ARG CZ   C N N 22  
ARG NH1  N N N 23  
ARG NH2  N N N 24  
ARG OXT  O N N 25  
ARG H    H N N 26  
ARG H2   H N N 27  
ARG HA   H N N 28  
ARG HB2  H N N 29  
ARG HB3  H N N 30  
ARG HG2  H N N 31  
ARG HG3  H N N 32  
ARG HD2  H N N 33  
ARG HD3  H N N 34  
ARG HE   H N N 35  
ARG HH11 H N N 36  
ARG HH12 H N N 37  
ARG HH21 H N N 38  
ARG HH22 H N N 39  
ARG HXT  H N N 40  
ASN N    N N N 41  
ASN CA   C N S 42  
ASN C    C N N 43  
ASN O    O N N 44  
ASN CB   C N N 45  
ASN CG   C N N 46  
ASN OD1  O N N 47  
ASN ND2  N N N 48  
ASN OXT  O N N 49  
ASN H    H N N 50  
ASN H2   H N N 51  
ASN HA   H N N 52  
ASN HB2  H N N 53  
ASN HB3  H N N 54  
ASN HD21 H N N 55  
ASN HD22 H N N 56  
ASN HXT  H N N 57  
ASP N    N N N 58  
ASP CA   C N S 59  
ASP C    C N N 60  
ASP O    O N N 61  
ASP CB   C N N 62  
ASP CG   C N N 63  
ASP OD1  O N N 64  
ASP OD2  O N N 65  
ASP OXT  O N N 66  
ASP H    H N N 67  
ASP H2   H N N 68  
ASP HA   H N N 69  
ASP HB2  H N N 70  
ASP HB3  H N N 71  
ASP HD2  H N N 72  
ASP HXT  H N N 73  
GLN N    N N N 74  
GLN CA   C N S 75  
GLN C    C N N 76  
GLN O    O N N 77  
GLN CB   C N N 78  
GLN CG   C N N 79  
GLN CD   C N N 80  
GLN OE1  O N N 81  
GLN NE2  N N N 82  
GLN OXT  O N N 83  
GLN H    H N N 84  
GLN H2   H N N 85  
GLN HA   H N N 86  
GLN HB2  H N N 87  
GLN HB3  H N N 88  
GLN HG2  H N N 89  
GLN HG3  H N N 90  
GLN HE21 H N N 91  
GLN HE22 H N N 92  
GLN HXT  H N N 93  
GLU N    N N N 94  
GLU CA   C N S 95  
GLU C    C N N 96  
GLU O    O N N 97  
GLU CB   C N N 98  
GLU CG   C N N 99  
GLU CD   C N N 100 
GLU OE1  O N N 101 
GLU OE2  O N N 102 
GLU OXT  O N N 103 
GLU H    H N N 104 
GLU H2   H N N 105 
GLU HA   H N N 106 
GLU HB2  H N N 107 
GLU HB3  H N N 108 
GLU HG2  H N N 109 
GLU HG3  H N N 110 
GLU HE2  H N N 111 
GLU HXT  H N N 112 
GLY N    N N N 113 
GLY CA   C N N 114 
GLY C    C N N 115 
GLY O    O N N 116 
GLY OXT  O N N 117 
GLY H    H N N 118 
GLY H2   H N N 119 
GLY HA2  H N N 120 
GLY HA3  H N N 121 
GLY HXT  H N N 122 
HIS N    N N N 123 
HIS CA   C N S 124 
HIS C    C N N 125 
HIS O    O N N 126 
HIS CB   C N N 127 
HIS CG   C Y N 128 
HIS ND1  N Y N 129 
HIS CD2  C Y N 130 
HIS CE1  C Y N 131 
HIS NE2  N Y N 132 
HIS OXT  O N N 133 
HIS H    H N N 134 
HIS H2   H N N 135 
HIS HA   H N N 136 
HIS HB2  H N N 137 
HIS HB3  H N N 138 
HIS HD1  H N N 139 
HIS HD2  H N N 140 
HIS HE1  H N N 141 
HIS HE2  H N N 142 
HIS HXT  H N N 143 
HOH O    O N N 144 
HOH H1   H N N 145 
HOH H2   H N N 146 
ILE N    N N N 147 
ILE CA   C N S 148 
ILE C    C N N 149 
ILE O    O N N 150 
ILE CB   C N S 151 
ILE CG1  C N N 152 
ILE CG2  C N N 153 
ILE CD1  C N N 154 
ILE OXT  O N N 155 
ILE H    H N N 156 
ILE H2   H N N 157 
ILE HA   H N N 158 
ILE HB   H N N 159 
ILE HG12 H N N 160 
ILE HG13 H N N 161 
ILE HG21 H N N 162 
ILE HG22 H N N 163 
ILE HG23 H N N 164 
ILE HD11 H N N 165 
ILE HD12 H N N 166 
ILE HD13 H N N 167 
ILE HXT  H N N 168 
LEU N    N N N 169 
LEU CA   C N S 170 
LEU C    C N N 171 
LEU O    O N N 172 
LEU CB   C N N 173 
LEU CG   C N N 174 
LEU CD1  C N N 175 
LEU CD2  C N N 176 
LEU OXT  O N N 177 
LEU H    H N N 178 
LEU H2   H N N 179 
LEU HA   H N N 180 
LEU HB2  H N N 181 
LEU HB3  H N N 182 
LEU HG   H N N 183 
LEU HD11 H N N 184 
LEU HD12 H N N 185 
LEU HD13 H N N 186 
LEU HD21 H N N 187 
LEU HD22 H N N 188 
LEU HD23 H N N 189 
LEU HXT  H N N 190 
LYS N    N N N 191 
LYS CA   C N S 192 
LYS C    C N N 193 
LYS O    O N N 194 
LYS CB   C N N 195 
LYS CG   C N N 196 
LYS CD   C N N 197 
LYS CE   C N N 198 
LYS NZ   N N N 199 
LYS OXT  O N N 200 
LYS H    H N N 201 
LYS H2   H N N 202 
LYS HA   H N N 203 
LYS HB2  H N N 204 
LYS HB3  H N N 205 
LYS HG2  H N N 206 
LYS HG3  H N N 207 
LYS HD2  H N N 208 
LYS HD3  H N N 209 
LYS HE2  H N N 210 
LYS HE3  H N N 211 
LYS HZ1  H N N 212 
LYS HZ2  H N N 213 
LYS HZ3  H N N 214 
LYS HXT  H N N 215 
PHE N    N N N 216 
PHE CA   C N S 217 
PHE C    C N N 218 
PHE O    O N N 219 
PHE CB   C N N 220 
PHE CG   C Y N 221 
PHE CD1  C Y N 222 
PHE CD2  C Y N 223 
PHE CE1  C Y N 224 
PHE CE2  C Y N 225 
PHE CZ   C Y N 226 
PHE OXT  O N N 227 
PHE H    H N N 228 
PHE H2   H N N 229 
PHE HA   H N N 230 
PHE HB2  H N N 231 
PHE HB3  H N N 232 
PHE HD1  H N N 233 
PHE HD2  H N N 234 
PHE HE1  H N N 235 
PHE HE2  H N N 236 
PHE HZ   H N N 237 
PHE HXT  H N N 238 
PRO N    N N N 239 
PRO CA   C N S 240 
PRO C    C N N 241 
PRO O    O N N 242 
PRO CB   C N N 243 
PRO CG   C N N 244 
PRO CD   C N N 245 
PRO OXT  O N N 246 
PRO H    H N N 247 
PRO HA   H N N 248 
PRO HB2  H N N 249 
PRO HB3  H N N 250 
PRO HG2  H N N 251 
PRO HG3  H N N 252 
PRO HD2  H N N 253 
PRO HD3  H N N 254 
PRO HXT  H N N 255 
SER N    N N N 256 
SER CA   C N S 257 
SER C    C N N 258 
SER O    O N N 259 
SER CB   C N N 260 
SER OG   O N N 261 
SER OXT  O N N 262 
SER H    H N N 263 
SER H2   H N N 264 
SER HA   H N N 265 
SER HB2  H N N 266 
SER HB3  H N N 267 
SER HG   H N N 268 
SER HXT  H N N 269 
THR N    N N N 270 
THR CA   C N S 271 
THR C    C N N 272 
THR O    O N N 273 
THR CB   C N R 274 
THR OG1  O N N 275 
THR CG2  C N N 276 
THR OXT  O N N 277 
THR H    H N N 278 
THR H2   H N N 279 
THR HA   H N N 280 
THR HB   H N N 281 
THR HG1  H N N 282 
THR HG21 H N N 283 
THR HG22 H N N 284 
THR HG23 H N N 285 
THR HXT  H N N 286 
TYR N    N N N 287 
TYR CA   C N S 288 
TYR C    C N N 289 
TYR O    O N N 290 
TYR CB   C N N 291 
TYR CG   C Y N 292 
TYR CD1  C Y N 293 
TYR CD2  C Y N 294 
TYR CE1  C Y N 295 
TYR CE2  C Y N 296 
TYR CZ   C Y N 297 
TYR OH   O N N 298 
TYR OXT  O N N 299 
TYR H    H N N 300 
TYR H2   H N N 301 
TYR HA   H N N 302 
TYR HB2  H N N 303 
TYR HB3  H N N 304 
TYR HD1  H N N 305 
TYR HD2  H N N 306 
TYR HE1  H N N 307 
TYR HE2  H N N 308 
TYR HH   H N N 309 
TYR HXT  H N N 310 
VAL N    N N N 311 
VAL CA   C N S 312 
VAL C    C N N 313 
VAL O    O N N 314 
VAL CB   C N N 315 
VAL CG1  C N N 316 
VAL CG2  C N N 317 
VAL OXT  O N N 318 
VAL H    H N N 319 
VAL H2   H N N 320 
VAL HA   H N N 321 
VAL HB   H N N 322 
VAL HG11 H N N 323 
VAL HG12 H N N 324 
VAL HG13 H N N 325 
VAL HG21 H N N 326 
VAL HG22 H N N 327 
VAL HG23 H N N 328 
VAL HXT  H N N 329 
# 
loop_
_chem_comp_bond.comp_id 
_chem_comp_bond.atom_id_1 
_chem_comp_bond.atom_id_2 
_chem_comp_bond.value_order 
_chem_comp_bond.pdbx_aromatic_flag 
_chem_comp_bond.pdbx_stereo_config 
_chem_comp_bond.pdbx_ordinal 
ALA N   CA   sing N N 1   
ALA N   H    sing N N 2   
ALA N   H2   sing N N 3   
ALA CA  C    sing N N 4   
ALA CA  CB   sing N N 5   
ALA CA  HA   sing N N 6   
ALA C   O    doub N N 7   
ALA C   OXT  sing N N 8   
ALA CB  HB1  sing N N 9   
ALA CB  HB2  sing N N 10  
ALA CB  HB3  sing N N 11  
ALA OXT HXT  sing N N 12  
ARG N   CA   sing N N 13  
ARG N   H    sing N N 14  
ARG N   H2   sing N N 15  
ARG CA  C    sing N N 16  
ARG CA  CB   sing N N 17  
ARG CA  HA   sing N N 18  
ARG C   O    doub N N 19  
ARG C   OXT  sing N N 20  
ARG CB  CG   sing N N 21  
ARG CB  HB2  sing N N 22  
ARG CB  HB3  sing N N 23  
ARG CG  CD   sing N N 24  
ARG CG  HG2  sing N N 25  
ARG CG  HG3  sing N N 26  
ARG CD  NE   sing N N 27  
ARG CD  HD2  sing N N 28  
ARG CD  HD3  sing N N 29  
ARG NE  CZ   sing N N 30  
ARG NE  HE   sing N N 31  
ARG CZ  NH1  sing N N 32  
ARG CZ  NH2  doub N N 33  
ARG NH1 HH11 sing N N 34  
ARG NH1 HH12 sing N N 35  
ARG NH2 HH21 sing N N 36  
ARG NH2 HH22 sing N N 37  
ARG OXT HXT  sing N N 38  
ASN N   CA   sing N N 39  
ASN N   H    sing N N 40  
ASN N   H2   sing N N 41  
ASN CA  C    sing N N 42  
ASN CA  CB   sing N N 43  
ASN CA  HA   sing N N 44  
ASN C   O    doub N N 45  
ASN C   OXT  sing N N 46  
ASN CB  CG   sing N N 47  
ASN CB  HB2  sing N N 48  
ASN CB  HB3  sing N N 49  
ASN CG  OD1  doub N N 50  
ASN CG  ND2  sing N N 51  
ASN ND2 HD21 sing N N 52  
ASN ND2 HD22 sing N N 53  
ASN OXT HXT  sing N N 54  
ASP N   CA   sing N N 55  
ASP N   H    sing N N 56  
ASP N   H2   sing N N 57  
ASP CA  C    sing N N 58  
ASP CA  CB   sing N N 59  
ASP CA  HA   sing N N 60  
ASP C   O    doub N N 61  
ASP C   OXT  sing N N 62  
ASP CB  CG   sing N N 63  
ASP CB  HB2  sing N N 64  
ASP CB  HB3  sing N N 65  
ASP CG  OD1  doub N N 66  
ASP CG  OD2  sing N N 67  
ASP OD2 HD2  sing N N 68  
ASP OXT HXT  sing N N 69  
GLN N   CA   sing N N 70  
GLN N   H    sing N N 71  
GLN N   H2   sing N N 72  
GLN CA  C    sing N N 73  
GLN CA  CB   sing N N 74  
GLN CA  HA   sing N N 75  
GLN C   O    doub N N 76  
GLN C   OXT  sing N N 77  
GLN CB  CG   sing N N 78  
GLN CB  HB2  sing N N 79  
GLN CB  HB3  sing N N 80  
GLN CG  CD   sing N N 81  
GLN CG  HG2  sing N N 82  
GLN CG  HG3  sing N N 83  
GLN CD  OE1  doub N N 84  
GLN CD  NE2  sing N N 85  
GLN NE2 HE21 sing N N 86  
GLN NE2 HE22 sing N N 87  
GLN OXT HXT  sing N N 88  
GLU N   CA   sing N N 89  
GLU N   H    sing N N 90  
GLU N   H2   sing N N 91  
GLU CA  C    sing N N 92  
GLU CA  CB   sing N N 93  
GLU CA  HA   sing N N 94  
GLU C   O    doub N N 95  
GLU C   OXT  sing N N 96  
GLU CB  CG   sing N N 97  
GLU CB  HB2  sing N N 98  
GLU CB  HB3  sing N N 99  
GLU CG  CD   sing N N 100 
GLU CG  HG2  sing N N 101 
GLU CG  HG3  sing N N 102 
GLU CD  OE1  doub N N 103 
GLU CD  OE2  sing N N 104 
GLU OE2 HE2  sing N N 105 
GLU OXT HXT  sing N N 106 
GLY N   CA   sing N N 107 
GLY N   H    sing N N 108 
GLY N   H2   sing N N 109 
GLY CA  C    sing N N 110 
GLY CA  HA2  sing N N 111 
GLY CA  HA3  sing N N 112 
GLY C   O    doub N N 113 
GLY C   OXT  sing N N 114 
GLY OXT HXT  sing N N 115 
HIS N   CA   sing N N 116 
HIS N   H    sing N N 117 
HIS N   H2   sing N N 118 
HIS CA  C    sing N N 119 
HIS CA  CB   sing N N 120 
HIS CA  HA   sing N N 121 
HIS C   O    doub N N 122 
HIS C   OXT  sing N N 123 
HIS CB  CG   sing N N 124 
HIS CB  HB2  sing N N 125 
HIS CB  HB3  sing N N 126 
HIS CG  ND1  sing Y N 127 
HIS CG  CD2  doub Y N 128 
HIS ND1 CE1  doub Y N 129 
HIS ND1 HD1  sing N N 130 
HIS CD2 NE2  sing Y N 131 
HIS CD2 HD2  sing N N 132 
HIS CE1 NE2  sing Y N 133 
HIS CE1 HE1  sing N N 134 
HIS NE2 HE2  sing N N 135 
HIS OXT HXT  sing N N 136 
HOH O   H1   sing N N 137 
HOH O   H2   sing N N 138 
ILE N   CA   sing N N 139 
ILE N   H    sing N N 140 
ILE N   H2   sing N N 141 
ILE CA  C    sing N N 142 
ILE CA  CB   sing N N 143 
ILE CA  HA   sing N N 144 
ILE C   O    doub N N 145 
ILE C   OXT  sing N N 146 
ILE CB  CG1  sing N N 147 
ILE CB  CG2  sing N N 148 
ILE CB  HB   sing N N 149 
ILE CG1 CD1  sing N N 150 
ILE CG1 HG12 sing N N 151 
ILE CG1 HG13 sing N N 152 
ILE CG2 HG21 sing N N 153 
ILE CG2 HG22 sing N N 154 
ILE CG2 HG23 sing N N 155 
ILE CD1 HD11 sing N N 156 
ILE CD1 HD12 sing N N 157 
ILE CD1 HD13 sing N N 158 
ILE OXT HXT  sing N N 159 
LEU N   CA   sing N N 160 
LEU N   H    sing N N 161 
LEU N   H2   sing N N 162 
LEU CA  C    sing N N 163 
LEU CA  CB   sing N N 164 
LEU CA  HA   sing N N 165 
LEU C   O    doub N N 166 
LEU C   OXT  sing N N 167 
LEU CB  CG   sing N N 168 
LEU CB  HB2  sing N N 169 
LEU CB  HB3  sing N N 170 
LEU CG  CD1  sing N N 171 
LEU CG  CD2  sing N N 172 
LEU CG  HG   sing N N 173 
LEU CD1 HD11 sing N N 174 
LEU CD1 HD12 sing N N 175 
LEU CD1 HD13 sing N N 176 
LEU CD2 HD21 sing N N 177 
LEU CD2 HD22 sing N N 178 
LEU CD2 HD23 sing N N 179 
LEU OXT HXT  sing N N 180 
LYS N   CA   sing N N 181 
LYS N   H    sing N N 182 
LYS N   H2   sing N N 183 
LYS CA  C    sing N N 184 
LYS CA  CB   sing N N 185 
LYS CA  HA   sing N N 186 
LYS C   O    doub N N 187 
LYS C   OXT  sing N N 188 
LYS CB  CG   sing N N 189 
LYS CB  HB2  sing N N 190 
LYS CB  HB3  sing N N 191 
LYS CG  CD   sing N N 192 
LYS CG  HG2  sing N N 193 
LYS CG  HG3  sing N N 194 
LYS CD  CE   sing N N 195 
LYS CD  HD2  sing N N 196 
LYS CD  HD3  sing N N 197 
LYS CE  NZ   sing N N 198 
LYS CE  HE2  sing N N 199 
LYS CE  HE3  sing N N 200 
LYS NZ  HZ1  sing N N 201 
LYS NZ  HZ2  sing N N 202 
LYS NZ  HZ3  sing N N 203 
LYS OXT HXT  sing N N 204 
PHE N   CA   sing N N 205 
PHE N   H    sing N N 206 
PHE N   H2   sing N N 207 
PHE CA  C    sing N N 208 
PHE CA  CB   sing N N 209 
PHE CA  HA   sing N N 210 
PHE C   O    doub N N 211 
PHE C   OXT  sing N N 212 
PHE CB  CG   sing N N 213 
PHE CB  HB2  sing N N 214 
PHE CB  HB3  sing N N 215 
PHE CG  CD1  doub Y N 216 
PHE CG  CD2  sing Y N 217 
PHE CD1 CE1  sing Y N 218 
PHE CD1 HD1  sing N N 219 
PHE CD2 CE2  doub Y N 220 
PHE CD2 HD2  sing N N 221 
PHE CE1 CZ   doub Y N 222 
PHE CE1 HE1  sing N N 223 
PHE CE2 CZ   sing Y N 224 
PHE CE2 HE2  sing N N 225 
PHE CZ  HZ   sing N N 226 
PHE OXT HXT  sing N N 227 
PRO N   CA   sing N N 228 
PRO N   CD   sing N N 229 
PRO N   H    sing N N 230 
PRO CA  C    sing N N 231 
PRO CA  CB   sing N N 232 
PRO CA  HA   sing N N 233 
PRO C   O    doub N N 234 
PRO C   OXT  sing N N 235 
PRO CB  CG   sing N N 236 
PRO CB  HB2  sing N N 237 
PRO CB  HB3  sing N N 238 
PRO CG  CD   sing N N 239 
PRO CG  HG2  sing N N 240 
PRO CG  HG3  sing N N 241 
PRO CD  HD2  sing N N 242 
PRO CD  HD3  sing N N 243 
PRO OXT HXT  sing N N 244 
SER N   CA   sing N N 245 
SER N   H    sing N N 246 
SER N   H2   sing N N 247 
SER CA  C    sing N N 248 
SER CA  CB   sing N N 249 
SER CA  HA   sing N N 250 
SER C   O    doub N N 251 
SER C   OXT  sing N N 252 
SER CB  OG   sing N N 253 
SER CB  HB2  sing N N 254 
SER CB  HB3  sing N N 255 
SER OG  HG   sing N N 256 
SER OXT HXT  sing N N 257 
THR N   CA   sing N N 258 
THR N   H    sing N N 259 
THR N   H2   sing N N 260 
THR CA  C    sing N N 261 
THR CA  CB   sing N N 262 
THR CA  HA   sing N N 263 
THR C   O    doub N N 264 
THR C   OXT  sing N N 265 
THR CB  OG1  sing N N 266 
THR CB  CG2  sing N N 267 
THR CB  HB   sing N N 268 
THR OG1 HG1  sing N N 269 
THR CG2 HG21 sing N N 270 
THR CG2 HG22 sing N N 271 
THR CG2 HG23 sing N N 272 
THR OXT HXT  sing N N 273 
TYR N   CA   sing N N 274 
TYR N   H    sing N N 275 
TYR N   H2   sing N N 276 
TYR CA  C    sing N N 277 
TYR CA  CB   sing N N 278 
TYR CA  HA   sing N N 279 
TYR C   O    doub N N 280 
TYR C   OXT  sing N N 281 
TYR CB  CG   sing N N 282 
TYR CB  HB2  sing N N 283 
TYR CB  HB3  sing N N 284 
TYR CG  CD1  doub Y N 285 
TYR CG  CD2  sing Y N 286 
TYR CD1 CE1  sing Y N 287 
TYR CD1 HD1  sing N N 288 
TYR CD2 CE2  doub Y N 289 
TYR CD2 HD2  sing N N 290 
TYR CE1 CZ   doub Y N 291 
TYR CE1 HE1  sing N N 292 
TYR CE2 CZ   sing Y N 293 
TYR CE2 HE2  sing N N 294 
TYR CZ  OH   sing N N 295 
TYR OH  HH   sing N N 296 
TYR OXT HXT  sing N N 297 
VAL N   CA   sing N N 298 
VAL N   H    sing N N 299 
VAL N   H2   sing N N 300 
VAL CA  C    sing N N 301 
VAL CA  CB   sing N N 302 
VAL CA  HA   sing N N 303 
VAL C   O    doub N N 304 
VAL C   OXT  sing N N 305 
VAL CB  CG1  sing N N 306 
VAL CB  CG2  sing N N 307 
VAL CB  HB   sing N N 308 
VAL CG1 HG11 sing N N 309 
VAL CG1 HG12 sing N N 310 
VAL CG1 HG13 sing N N 311 
VAL CG2 HG21 sing N N 312 
VAL CG2 HG22 sing N N 313 
VAL CG2 HG23 sing N N 314 
VAL OXT HXT  sing N N 315 
# 
_pdbx_audit_support.funding_organization   
'National Institutes of Health/National Institute Of Allergy and Infectious Diseases (NIH/NIAID)' 
_pdbx_audit_support.country                'United States' 
_pdbx_audit_support.grant_number           R01AI146930 
_pdbx_audit_support.ordinal                1 
# 
_pdbx_entity_nonpoly.entity_id   2 
_pdbx_entity_nonpoly.name        water 
_pdbx_entity_nonpoly.comp_id     HOH 
# 
_pdbx_initial_refinement_model.id               1 
_pdbx_initial_refinement_model.entity_id_list   ? 
_pdbx_initial_refinement_model.type             'experimental model' 
_pdbx_initial_refinement_model.source_name      PDB 
_pdbx_initial_refinement_model.accession_code   7RPR 
_pdbx_initial_refinement_model.details          ? 
# 
_pdbx_struct_assembly_auth_evidence.id                     1 
_pdbx_struct_assembly_auth_evidence.assembly_id            1 
_pdbx_struct_assembly_auth_evidence.experimental_support   none 
_pdbx_struct_assembly_auth_evidence.details                ? 
# 
_space_group.name_H-M_alt     'C 1 2 1' 
_space_group.name_Hall        'C 2y' 
_space_group.IT_number        5 
_space_group.crystal_system   monoclinic 
_space_group.id               1 
# 
